data_8XZW
# 
_entry.id   8XZW 
# 
_audit_conform.dict_name       mmcif_pdbx.dic 
_audit_conform.dict_version    5.395 
_audit_conform.dict_location   http://mmcif.pdb.org/dictionaries/ascii/mmcif_pdbx.dic 
# 
loop_
_database_2.database_id 
_database_2.database_code 
_database_2.pdbx_database_accession 
_database_2.pdbx_DOI 
PDB   8XZW         pdb_00008xzw 10.2210/pdb8xzw/pdb 
WWPDB D_1300044548 ?            ?                   
# 
loop_
_pdbx_audit_revision_history.ordinal 
_pdbx_audit_revision_history.data_content_type 
_pdbx_audit_revision_history.major_revision 
_pdbx_audit_revision_history.minor_revision 
_pdbx_audit_revision_history.revision_date 
1 'Structure model' 1 0 2024-07-24 
2 'Structure model' 1 1 2024-08-21 
# 
_pdbx_audit_revision_details.ordinal             1 
_pdbx_audit_revision_details.revision_ordinal    1 
_pdbx_audit_revision_details.data_content_type   'Structure model' 
_pdbx_audit_revision_details.provider            repository 
_pdbx_audit_revision_details.type                'Initial release' 
_pdbx_audit_revision_details.description         ? 
_pdbx_audit_revision_details.details             ? 
# 
_pdbx_audit_revision_group.ordinal             1 
_pdbx_audit_revision_group.revision_ordinal    2 
_pdbx_audit_revision_group.data_content_type   'Structure model' 
_pdbx_audit_revision_group.group               'Database references' 
# 
_pdbx_audit_revision_category.ordinal             1 
_pdbx_audit_revision_category.revision_ordinal    2 
_pdbx_audit_revision_category.data_content_type   'Structure model' 
_pdbx_audit_revision_category.category            citation 
# 
loop_
_pdbx_audit_revision_item.ordinal 
_pdbx_audit_revision_item.revision_ordinal 
_pdbx_audit_revision_item.data_content_type 
_pdbx_audit_revision_item.item 
1 2 'Structure model' '_citation.journal_volume' 
2 2 'Structure model' '_citation.page_first'     
3 2 'Structure model' '_citation.page_last'      
# 
_pdbx_database_status.status_code                     REL 
_pdbx_database_status.status_code_sf                  REL 
_pdbx_database_status.status_code_mr                  ? 
_pdbx_database_status.entry_id                        8XZW 
_pdbx_database_status.recvd_initial_deposition_date   2024-01-21 
_pdbx_database_status.SG_entry                        N 
_pdbx_database_status.deposit_site                    PDBJ 
_pdbx_database_status.process_site                    PDBJ 
_pdbx_database_status.status_code_cs                  ? 
_pdbx_database_status.status_code_nmr_data            ? 
_pdbx_database_status.methods_development_category    ? 
_pdbx_database_status.pdb_format_compatible           Y 
# 
_pdbx_contact_author.id                 2 
_pdbx_contact_author.email              aimingren@zju.edu.cn 
_pdbx_contact_author.name_first         Aiming 
_pdbx_contact_author.name_last          Ren 
_pdbx_contact_author.name_mi            ? 
_pdbx_contact_author.role               'principal investigator/group leader' 
_pdbx_contact_author.identifier_ORCID   0000-0002-5420-4899 
# 
loop_
_audit_author.name 
_audit_author.pdbx_ordinal 
_audit_author.identifier_ORCID 
'Li, C.Y.'  1 ? 
'Ren, A.M.' 2 ? 
# 
_citation.abstract                  ? 
_citation.abstract_id_CAS           ? 
_citation.book_id_ISBN              ? 
_citation.book_publisher            ? 
_citation.book_publisher_city       ? 
_citation.book_title                ? 
_citation.coordinate_linkage        ? 
_citation.country                   UK 
_citation.database_id_Medline       ? 
_citation.details                   ? 
_citation.id                        primary 
_citation.journal_abbrev            'Nucleic Acids Res.' 
_citation.journal_id_ASTM           NARHAD 
_citation.journal_id_CSD            0389 
_citation.journal_id_ISSN           1362-4962 
_citation.journal_full              ? 
_citation.journal_issue             ? 
_citation.journal_volume            52 
_citation.language                  ? 
_citation.page_first                8454 
_citation.page_last                 8465 
_citation.title                     
'Structure-based characterization and compound identification of the wild-type THF class-II riboswitch.' 
_citation.year                      2024 
_citation.database_id_CSD           ? 
_citation.pdbx_database_id_DOI      10.1093/nar/gkae377 
_citation.pdbx_database_id_PubMed   38769061 
_citation.pdbx_database_id_patent   ? 
_citation.unpublished_flag          ? 
# 
loop_
_citation_author.citation_id 
_citation_author.name 
_citation_author.ordinal 
_citation_author.identifier_ORCID 
primary 'Li, C.'    1  ?                   
primary 'Xu, X.'    2  ?                   
primary 'Geng, Z.'  3  ?                   
primary 'Zheng, L.' 4  ?                   
primary 'Song, Q.'  5  ?                   
primary 'Shen, X.'  6  ?                   
primary 'Wu, J.'    7  ?                   
primary 'Zhao, J.'  8  ?                   
primary 'Li, H.'    9  ?                   
primary 'He, M.'    10 ?                   
primary 'Tai, X.'   11 ?                   
primary 'Zhang, L.' 12 0000-0001-8139-0474 
primary 'Ma, J.'    13 ?                   
primary 'Dong, Y.'  14 ?                   
primary 'Ren, A.'   15 0000-0002-5420-4899 
# 
loop_
_entity.id 
_entity.type 
_entity.src_method 
_entity.pdbx_description 
_entity.formula_weight 
_entity.pdbx_number_of_molecules 
_entity.pdbx_ec 
_entity.pdbx_mutation 
_entity.pdbx_fragment 
_entity.details 
1 polymer     man 'RNA (53-MER)'                  17174.043 1  ? ? ? ? 
2 non-polymer syn '(6S)-5,6,7,8-TETRAHYDROFOLATE' 445.429   1  ? ? ? ? 
3 non-polymer syn SPERMINE                        202.340   1  ? ? ? ? 
4 non-polymer syn 'MAGNESIUM ION'                 24.305    3  ? ? ? ? 
5 water       nat water                           18.015    20 ? ? ? ? 
# 
_entity_name_com.entity_id   1 
_entity_name_com.name        env6 
# 
_entity_poly.entity_id                      1 
_entity_poly.type                           polyribonucleotide 
_entity_poly.nstd_linkage                   no 
_entity_poly.nstd_monomer                   yes 
_entity_poly.pdbx_seq_one_letter_code       '(GTP)GGUGUGUACCGUUCAACUCGUCCCAGCUUCGACUGGGACUACGGGAGCGCCU' 
_entity_poly.pdbx_seq_one_letter_code_can   GGGUGUGUACCGUUCAACUCGUCCCAGCUUCGACUGGGACUACGGGAGCGCCU 
_entity_poly.pdbx_strand_id                 A 
_entity_poly.pdbx_target_identifier         ? 
# 
loop_
_pdbx_entity_nonpoly.entity_id 
_pdbx_entity_nonpoly.name 
_pdbx_entity_nonpoly.comp_id 
2 '(6S)-5,6,7,8-TETRAHYDROFOLATE' THG 
3 SPERMINE                        SPM 
4 'MAGNESIUM ION'                 MG  
5 water                           HOH 
# 
loop_
_entity_poly_seq.entity_id 
_entity_poly_seq.num 
_entity_poly_seq.mon_id 
_entity_poly_seq.hetero 
1 1  GTP n 
1 2  G   n 
1 3  G   n 
1 4  U   n 
1 5  G   n 
1 6  U   n 
1 7  G   n 
1 8  U   n 
1 9  A   n 
1 10 C   n 
1 11 C   n 
1 12 G   n 
1 13 U   n 
1 14 U   n 
1 15 C   n 
1 16 A   n 
1 17 A   n 
1 18 C   n 
1 19 U   n 
1 20 C   n 
1 21 G   n 
1 22 U   n 
1 23 C   n 
1 24 C   n 
1 25 C   n 
1 26 A   n 
1 27 G   n 
1 28 C   n 
1 29 U   n 
1 30 U   n 
1 31 C   n 
1 32 G   n 
1 33 A   n 
1 34 C   n 
1 35 U   n 
1 36 G   n 
1 37 G   n 
1 38 G   n 
1 39 A   n 
1 40 C   n 
1 41 U   n 
1 42 A   n 
1 43 C   n 
1 44 G   n 
1 45 G   n 
1 46 G   n 
1 47 A   n 
1 48 G   n 
1 49 C   n 
1 50 G   n 
1 51 C   n 
1 52 C   n 
1 53 U   n 
# 
_entity_src_gen.entity_id                          1 
_entity_src_gen.pdbx_src_id                        1 
_entity_src_gen.pdbx_alt_source_flag               sample 
_entity_src_gen.pdbx_seq_type                      'Biological sequence' 
_entity_src_gen.pdbx_beg_seq_num                   1 
_entity_src_gen.pdbx_end_seq_num                   53 
_entity_src_gen.gene_src_common_name               ? 
_entity_src_gen.gene_src_genus                     ? 
_entity_src_gen.pdbx_gene_src_gene                 ? 
_entity_src_gen.gene_src_species                   ? 
_entity_src_gen.gene_src_strain                    ? 
_entity_src_gen.gene_src_tissue                    ? 
_entity_src_gen.gene_src_tissue_fraction           ? 
_entity_src_gen.gene_src_details                   ? 
_entity_src_gen.pdbx_gene_src_fragment             ? 
_entity_src_gen.pdbx_gene_src_scientific_name      'unidentified eubacterium clone A70' 
_entity_src_gen.pdbx_gene_src_ncbi_taxonomy_id     41312 
_entity_src_gen.pdbx_gene_src_variant              ? 
_entity_src_gen.pdbx_gene_src_cell_line            ? 
_entity_src_gen.pdbx_gene_src_atcc                 ? 
_entity_src_gen.pdbx_gene_src_organ                ? 
_entity_src_gen.pdbx_gene_src_organelle            ? 
_entity_src_gen.pdbx_gene_src_cell                 ? 
_entity_src_gen.pdbx_gene_src_cellular_location    ? 
_entity_src_gen.host_org_common_name               ? 
_entity_src_gen.pdbx_host_org_scientific_name      'in vitro transcription vector pT7-TP(deltai)' 
_entity_src_gen.pdbx_host_org_ncbi_taxonomy_id     905931 
_entity_src_gen.host_org_genus                     ? 
_entity_src_gen.pdbx_host_org_gene                 ? 
_entity_src_gen.pdbx_host_org_organ                ? 
_entity_src_gen.host_org_species                   ? 
_entity_src_gen.pdbx_host_org_tissue               ? 
_entity_src_gen.pdbx_host_org_tissue_fraction      ? 
_entity_src_gen.pdbx_host_org_strain               ? 
_entity_src_gen.pdbx_host_org_variant              ? 
_entity_src_gen.pdbx_host_org_cell_line            ? 
_entity_src_gen.pdbx_host_org_atcc                 ? 
_entity_src_gen.pdbx_host_org_culture_collection   ? 
_entity_src_gen.pdbx_host_org_cell                 ? 
_entity_src_gen.pdbx_host_org_organelle            ? 
_entity_src_gen.pdbx_host_org_cellular_location    ? 
_entity_src_gen.pdbx_host_org_vector_type          ? 
_entity_src_gen.pdbx_host_org_vector               ? 
_entity_src_gen.host_org_details                   ? 
_entity_src_gen.expression_system_id               ? 
_entity_src_gen.plasmid_name                       ? 
_entity_src_gen.plasmid_details                    ? 
_entity_src_gen.pdbx_description                   ? 
# 
loop_
_chem_comp.id 
_chem_comp.type 
_chem_comp.mon_nstd_flag 
_chem_comp.name 
_chem_comp.pdbx_synonyms 
_chem_comp.formula 
_chem_comp.formula_weight 
A   'RNA linking' y "ADENOSINE-5'-MONOPHOSPHATE"    ? 'C10 H14 N5 O7 P'   347.221 
C   'RNA linking' y "CYTIDINE-5'-MONOPHOSPHATE"     ? 'C9 H14 N3 O8 P'    323.197 
G   'RNA linking' y "GUANOSINE-5'-MONOPHOSPHATE"    ? 'C10 H14 N5 O8 P'   363.221 
GTP non-polymer   n "GUANOSINE-5'-TRIPHOSPHATE"     ? 'C10 H16 N5 O14 P3' 523.180 
HOH non-polymer   . WATER                           ? 'H2 O'              18.015  
MG  non-polymer   . 'MAGNESIUM ION'                 ? 'Mg 2'              24.305  
SPM non-polymer   . SPERMINE                        ? 'C10 H26 N4'        202.340 
THG non-polymer   . '(6S)-5,6,7,8-TETRAHYDROFOLATE' ? 'C19 H23 N7 O6'     445.429 
U   'RNA linking' y "URIDINE-5'-MONOPHOSPHATE"      ? 'C9 H13 N2 O9 P'    324.181 
# 
loop_
_pdbx_poly_seq_scheme.asym_id 
_pdbx_poly_seq_scheme.entity_id 
_pdbx_poly_seq_scheme.seq_id 
_pdbx_poly_seq_scheme.mon_id 
_pdbx_poly_seq_scheme.ndb_seq_num 
_pdbx_poly_seq_scheme.pdb_seq_num 
_pdbx_poly_seq_scheme.auth_seq_num 
_pdbx_poly_seq_scheme.pdb_mon_id 
_pdbx_poly_seq_scheme.auth_mon_id 
_pdbx_poly_seq_scheme.pdb_strand_id 
_pdbx_poly_seq_scheme.pdb_ins_code 
_pdbx_poly_seq_scheme.hetero 
A 1 1  GTP 1  1  1  GTP GTP A . n 
A 1 2  G   2  2  2  G   G   A . n 
A 1 3  G   3  3  3  G   G   A . n 
A 1 4  U   4  4  4  U   U   A . n 
A 1 5  G   5  5  5  G   G   A . n 
A 1 6  U   6  6  6  U   U   A . n 
A 1 7  G   7  7  7  G   G   A . n 
A 1 8  U   8  8  8  U   U   A . n 
A 1 9  A   9  9  9  A   A   A . n 
A 1 10 C   10 10 10 C   C   A . n 
A 1 11 C   11 11 11 C   C   A . n 
A 1 12 G   12 12 12 G   G   A . n 
A 1 13 U   13 13 13 U   U   A . n 
A 1 14 U   14 14 14 U   U   A . n 
A 1 15 C   15 15 15 C   C   A . n 
A 1 16 A   16 16 16 A   A   A . n 
A 1 17 A   17 17 17 A   A   A . n 
A 1 18 C   18 18 18 C   C   A . n 
A 1 19 U   19 19 19 U   U   A . n 
A 1 20 C   20 20 20 C   C   A . n 
A 1 21 G   21 21 21 G   G   A . n 
A 1 22 U   22 22 22 U   U   A . n 
A 1 23 C   23 23 23 C   C   A . n 
A 1 24 C   24 24 24 C   C   A . n 
A 1 25 C   25 25 25 C   C   A . n 
A 1 26 A   26 26 26 A   A   A . n 
A 1 27 G   27 27 27 G   G   A . n 
A 1 28 C   28 28 28 C   C   A . n 
A 1 29 U   29 29 29 U   U   A . n 
A 1 30 U   30 30 30 U   U   A . n 
A 1 31 C   31 31 31 C   C   A . n 
A 1 32 G   32 32 32 G   G   A . n 
A 1 33 A   33 33 33 A   A   A . n 
A 1 34 C   34 34 34 C   C   A . n 
A 1 35 U   35 35 35 U   U   A . n 
A 1 36 G   36 36 36 G   G   A . n 
A 1 37 G   37 37 37 G   G   A . n 
A 1 38 G   38 38 38 G   G   A . n 
A 1 39 A   39 39 39 A   A   A . n 
A 1 40 C   40 40 40 C   C   A . n 
A 1 41 U   41 41 41 U   U   A . n 
A 1 42 A   42 42 42 A   A   A . n 
A 1 43 C   43 43 43 C   C   A . n 
A 1 44 G   44 44 44 G   G   A . n 
A 1 45 G   45 45 45 G   G   A . n 
A 1 46 G   46 46 46 G   G   A . n 
A 1 47 A   47 47 47 A   A   A . n 
A 1 48 G   48 48 48 G   G   A . n 
A 1 49 C   49 49 49 C   C   A . n 
A 1 50 G   50 50 50 G   G   A . n 
A 1 51 C   51 51 51 C   C   A . n 
A 1 52 C   52 52 52 C   C   A . n 
A 1 53 U   53 53 53 U   U   A . n 
# 
loop_
_pdbx_nonpoly_scheme.asym_id 
_pdbx_nonpoly_scheme.entity_id 
_pdbx_nonpoly_scheme.mon_id 
_pdbx_nonpoly_scheme.ndb_seq_num 
_pdbx_nonpoly_scheme.pdb_seq_num 
_pdbx_nonpoly_scheme.auth_seq_num 
_pdbx_nonpoly_scheme.pdb_mon_id 
_pdbx_nonpoly_scheme.auth_mon_id 
_pdbx_nonpoly_scheme.pdb_strand_id 
_pdbx_nonpoly_scheme.pdb_ins_code 
B 2 THG 1  101 101 THG THG A . 
C 3 SPM 1  102 201 SPM SPM A . 
D 4 MG  1  103 1   MG  MG  A . 
E 4 MG  1  104 2   MG  MG  A . 
F 4 MG  1  105 3   MG  MG  A . 
G 5 HOH 1  201 20  HOH HOH A . 
G 5 HOH 2  202 2   HOH HOH A . 
G 5 HOH 3  203 15  HOH HOH A . 
G 5 HOH 4  204 16  HOH HOH A . 
G 5 HOH 5  205 3   HOH HOH A . 
G 5 HOH 6  206 4   HOH HOH A . 
G 5 HOH 7  207 17  HOH HOH A . 
G 5 HOH 8  208 12  HOH HOH A . 
G 5 HOH 9  209 11  HOH HOH A . 
G 5 HOH 10 210 18  HOH HOH A . 
G 5 HOH 11 211 10  HOH HOH A . 
G 5 HOH 12 212 8   HOH HOH A . 
G 5 HOH 13 213 6   HOH HOH A . 
G 5 HOH 14 214 13  HOH HOH A . 
G 5 HOH 15 215 5   HOH HOH A . 
G 5 HOH 16 216 7   HOH HOH A . 
G 5 HOH 17 217 19  HOH HOH A . 
G 5 HOH 18 218 1   HOH HOH A . 
G 5 HOH 19 219 14  HOH HOH A . 
G 5 HOH 20 220 9   HOH HOH A . 
# 
loop_
_software.citation_id 
_software.classification 
_software.compiler_name 
_software.compiler_version 
_software.contact_author 
_software.contact_author_email 
_software.date 
_software.description 
_software.dependencies 
_software.hardware 
_software.language 
_software.location 
_software.mods 
_software.name 
_software.os 
_software.os_version 
_software.type 
_software.version 
_software.pdbx_ordinal 
? refinement       ? ? ? ? ? ? ? ? ? ? ? PHENIX   ? ? ? '(1.18.2_3874: ???)' 1 
? 'data scaling'   ? ? ? ? ? ? ? ? ? ? ? HKL-3000 ? ? ? .                    2 
? 'data reduction' ? ? ? ? ? ? ? ? ? ? ? HKL-3000 ? ? ? .                    3 
? phasing          ? ? ? ? ? ? ? ? ? ? ? PHASER   ? ? ? .                    4 
# 
_cell.angle_alpha                  90.00 
_cell.angle_alpha_esd              ? 
_cell.angle_beta                   90.00 
_cell.angle_beta_esd               ? 
_cell.angle_gamma                  90.00 
_cell.angle_gamma_esd              ? 
_cell.entry_id                     8XZW 
_cell.details                      ? 
_cell.formula_units_Z              ? 
_cell.length_a                     49.105 
_cell.length_a_esd                 ? 
_cell.length_b                     57.500 
_cell.length_b_esd                 ? 
_cell.length_c                     62.185 
_cell.length_c_esd                 ? 
_cell.volume                       ? 
_cell.volume_esd                   ? 
_cell.Z_PDB                        4 
_cell.reciprocal_angle_alpha       ? 
_cell.reciprocal_angle_beta        ? 
_cell.reciprocal_angle_gamma       ? 
_cell.reciprocal_angle_alpha_esd   ? 
_cell.reciprocal_angle_beta_esd    ? 
_cell.reciprocal_angle_gamma_esd   ? 
_cell.reciprocal_length_a          ? 
_cell.reciprocal_length_b          ? 
_cell.reciprocal_length_c          ? 
_cell.reciprocal_length_a_esd      ? 
_cell.reciprocal_length_b_esd      ? 
_cell.reciprocal_length_c_esd      ? 
_cell.pdbx_unique_axis             ? 
_cell.pdbx_esd_method              ? 
# 
_symmetry.entry_id                         8XZW 
_symmetry.cell_setting                     ? 
_symmetry.Int_Tables_number                19 
_symmetry.space_group_name_Hall            ? 
_symmetry.space_group_name_H-M             'P 21 21 21' 
_symmetry.pdbx_full_space_group_name_H-M   ? 
# 
_exptl.absorpt_coefficient_mu     ? 
_exptl.absorpt_correction_T_max   ? 
_exptl.absorpt_correction_T_min   ? 
_exptl.absorpt_correction_type    ? 
_exptl.absorpt_process_details    ? 
_exptl.entry_id                   8XZW 
_exptl.crystals_number            1 
_exptl.details                    ? 
_exptl.method                     'X-RAY DIFFRACTION' 
_exptl.method_details             ? 
# 
_exptl_crystal.colour                       ? 
_exptl_crystal.density_diffrn               ? 
_exptl_crystal.density_Matthews             2.56 
_exptl_crystal.density_method               ? 
_exptl_crystal.density_percent_sol          51.88 
_exptl_crystal.description                  ? 
_exptl_crystal.F_000                        ? 
_exptl_crystal.id                           1 
_exptl_crystal.preparation                  ? 
_exptl_crystal.size_max                     ? 
_exptl_crystal.size_mid                     ? 
_exptl_crystal.size_min                     ? 
_exptl_crystal.size_rad                     ? 
_exptl_crystal.colour_lustre                ? 
_exptl_crystal.colour_modifier              ? 
_exptl_crystal.colour_primary               ? 
_exptl_crystal.density_meas                 ? 
_exptl_crystal.density_meas_esd             ? 
_exptl_crystal.density_meas_gt              ? 
_exptl_crystal.density_meas_lt              ? 
_exptl_crystal.density_meas_temp            ? 
_exptl_crystal.density_meas_temp_esd        ? 
_exptl_crystal.density_meas_temp_gt         ? 
_exptl_crystal.density_meas_temp_lt         ? 
_exptl_crystal.pdbx_crystal_image_url       ? 
_exptl_crystal.pdbx_crystal_image_format    ? 
_exptl_crystal.pdbx_mosaicity               ? 
_exptl_crystal.pdbx_mosaicity_esd           ? 
_exptl_crystal.pdbx_mosaic_method           ? 
_exptl_crystal.pdbx_mosaic_block_size       ? 
_exptl_crystal.pdbx_mosaic_block_size_esd   ? 
# 
_exptl_crystal_grow.apparatus       ? 
_exptl_crystal_grow.atmosphere      ? 
_exptl_crystal_grow.crystal_id      1 
_exptl_crystal_grow.details         ? 
_exptl_crystal_grow.method          'VAPOR DIFFUSION, SITTING DROP' 
_exptl_crystal_grow.method_ref      ? 
_exptl_crystal_grow.pH              ? 
_exptl_crystal_grow.pressure        ? 
_exptl_crystal_grow.pressure_esd    ? 
_exptl_crystal_grow.seeding         ? 
_exptl_crystal_grow.seeding_ref     ? 
_exptl_crystal_grow.temp_details    ? 
_exptl_crystal_grow.temp_esd        ? 
_exptl_crystal_grow.time            ? 
_exptl_crystal_grow.pdbx_details    
'0.08 M Sodium chloride, 0.04 M Sodium cacodylate trihydrate pH 7.0, 30% v/v MPD, 0.012 M Spermine tetrahydrochloride' 
_exptl_crystal_grow.pdbx_pH_range   ? 
_exptl_crystal_grow.temp            289 
# 
_diffrn.ambient_environment              ? 
_diffrn.ambient_temp                     100 
_diffrn.ambient_temp_details             ? 
_diffrn.ambient_temp_esd                 ? 
_diffrn.crystal_id                       1 
_diffrn.crystal_support                  ? 
_diffrn.crystal_treatment                ? 
_diffrn.details                          ? 
_diffrn.id                               1 
_diffrn.ambient_pressure                 ? 
_diffrn.ambient_pressure_esd             ? 
_diffrn.ambient_pressure_gt              ? 
_diffrn.ambient_pressure_lt              ? 
_diffrn.ambient_temp_gt                  ? 
_diffrn.ambient_temp_lt                  ? 
_diffrn.pdbx_serial_crystal_experiment   N 
# 
_diffrn_detector.details                      ? 
_diffrn_detector.detector                     PIXEL 
_diffrn_detector.diffrn_id                    1 
_diffrn_detector.type                         'DECTRIS PILATUS 6M' 
_diffrn_detector.area_resol_mean              ? 
_diffrn_detector.dtime                        ? 
_diffrn_detector.pdbx_frames_total            ? 
_diffrn_detector.pdbx_collection_time_total   ? 
_diffrn_detector.pdbx_collection_date         2021-07-12 
_diffrn_detector.pdbx_frequency               ? 
_diffrn_detector.id                           ? 
_diffrn_detector.number_of_axes               ? 
# 
_diffrn_radiation.collimation                      ? 
_diffrn_radiation.diffrn_id                        1 
_diffrn_radiation.filter_edge                      ? 
_diffrn_radiation.inhomogeneity                    ? 
_diffrn_radiation.monochromator                    ? 
_diffrn_radiation.polarisn_norm                    ? 
_diffrn_radiation.polarisn_ratio                   ? 
_diffrn_radiation.probe                            ? 
_diffrn_radiation.type                             ? 
_diffrn_radiation.xray_symbol                      ? 
_diffrn_radiation.wavelength_id                    1 
_diffrn_radiation.pdbx_monochromatic_or_laue_m_l   M 
_diffrn_radiation.pdbx_wavelength_list             ? 
_diffrn_radiation.pdbx_wavelength                  ? 
_diffrn_radiation.pdbx_diffrn_protocol             'SINGLE WAVELENGTH' 
_diffrn_radiation.pdbx_analyzer                    ? 
_diffrn_radiation.pdbx_scattering_type             x-ray 
# 
_diffrn_radiation_wavelength.id           1 
_diffrn_radiation_wavelength.wavelength   1.102 
_diffrn_radiation_wavelength.wt           1.0 
# 
_diffrn_source.current                     ? 
_diffrn_source.details                     ? 
_diffrn_source.diffrn_id                   1 
_diffrn_source.power                       ? 
_diffrn_source.size                        ? 
_diffrn_source.source                      SYNCHROTRON 
_diffrn_source.target                      ? 
_diffrn_source.type                        'SSRF BEAMLINE BL19U1' 
_diffrn_source.voltage                     ? 
_diffrn_source.take-off_angle              ? 
_diffrn_source.pdbx_wavelength_list        1.102 
_diffrn_source.pdbx_wavelength             ? 
_diffrn_source.pdbx_synchrotron_beamline   BL19U1 
_diffrn_source.pdbx_synchrotron_site       SSRF 
# 
_reflns.B_iso_Wilson_estimate                          ? 
_reflns.entry_id                                       8XZW 
_reflns.data_reduction_details                         ? 
_reflns.data_reduction_method                          ? 
_reflns.d_resolution_high                              1.91 
_reflns.d_resolution_low                               50.00 
_reflns.details                                        ? 
_reflns.limit_h_max                                    ? 
_reflns.limit_h_min                                    ? 
_reflns.limit_k_max                                    ? 
_reflns.limit_k_min                                    ? 
_reflns.limit_l_max                                    ? 
_reflns.limit_l_min                                    ? 
_reflns.number_all                                     ? 
_reflns.number_obs                                     26146 
_reflns.observed_criterion                             ? 
_reflns.observed_criterion_F_max                       ? 
_reflns.observed_criterion_F_min                       ? 
_reflns.observed_criterion_I_max                       ? 
_reflns.observed_criterion_I_min                       ? 
_reflns.observed_criterion_sigma_F                     ? 
_reflns.observed_criterion_sigma_I                     ? 
_reflns.percent_possible_obs                           99.4 
_reflns.R_free_details                                 ? 
_reflns.Rmerge_F_all                                   ? 
_reflns.Rmerge_F_obs                                   ? 
_reflns.Friedel_coverage                               ? 
_reflns.number_gt                                      ? 
_reflns.threshold_expression                           ? 
_reflns.pdbx_redundancy                                11.2 
_reflns.pdbx_netI_over_av_sigmaI                       ? 
_reflns.pdbx_netI_over_sigmaI                          3.0 
_reflns.pdbx_res_netI_over_av_sigmaI_2                 ? 
_reflns.pdbx_res_netI_over_sigmaI_2                    ? 
_reflns.pdbx_chi_squared                               1.903 
_reflns.pdbx_scaling_rejects                           ? 
_reflns.pdbx_d_res_high_opt                            ? 
_reflns.pdbx_d_res_low_opt                             ? 
_reflns.pdbx_d_res_opt_method                          ? 
_reflns.phase_calculation_details                      ? 
_reflns.pdbx_Rrim_I_all                                0.213 
_reflns.pdbx_Rpim_I_all                                0.066 
_reflns.pdbx_d_opt                                     ? 
_reflns.pdbx_number_measured_all                       ? 
_reflns.pdbx_diffrn_id                                 1 
_reflns.pdbx_ordinal                                   1 
_reflns.pdbx_CC_half                                   0.926 
_reflns.pdbx_CC_star                                   0.981 
_reflns.pdbx_R_split                                   ? 
_reflns.pdbx_Rmerge_I_obs                              0.202 
_reflns.pdbx_Rmerge_I_all                              ? 
_reflns.pdbx_Rsym_value                                ? 
_reflns.pdbx_CC_split_method                           ? 
_reflns.pdbx_aniso_diffraction_limit_axis_1_ortho[1]   ? 
_reflns.pdbx_aniso_diffraction_limit_axis_1_ortho[2]   ? 
_reflns.pdbx_aniso_diffraction_limit_axis_1_ortho[3]   ? 
_reflns.pdbx_aniso_diffraction_limit_axis_2_ortho[1]   ? 
_reflns.pdbx_aniso_diffraction_limit_axis_2_ortho[2]   ? 
_reflns.pdbx_aniso_diffraction_limit_axis_2_ortho[3]   ? 
_reflns.pdbx_aniso_diffraction_limit_axis_3_ortho[1]   ? 
_reflns.pdbx_aniso_diffraction_limit_axis_3_ortho[2]   ? 
_reflns.pdbx_aniso_diffraction_limit_axis_3_ortho[3]   ? 
_reflns.pdbx_aniso_diffraction_limit_1                 ? 
_reflns.pdbx_aniso_diffraction_limit_2                 ? 
_reflns.pdbx_aniso_diffraction_limit_3                 ? 
_reflns.pdbx_aniso_B_tensor_eigenvector_1_ortho[1]     ? 
_reflns.pdbx_aniso_B_tensor_eigenvector_1_ortho[2]     ? 
_reflns.pdbx_aniso_B_tensor_eigenvector_1_ortho[3]     ? 
_reflns.pdbx_aniso_B_tensor_eigenvector_2_ortho[1]     ? 
_reflns.pdbx_aniso_B_tensor_eigenvector_2_ortho[2]     ? 
_reflns.pdbx_aniso_B_tensor_eigenvector_2_ortho[3]     ? 
_reflns.pdbx_aniso_B_tensor_eigenvector_3_ortho[1]     ? 
_reflns.pdbx_aniso_B_tensor_eigenvector_3_ortho[2]     ? 
_reflns.pdbx_aniso_B_tensor_eigenvector_3_ortho[3]     ? 
_reflns.pdbx_aniso_B_tensor_eigenvalue_1               ? 
_reflns.pdbx_aniso_B_tensor_eigenvalue_2               ? 
_reflns.pdbx_aniso_B_tensor_eigenvalue_3               ? 
_reflns.pdbx_orthogonalization_convention              ? 
_reflns.pdbx_percent_possible_ellipsoidal              ? 
_reflns.pdbx_percent_possible_spherical                ? 
_reflns.pdbx_percent_possible_ellipsoidal_anomalous    ? 
_reflns.pdbx_percent_possible_spherical_anomalous      ? 
_reflns.pdbx_redundancy_anomalous                      ? 
_reflns.pdbx_CC_half_anomalous                         ? 
_reflns.pdbx_absDiff_over_sigma_anomalous              ? 
_reflns.pdbx_percent_possible_anomalous                ? 
_reflns.pdbx_observed_signal_threshold                 ? 
_reflns.pdbx_signal_type                               ? 
_reflns.pdbx_signal_details                            ? 
_reflns.pdbx_signal_software_id                        ? 
# 
loop_
_reflns_shell.d_res_high 
_reflns_shell.d_res_low 
_reflns_shell.meanI_over_sigI_all 
_reflns_shell.meanI_over_sigI_obs 
_reflns_shell.number_measured_all 
_reflns_shell.number_measured_obs 
_reflns_shell.number_possible 
_reflns_shell.number_unique_all 
_reflns_shell.number_unique_obs 
_reflns_shell.percent_possible_obs 
_reflns_shell.Rmerge_F_all 
_reflns_shell.Rmerge_F_obs 
_reflns_shell.meanI_over_sigI_gt 
_reflns_shell.meanI_over_uI_all 
_reflns_shell.meanI_over_uI_gt 
_reflns_shell.number_measured_gt 
_reflns_shell.number_unique_gt 
_reflns_shell.percent_possible_gt 
_reflns_shell.Rmerge_F_gt 
_reflns_shell.Rmerge_I_gt 
_reflns_shell.pdbx_redundancy 
_reflns_shell.pdbx_chi_squared 
_reflns_shell.pdbx_netI_over_sigmaI_all 
_reflns_shell.pdbx_netI_over_sigmaI_obs 
_reflns_shell.pdbx_Rrim_I_all 
_reflns_shell.pdbx_Rpim_I_all 
_reflns_shell.pdbx_rejects 
_reflns_shell.pdbx_ordinal 
_reflns_shell.pdbx_diffrn_id 
_reflns_shell.pdbx_CC_half 
_reflns_shell.pdbx_CC_star 
_reflns_shell.pdbx_R_split 
_reflns_shell.percent_possible_all 
_reflns_shell.Rmerge_I_all 
_reflns_shell.Rmerge_I_obs 
_reflns_shell.pdbx_Rsym_value 
_reflns_shell.pdbx_percent_possible_ellipsoidal 
_reflns_shell.pdbx_percent_possible_spherical 
_reflns_shell.pdbx_percent_possible_ellipsoidal_anomalous 
_reflns_shell.pdbx_percent_possible_spherical_anomalous 
_reflns_shell.pdbx_redundancy_anomalous 
_reflns_shell.pdbx_CC_half_anomalous 
_reflns_shell.pdbx_absDiff_over_sigma_anomalous 
_reflns_shell.pdbx_percent_possible_anomalous 
2.50 2.59  ? ? ? ? ? ? 613 ? ? ? ? ? ? ? ? ? ? ? 9.3  0.460 ? ? 1.619 0.485 ? 1  1 0.605 0.868 ? 95.8  ? 1.541 ? ? ? ? ? ? ? ? ? 
2.59 2.69  ? ? ? ? ? ? 623 ? ? ? ? ? ? ? ? ? ? ? 10.9 0.528 ? ? 1.127 0.326 ? 2  1 0.760 0.929 ? 98.6  ? 1.077 ? ? ? ? ? ? ? ? ? 
2.69 2.82  ? ? ? ? ? ? 648 ? ? ? ? ? ? ? ? ? ? ? 11.8 0.593 ? ? 0.923 0.261 ? 3  1 0.821 0.950 ? 100.0 ? 0.885 ? ? ? ? ? ? ? ? ? 
2.82 2.96  ? ? ? ? ? ? 648 ? ? ? ? ? ? ? ? ? ? ? 12.1 0.841 ? ? 0.695 0.197 ? 4  1 0.927 0.981 ? 100.0 ? 0.665 ? ? ? ? ? ? ? ? ? 
2.96 3.15  ? ? ? ? ? ? 641 ? ? ? ? ? ? ? ? ? ? ? 11.6 1.385 ? ? 0.462 0.137 ? 5  1 0.958 0.989 ? 100.0 ? 0.441 ? ? ? ? ? ? ? ? ? 
3.15 3.39  ? ? ? ? ? ? 652 ? ? ? ? ? ? ? ? ? ? ? 11.9 2.044 ? ? 0.351 0.102 ? 6  1 0.969 0.992 ? 100.0 ? 0.335 ? ? ? ? ? ? ? ? ? 
3.39 3.73  ? ? ? ? ? ? 647 ? ? ? ? ? ? ? ? ? ? ? 12.3 2.619 ? ? 0.311 0.090 ? 7  1 0.979 0.995 ? 100.0 ? 0.298 ? ? ? ? ? ? ? ? ? 
3.73 4.27  ? ? ? ? ? ? 670 ? ? ? ? ? ? ? ? ? ? ? 11.5 3.038 ? ? 0.261 0.078 ? 8  1 0.980 0.995 ? 100.0 ? 0.249 ? ? ? ? ? ? ? ? ? 
4.27 5.38  ? ? ? ? ? ? 675 ? ? ? ? ? ? ? ? ? ? ? 10.8 3.361 ? ? 0.223 0.068 ? 9  1 0.979 0.995 ? 99.7  ? 0.212 ? ? ? ? ? ? ? ? ? 
5.38 50.00 ? ? ? ? ? ? 734 ? ? ? ? ? ? ? ? ? ? ? 10.1 3.732 ? ? 0.141 0.048 ? 10 1 0.998 0.999 ? 100.0 ? 0.132 ? ? ? ? ? ? ? ? ? 
# 
_refine.aniso_B[1][1]                            ? 
_refine.aniso_B[1][2]                            ? 
_refine.aniso_B[1][3]                            ? 
_refine.aniso_B[2][2]                            ? 
_refine.aniso_B[2][3]                            ? 
_refine.aniso_B[3][3]                            ? 
_refine.B_iso_max                                ? 
_refine.B_iso_mean                               ? 
_refine.B_iso_min                                ? 
_refine.correlation_coeff_Fo_to_Fc               ? 
_refine.correlation_coeff_Fo_to_Fc_free          ? 
_refine.details                                  ? 
_refine.diff_density_max                         ? 
_refine.diff_density_max_esd                     ? 
_refine.diff_density_min                         ? 
_refine.diff_density_min_esd                     ? 
_refine.diff_density_rms                         ? 
_refine.diff_density_rms_esd                     ? 
_refine.entry_id                                 8XZW 
_refine.pdbx_refine_id                           'X-RAY DIFFRACTION' 
_refine.ls_abs_structure_details                 ? 
_refine.ls_abs_structure_Flack                   ? 
_refine.ls_abs_structure_Flack_esd               ? 
_refine.ls_abs_structure_Rogers                  ? 
_refine.ls_abs_structure_Rogers_esd              ? 
_refine.ls_d_res_high                            1.91 
_refine.ls_d_res_low                             19.50 
_refine.ls_extinction_coef                       ? 
_refine.ls_extinction_coef_esd                   ? 
_refine.ls_extinction_expression                 ? 
_refine.ls_extinction_method                     ? 
_refine.ls_goodness_of_fit_all                   ? 
_refine.ls_goodness_of_fit_all_esd               ? 
_refine.ls_goodness_of_fit_obs                   ? 
_refine.ls_goodness_of_fit_obs_esd               ? 
_refine.ls_hydrogen_treatment                    ? 
_refine.ls_matrix_type                           ? 
_refine.ls_number_constraints                    ? 
_refine.ls_number_parameters                     ? 
_refine.ls_number_reflns_all                     ? 
_refine.ls_number_reflns_obs                     26146 
_refine.ls_number_reflns_R_free                  2619 
_refine.ls_number_reflns_R_work                  ? 
_refine.ls_number_restraints                     ? 
_refine.ls_percent_reflns_obs                    98.40 
_refine.ls_percent_reflns_R_free                 10.02 
_refine.ls_R_factor_all                          ? 
_refine.ls_R_factor_obs                          0.2187 
_refine.ls_R_factor_R_free                       0.2511 
_refine.ls_R_factor_R_free_error                 ? 
_refine.ls_R_factor_R_free_error_details         ? 
_refine.ls_R_factor_R_work                       0.2151 
_refine.ls_R_Fsqd_factor_obs                     ? 
_refine.ls_R_I_factor_obs                        ? 
_refine.ls_redundancy_reflns_all                 ? 
_refine.ls_redundancy_reflns_obs                 ? 
_refine.ls_restrained_S_all                      ? 
_refine.ls_restrained_S_obs                      ? 
_refine.ls_shift_over_esd_max                    ? 
_refine.ls_shift_over_esd_mean                   ? 
_refine.ls_structure_factor_coef                 ? 
_refine.ls_weighting_details                     ? 
_refine.ls_weighting_scheme                      ? 
_refine.ls_wR_factor_all                         ? 
_refine.ls_wR_factor_obs                         ? 
_refine.ls_wR_factor_R_free                      ? 
_refine.ls_wR_factor_R_work                      ? 
_refine.occupancy_max                            ? 
_refine.occupancy_min                            ? 
_refine.solvent_model_details                    'FLAT BULK SOLVENT MODEL' 
_refine.solvent_model_param_bsol                 ? 
_refine.solvent_model_param_ksol                 ? 
_refine.pdbx_R_complete                          ? 
_refine.ls_R_factor_gt                           ? 
_refine.ls_goodness_of_fit_gt                    ? 
_refine.ls_goodness_of_fit_ref                   ? 
_refine.ls_shift_over_su_max                     ? 
_refine.ls_shift_over_su_max_lt                  ? 
_refine.ls_shift_over_su_mean                    ? 
_refine.ls_shift_over_su_mean_lt                 ? 
_refine.pdbx_ls_sigma_I                          ? 
_refine.pdbx_ls_sigma_F                          1.33 
_refine.pdbx_ls_sigma_Fsqd                       ? 
_refine.pdbx_data_cutoff_high_absF               ? 
_refine.pdbx_data_cutoff_high_rms_absF           ? 
_refine.pdbx_data_cutoff_low_absF                ? 
_refine.pdbx_isotropic_thermal_model             ? 
_refine.pdbx_ls_cross_valid_method               THROUGHOUT 
_refine.pdbx_method_to_determine_struct          'MOLECULAR REPLACEMENT' 
_refine.pdbx_starting_model                      ? 
_refine.pdbx_stereochemistry_target_values       ML 
_refine.pdbx_R_Free_selection_details            ? 
_refine.pdbx_stereochem_target_val_spec_case     ? 
_refine.pdbx_overall_ESU_R                       ? 
_refine.pdbx_overall_ESU_R_Free                  ? 
_refine.pdbx_solvent_vdw_probe_radii             1.11 
_refine.pdbx_solvent_ion_probe_radii             ? 
_refine.pdbx_solvent_shrinkage_radii             0.90 
_refine.pdbx_real_space_R                        ? 
_refine.pdbx_density_correlation                 ? 
_refine.pdbx_pd_number_of_powder_patterns        ? 
_refine.pdbx_pd_number_of_points                 ? 
_refine.pdbx_pd_meas_number_of_points            ? 
_refine.pdbx_pd_proc_ls_prof_R_factor            ? 
_refine.pdbx_pd_proc_ls_prof_wR_factor           ? 
_refine.pdbx_pd_Marquardt_correlation_coeff      ? 
_refine.pdbx_pd_Fsqrd_R_factor                   ? 
_refine.pdbx_pd_ls_matrix_band_width             ? 
_refine.pdbx_overall_phase_error                 40.58 
_refine.pdbx_overall_SU_R_free_Cruickshank_DPI   ? 
_refine.pdbx_overall_SU_R_free_Blow_DPI          ? 
_refine.pdbx_overall_SU_R_Blow_DPI               ? 
_refine.pdbx_TLS_residual_ADP_flag               ? 
_refine.pdbx_diffrn_id                           1 
_refine.overall_SU_B                             ? 
_refine.overall_SU_ML                            0.52 
_refine.overall_SU_R_Cruickshank_DPI             ? 
_refine.overall_SU_R_free                        ? 
_refine.overall_FOM_free_R_set                   ? 
_refine.overall_FOM_work_R_set                   ? 
_refine.pdbx_average_fsc_overall                 ? 
_refine.pdbx_average_fsc_work                    ? 
_refine.pdbx_average_fsc_free                    ? 
# 
_refine_hist.pdbx_refine_id                   'X-RAY DIFFRACTION' 
_refine_hist.cycle_id                         LAST 
_refine_hist.details                          ? 
_refine_hist.d_res_high                       1.91 
_refine_hist.d_res_low                        19.50 
_refine_hist.number_atoms_solvent             20 
_refine_hist.number_atoms_total               1205 
_refine_hist.number_reflns_all                ? 
_refine_hist.number_reflns_obs                ? 
_refine_hist.number_reflns_R_free             ? 
_refine_hist.number_reflns_R_work             ? 
_refine_hist.R_factor_all                     ? 
_refine_hist.R_factor_obs                     ? 
_refine_hist.R_factor_R_free                  ? 
_refine_hist.R_factor_R_work                  ? 
_refine_hist.pdbx_number_residues_total       ? 
_refine_hist.pdbx_B_iso_mean_ligand           ? 
_refine_hist.pdbx_B_iso_mean_solvent          ? 
_refine_hist.pdbx_number_atoms_protein        0 
_refine_hist.pdbx_number_atoms_nucleic_acid   1136 
_refine_hist.pdbx_number_atoms_ligand         49 
_refine_hist.pdbx_number_atoms_lipid          ? 
_refine_hist.pdbx_number_atoms_carb           ? 
_refine_hist.pdbx_pseudo_atom_details         ? 
# 
loop_
_refine_ls_restr.pdbx_refine_id 
_refine_ls_restr.criterion 
_refine_ls_restr.dev_ideal 
_refine_ls_restr.dev_ideal_target 
_refine_ls_restr.number 
_refine_ls_restr.rejects 
_refine_ls_restr.type 
_refine_ls_restr.weight 
_refine_ls_restr.pdbx_restraint_function 
'X-RAY DIFFRACTION' ? 0.005  ? 1312 ? f_bond_d           ? ? 
'X-RAY DIFFRACTION' ? 1.097  ? 2029 ? f_angle_d          ? ? 
'X-RAY DIFFRACTION' ? 17.915 ? 660  ? f_dihedral_angle_d ? ? 
'X-RAY DIFFRACTION' ? 0.041  ? 266  ? f_chiral_restr     ? ? 
'X-RAY DIFFRACTION' ? 0.006  ? 58   ? f_plane_restr      ? ? 
# 
loop_
_refine_ls_shell.pdbx_refine_id 
_refine_ls_shell.d_res_high 
_refine_ls_shell.d_res_low 
_refine_ls_shell.number_reflns_all 
_refine_ls_shell.number_reflns_obs 
_refine_ls_shell.number_reflns_R_free 
_refine_ls_shell.number_reflns_R_work 
_refine_ls_shell.percent_reflns_obs 
_refine_ls_shell.percent_reflns_R_free 
_refine_ls_shell.R_factor_all 
_refine_ls_shell.R_factor_obs 
_refine_ls_shell.R_factor_R_free_error 
_refine_ls_shell.R_factor_R_work 
_refine_ls_shell.redundancy_reflns_all 
_refine_ls_shell.redundancy_reflns_obs 
_refine_ls_shell.wR_factor_all 
_refine_ls_shell.wR_factor_obs 
_refine_ls_shell.wR_factor_R_free 
_refine_ls_shell.wR_factor_R_work 
_refine_ls_shell.pdbx_R_complete 
_refine_ls_shell.pdbx_total_number_of_bins_used 
_refine_ls_shell.pdbx_phase_error 
_refine_ls_shell.pdbx_fsc_work 
_refine_ls_shell.pdbx_fsc_free 
_refine_ls_shell.R_factor_R_free 
'X-RAY DIFFRACTION' 1.91 1.94  . . 95  912  71.00  . . . . 0.5456 . . . . . . . . . . . 0.5211 
'X-RAY DIFFRACTION' 1.94 1.98  . . 143 1241 100.00 . . . . 0.4989 . . . . . . . . . . . 0.5556 
'X-RAY DIFFRACTION' 1.98 2.02  . . 131 1262 100.00 . . . . 0.4403 . . . . . . . . . . . 0.4744 
'X-RAY DIFFRACTION' 2.02 2.06  . . 136 1249 100.00 . . . . 0.4241 . . . . . . . . . . . 0.4043 
'X-RAY DIFFRACTION' 2.06 2.11  . . 141 1278 100.00 . . . . 0.4112 . . . . . . . . . . . 0.4290 
'X-RAY DIFFRACTION' 2.11 2.16  . . 156 1265 100.00 . . . . 0.3751 . . . . . . . . . . . 0.3947 
'X-RAY DIFFRACTION' 2.16 2.22  . . 149 1241 100.00 . . . . 0.3717 . . . . . . . . . . . 0.3826 
'X-RAY DIFFRACTION' 2.22 2.29  . . 112 1276 100.00 . . . . 0.3529 . . . . . . . . . . . 0.3929 
'X-RAY DIFFRACTION' 2.29 2.36  . . 138 1249 100.00 . . . . 0.3027 . . . . . . . . . . . 0.3348 
'X-RAY DIFFRACTION' 2.36 2.44  . . 156 1251 100.00 . . . . 0.3063 . . . . . . . . . . . 0.3528 
'X-RAY DIFFRACTION' 2.44 2.54  . . 130 1242 100.00 . . . . 0.3057 . . . . . . . . . . . 0.3216 
'X-RAY DIFFRACTION' 2.54 2.66  . . 140 1268 100.00 . . . . 0.2953 . . . . . . . . . . . 0.3507 
'X-RAY DIFFRACTION' 2.66 2.80  . . 143 1254 100.00 . . . . 0.3127 . . . . . . . . . . . 0.3970 
'X-RAY DIFFRACTION' 2.80 2.97  . . 145 1263 100.00 . . . . 0.3317 . . . . . . . . . . . 0.4225 
'X-RAY DIFFRACTION' 2.97 3.20  . . 123 1259 100.00 . . . . 0.2353 . . . . . . . . . . . 0.2914 
'X-RAY DIFFRACTION' 3.20 3.52  . . 164 1243 100.00 . . . . 0.2128 . . . . . . . . . . . 0.2702 
'X-RAY DIFFRACTION' 3.52 4.02  . . 134 1261 100.00 . . . . 0.1648 . . . . . . . . . . . 0.1801 
'X-RAY DIFFRACTION' 4.03 5.05  . . 141 1249 100.00 . . . . 0.1442 . . . . . . . . . . . 0.1611 
'X-RAY DIFFRACTION' 5.06 19.50 . . 142 1264 100.00 . . . . 0.1324 . . . . . . . . . . . 0.1642 
# 
_struct.entry_id                     8XZW 
_struct.title                        'Crystal structure of THF-II riboswitch with THF and soaked with Ir' 
_struct.pdbx_model_details           ? 
_struct.pdbx_formula_weight          ? 
_struct.pdbx_formula_weight_method   ? 
_struct.pdbx_model_type_details      ? 
_struct.pdbx_CASP_flag               N 
# 
_struct_keywords.entry_id        8XZW 
_struct_keywords.text            'riboswitch, THF, RNA' 
_struct_keywords.pdbx_keywords   RNA 
# 
loop_
_struct_asym.id 
_struct_asym.pdbx_blank_PDB_chainid_flag 
_struct_asym.pdbx_modified 
_struct_asym.entity_id 
_struct_asym.details 
A N N 1 ? 
B N N 2 ? 
C N N 3 ? 
D N N 4 ? 
E N N 4 ? 
F N N 4 ? 
G N N 5 ? 
# 
_struct_ref.id                         1 
_struct_ref.db_name                    PDB 
_struct_ref.db_code                    8XZW 
_struct_ref.pdbx_db_accession          8XZW 
_struct_ref.pdbx_db_isoform            ? 
_struct_ref.entity_id                  1 
_struct_ref.pdbx_seq_one_letter_code   ? 
_struct_ref.pdbx_align_begin           1 
# 
_struct_ref_seq.align_id                      1 
_struct_ref_seq.ref_id                        1 
_struct_ref_seq.pdbx_PDB_id_code              8XZW 
_struct_ref_seq.pdbx_strand_id                A 
_struct_ref_seq.seq_align_beg                 1 
_struct_ref_seq.pdbx_seq_align_beg_ins_code   ? 
_struct_ref_seq.seq_align_end                 53 
_struct_ref_seq.pdbx_seq_align_end_ins_code   ? 
_struct_ref_seq.pdbx_db_accession             8XZW 
_struct_ref_seq.db_align_beg                  1 
_struct_ref_seq.pdbx_db_align_beg_ins_code    ? 
_struct_ref_seq.db_align_end                  53 
_struct_ref_seq.pdbx_db_align_end_ins_code    ? 
_struct_ref_seq.pdbx_auth_seq_align_beg       1 
_struct_ref_seq.pdbx_auth_seq_align_end       53 
# 
_pdbx_struct_assembly.id                   1 
_pdbx_struct_assembly.details              author_defined_assembly 
_pdbx_struct_assembly.method_details       ? 
_pdbx_struct_assembly.oligomeric_details   monomeric 
_pdbx_struct_assembly.oligomeric_count     1 
# 
_pdbx_struct_assembly_gen.assembly_id       1 
_pdbx_struct_assembly_gen.oper_expression   1 
_pdbx_struct_assembly_gen.asym_id_list      A,B,C,D,E,F,G 
# 
_pdbx_struct_assembly_auth_evidence.id                     1 
_pdbx_struct_assembly_auth_evidence.assembly_id            1 
_pdbx_struct_assembly_auth_evidence.experimental_support   'isothermal titration calorimetry' 
_pdbx_struct_assembly_auth_evidence.details                ? 
# 
_pdbx_struct_oper_list.id                   1 
_pdbx_struct_oper_list.type                 'identity operation' 
_pdbx_struct_oper_list.name                 1_555 
_pdbx_struct_oper_list.symmetry_operation   x,y,z 
_pdbx_struct_oper_list.matrix[1][1]         1.0000000000 
_pdbx_struct_oper_list.matrix[1][2]         0.0000000000 
_pdbx_struct_oper_list.matrix[1][3]         0.0000000000 
_pdbx_struct_oper_list.vector[1]            0.0000000000 
_pdbx_struct_oper_list.matrix[2][1]         0.0000000000 
_pdbx_struct_oper_list.matrix[2][2]         1.0000000000 
_pdbx_struct_oper_list.matrix[2][3]         0.0000000000 
_pdbx_struct_oper_list.vector[2]            0.0000000000 
_pdbx_struct_oper_list.matrix[3][1]         0.0000000000 
_pdbx_struct_oper_list.matrix[3][2]         0.0000000000 
_pdbx_struct_oper_list.matrix[3][3]         1.0000000000 
_pdbx_struct_oper_list.vector[3]            0.0000000000 
# 
loop_
_struct_conn.id 
_struct_conn.conn_type_id 
_struct_conn.pdbx_leaving_atom_flag 
_struct_conn.pdbx_PDB_id 
_struct_conn.ptnr1_label_asym_id 
_struct_conn.ptnr1_label_comp_id 
_struct_conn.ptnr1_label_seq_id 
_struct_conn.ptnr1_label_atom_id 
_struct_conn.pdbx_ptnr1_label_alt_id 
_struct_conn.pdbx_ptnr1_PDB_ins_code 
_struct_conn.pdbx_ptnr1_standard_comp_id 
_struct_conn.ptnr1_symmetry 
_struct_conn.ptnr2_label_asym_id 
_struct_conn.ptnr2_label_comp_id 
_struct_conn.ptnr2_label_seq_id 
_struct_conn.ptnr2_label_atom_id 
_struct_conn.pdbx_ptnr2_label_alt_id 
_struct_conn.pdbx_ptnr2_PDB_ins_code 
_struct_conn.ptnr1_auth_asym_id 
_struct_conn.ptnr1_auth_comp_id 
_struct_conn.ptnr1_auth_seq_id 
_struct_conn.ptnr2_auth_asym_id 
_struct_conn.ptnr2_auth_comp_id 
_struct_conn.ptnr2_auth_seq_id 
_struct_conn.ptnr2_symmetry 
_struct_conn.pdbx_ptnr3_label_atom_id 
_struct_conn.pdbx_ptnr3_label_seq_id 
_struct_conn.pdbx_ptnr3_label_comp_id 
_struct_conn.pdbx_ptnr3_label_asym_id 
_struct_conn.pdbx_ptnr3_label_alt_id 
_struct_conn.pdbx_ptnr3_PDB_ins_code 
_struct_conn.details 
_struct_conn.pdbx_dist_value 
_struct_conn.pdbx_value_order 
_struct_conn.pdbx_role 
covale1  covale both ? A GTP 1  "O3'" ? ? ? 1_555 A G   2  P  ? ? A GTP 1   A G   2   1_555 ? ? ? ? ? ? ?             1.669 ? ? 
metalc1  metalc ?    ? A U   53 "O3'" ? ? ? 1_555 D MG  .  MG ? ? A U   53  A MG  103 1_555 ? ? ? ? ? ? ?             1.828 ? ? 
metalc2  metalc ?    ? A U   53 "O2'" ? ? ? 1_555 D MG  .  MG ? ? A U   53  A MG  103 1_555 ? ? ? ? ? ? ?             1.966 ? ? 
metalc3  metalc ?    ? D MG  .  MG    ? ? ? 1_555 G HOH .  O  ? ? A MG  103 A HOH 202 1_555 ? ? ? ? ? ? ?             2.405 ? ? 
metalc4  metalc ?    ? E MG  .  MG    ? ? ? 1_555 G HOH .  O  ? ? A MG  104 A HOH 208 1_555 ? ? ? ? ? ? ?             1.977 ? ? 
metalc5  metalc ?    ? F MG  .  MG    ? ? ? 1_555 G HOH .  O  ? ? A MG  105 A HOH 203 1_555 ? ? ? ? ? ? ?             2.347 ? ? 
metalc6  metalc ?    ? F MG  .  MG    ? ? ? 1_555 G HOH .  O  ? ? A MG  105 A HOH 204 1_555 ? ? ? ? ? ? ?             2.450 ? ? 
metalc7  metalc ?    ? F MG  .  MG    ? ? ? 1_555 G HOH .  O  ? ? A MG  105 A HOH 207 1_555 ? ? ? ? ? ? ?             2.127 ? ? 
hydrog1  hydrog ?    ? A GTP 1  N1    ? ? ? 1_555 A U   53 O2 ? ? A GTP 1   A U   53  1_555 ? ? ? ? ? ? TYPE_28_PAIR  ?     ? ? 
hydrog2  hydrog ?    ? A GTP 1  O6    ? ? ? 1_555 A U   53 N3 ? ? A GTP 1   A U   53  1_555 ? ? ? ? ? ? TYPE_28_PAIR  ?     ? ? 
hydrog3  hydrog ?    ? A G   2  N1    ? ? ? 1_555 A C   52 N3 ? ? A G   2   A C   52  1_555 ? ? ? ? ? ? WATSON-CRICK  ?     ? ? 
hydrog4  hydrog ?    ? A G   2  N2    ? ? ? 1_555 A C   52 O2 ? ? A G   2   A C   52  1_555 ? ? ? ? ? ? WATSON-CRICK  ?     ? ? 
hydrog5  hydrog ?    ? A G   2  O6    ? ? ? 1_555 A C   52 N4 ? ? A G   2   A C   52  1_555 ? ? ? ? ? ? WATSON-CRICK  ?     ? ? 
hydrog6  hydrog ?    ? A G   3  N1    ? ? ? 1_555 A C   51 N3 ? ? A G   3   A C   51  1_555 ? ? ? ? ? ? WATSON-CRICK  ?     ? ? 
hydrog7  hydrog ?    ? A G   3  N2    ? ? ? 1_555 A C   51 O2 ? ? A G   3   A C   51  1_555 ? ? ? ? ? ? WATSON-CRICK  ?     ? ? 
hydrog8  hydrog ?    ? A G   3  O6    ? ? ? 1_555 A C   51 N4 ? ? A G   3   A C   51  1_555 ? ? ? ? ? ? WATSON-CRICK  ?     ? ? 
hydrog9  hydrog ?    ? A U   4  N3    ? ? ? 1_555 A G   50 O6 ? ? A U   4   A G   50  1_555 ? ? ? ? ? ? TYPE_28_PAIR  ?     ? ? 
hydrog10 hydrog ?    ? A U   4  O2    ? ? ? 1_555 A G   50 N1 ? ? A U   4   A G   50  1_555 ? ? ? ? ? ? TYPE_28_PAIR  ?     ? ? 
hydrog11 hydrog ?    ? A G   5  N1    ? ? ? 1_555 A C   49 N3 ? ? A G   5   A C   49  1_555 ? ? ? ? ? ? WATSON-CRICK  ?     ? ? 
hydrog12 hydrog ?    ? A G   5  N2    ? ? ? 1_555 A C   49 O2 ? ? A G   5   A C   49  1_555 ? ? ? ? ? ? WATSON-CRICK  ?     ? ? 
hydrog13 hydrog ?    ? A G   5  O6    ? ? ? 1_555 A C   49 N4 ? ? A G   5   A C   49  1_555 ? ? ? ? ? ? WATSON-CRICK  ?     ? ? 
hydrog14 hydrog ?    ? A U   6  N3    ? ? ? 1_555 A G   48 O6 ? ? A U   6   A G   48  1_555 ? ? ? ? ? ? TYPE_28_PAIR  ?     ? ? 
hydrog15 hydrog ?    ? A U   6  O2    ? ? ? 1_555 A G   48 N1 ? ? A U   6   A G   48  1_555 ? ? ? ? ? ? TYPE_28_PAIR  ?     ? ? 
hydrog16 hydrog ?    ? A G   7  N2    ? ? ? 1_555 A A   47 N7 ? ? A G   7   A A   47  1_555 ? ? ? ? ? ? TYPE_11_PAIR  ?     ? ? 
hydrog17 hydrog ?    ? A G   7  N3    ? ? ? 1_555 A A   47 N6 ? ? A G   7   A A   47  1_555 ? ? ? ? ? ? TYPE_11_PAIR  ?     ? ? 
hydrog18 hydrog ?    ? A A   9  N6    ? ? ? 1_555 A G   46 N3 ? ? A A   9   A G   46  1_555 ? ? ? ? ? ? TYPE_11_PAIR  ?     ? ? 
hydrog19 hydrog ?    ? A A   9  N7    ? ? ? 1_555 A G   46 N2 ? ? A A   9   A G   46  1_555 ? ? ? ? ? ? TYPE_11_PAIR  ?     ? ? 
hydrog20 hydrog ?    ? A C   10 N3    ? ? ? 1_555 A G   45 N1 ? ? A C   10  A G   45  1_555 ? ? ? ? ? ? WATSON-CRICK  ?     ? ? 
hydrog21 hydrog ?    ? A C   10 N4    ? ? ? 1_555 A G   45 O6 ? ? A C   10  A G   45  1_555 ? ? ? ? ? ? WATSON-CRICK  ?     ? ? 
hydrog22 hydrog ?    ? A C   10 O2    ? ? ? 1_555 A G   45 N2 ? ? A C   10  A G   45  1_555 ? ? ? ? ? ? WATSON-CRICK  ?     ? ? 
hydrog23 hydrog ?    ? A C   11 N3    ? ? ? 1_555 A G   44 N1 ? ? A C   11  A G   44  1_555 ? ? ? ? ? ? WATSON-CRICK  ?     ? ? 
hydrog24 hydrog ?    ? A C   11 N4    ? ? ? 1_555 A G   44 O6 ? ? A C   11  A G   44  1_555 ? ? ? ? ? ? WATSON-CRICK  ?     ? ? 
hydrog25 hydrog ?    ? A C   11 O2    ? ? ? 1_555 A G   44 N2 ? ? A C   11  A G   44  1_555 ? ? ? ? ? ? WATSON-CRICK  ?     ? ? 
hydrog26 hydrog ?    ? A G   12 N1    ? ? ? 1_555 A C   43 N3 ? ? A G   12  A C   43  1_555 ? ? ? ? ? ? WATSON-CRICK  ?     ? ? 
hydrog27 hydrog ?    ? A G   12 N2    ? ? ? 1_555 A C   43 O2 ? ? A G   12  A C   43  1_555 ? ? ? ? ? ? WATSON-CRICK  ?     ? ? 
hydrog28 hydrog ?    ? A G   12 O6    ? ? ? 1_555 A C   43 N4 ? ? A G   12  A C   43  1_555 ? ? ? ? ? ? WATSON-CRICK  ?     ? ? 
hydrog29 hydrog ?    ? A U   13 N3    ? ? ? 1_555 A A   42 N1 ? ? A U   13  A A   42  1_555 ? ? ? ? ? ? WATSON-CRICK  ?     ? ? 
hydrog30 hydrog ?    ? A U   13 O4    ? ? ? 1_555 A A   42 N6 ? ? A U   13  A A   42  1_555 ? ? ? ? ? ? WATSON-CRICK  ?     ? ? 
hydrog31 hydrog ?    ? A U   14 N3    ? ? ? 1_555 A A   17 N7 ? ? A U   14  A A   17  1_555 ? ? ? ? ? ? HOOGSTEEN     ?     ? ? 
hydrog32 hydrog ?    ? A U   14 O4    ? ? ? 1_555 A A   17 N6 ? ? A U   14  A A   17  1_555 ? ? ? ? ? ? HOOGSTEEN     ?     ? ? 
hydrog33 hydrog ?    ? A A   16 N6    ? ? ? 1_555 A C   43 O2 ? ? A A   16  A C   43  1_555 ? ? ? ? ? ? 'A-C MISPAIR' ?     ? ? 
hydrog34 hydrog ?    ? A A   17 N6    ? ? ? 1_555 A A   42 N3 ? ? A A   17  A A   42  1_555 ? ? ? ? ? ? 'A-A MISPAIR' ?     ? ? 
hydrog35 hydrog ?    ? A G   21 N1    ? ? ? 1_555 A C   40 N3 ? ? A G   21  A C   40  1_555 ? ? ? ? ? ? WATSON-CRICK  ?     ? ? 
hydrog36 hydrog ?    ? A G   21 N2    ? ? ? 1_555 A C   40 O2 ? ? A G   21  A C   40  1_555 ? ? ? ? ? ? WATSON-CRICK  ?     ? ? 
hydrog37 hydrog ?    ? A G   21 O6    ? ? ? 1_555 A C   40 N4 ? ? A G   21  A C   40  1_555 ? ? ? ? ? ? WATSON-CRICK  ?     ? ? 
hydrog38 hydrog ?    ? A U   22 N3    ? ? ? 1_555 A A   39 N1 ? ? A U   22  A A   39  1_555 ? ? ? ? ? ? WATSON-CRICK  ?     ? ? 
hydrog39 hydrog ?    ? A U   22 O4    ? ? ? 1_555 A A   39 N6 ? ? A U   22  A A   39  1_555 ? ? ? ? ? ? WATSON-CRICK  ?     ? ? 
hydrog40 hydrog ?    ? A C   23 N3    ? ? ? 1_555 A G   38 N1 ? ? A C   23  A G   38  1_555 ? ? ? ? ? ? WATSON-CRICK  ?     ? ? 
hydrog41 hydrog ?    ? A C   23 N4    ? ? ? 1_555 A G   38 O6 ? ? A C   23  A G   38  1_555 ? ? ? ? ? ? WATSON-CRICK  ?     ? ? 
hydrog42 hydrog ?    ? A C   23 O2    ? ? ? 1_555 A G   38 N2 ? ? A C   23  A G   38  1_555 ? ? ? ? ? ? WATSON-CRICK  ?     ? ? 
hydrog43 hydrog ?    ? A C   24 N3    ? ? ? 1_555 A G   37 N1 ? ? A C   24  A G   37  1_555 ? ? ? ? ? ? WATSON-CRICK  ?     ? ? 
hydrog44 hydrog ?    ? A C   24 N4    ? ? ? 1_555 A G   37 O6 ? ? A C   24  A G   37  1_555 ? ? ? ? ? ? WATSON-CRICK  ?     ? ? 
hydrog45 hydrog ?    ? A C   24 O2    ? ? ? 1_555 A G   37 N2 ? ? A C   24  A G   37  1_555 ? ? ? ? ? ? WATSON-CRICK  ?     ? ? 
hydrog46 hydrog ?    ? A C   25 N3    ? ? ? 1_555 A G   36 N1 ? ? A C   25  A G   36  1_555 ? ? ? ? ? ? WATSON-CRICK  ?     ? ? 
hydrog47 hydrog ?    ? A C   25 N4    ? ? ? 1_555 A G   36 O6 ? ? A C   25  A G   36  1_555 ? ? ? ? ? ? WATSON-CRICK  ?     ? ? 
hydrog48 hydrog ?    ? A C   25 O2    ? ? ? 1_555 A G   36 N2 ? ? A C   25  A G   36  1_555 ? ? ? ? ? ? WATSON-CRICK  ?     ? ? 
hydrog49 hydrog ?    ? A A   26 N1    ? ? ? 1_555 A U   35 N3 ? ? A A   26  A U   35  1_555 ? ? ? ? ? ? WATSON-CRICK  ?     ? ? 
hydrog50 hydrog ?    ? A A   26 N6    ? ? ? 1_555 A U   35 O4 ? ? A A   26  A U   35  1_555 ? ? ? ? ? ? WATSON-CRICK  ?     ? ? 
hydrog51 hydrog ?    ? A G   27 N1    ? ? ? 1_555 A C   34 N3 ? ? A G   27  A C   34  1_555 ? ? ? ? ? ? WATSON-CRICK  ?     ? ? 
hydrog52 hydrog ?    ? A G   27 N2    ? ? ? 1_555 A C   34 O2 ? ? A G   27  A C   34  1_555 ? ? ? ? ? ? WATSON-CRICK  ?     ? ? 
hydrog53 hydrog ?    ? A G   27 O6    ? ? ? 1_555 A C   34 N4 ? ? A G   27  A C   34  1_555 ? ? ? ? ? ? WATSON-CRICK  ?     ? ? 
hydrog54 hydrog ?    ? A C   28 N3    ? ? ? 1_555 A G   32 N1 ? ? A C   28  A G   32  1_555 ? ? ? ? ? ? WATSON-CRICK  ?     ? ? 
hydrog55 hydrog ?    ? A C   28 N4    ? ? ? 1_555 A G   32 O6 ? ? A C   28  A G   32  1_555 ? ? ? ? ? ? WATSON-CRICK  ?     ? ? 
hydrog56 hydrog ?    ? A C   28 O2    ? ? ? 1_555 A G   32 N2 ? ? A C   28  A G   32  1_555 ? ? ? ? ? ? WATSON-CRICK  ?     ? ? 
# 
loop_
_struct_conn_type.id 
_struct_conn_type.criteria 
_struct_conn_type.reference 
covale ? ? 
metalc ? ? 
hydrog ? ? 
# 
loop_
_pdbx_struct_conn_angle.id 
_pdbx_struct_conn_angle.ptnr1_label_atom_id 
_pdbx_struct_conn_angle.ptnr1_label_alt_id 
_pdbx_struct_conn_angle.ptnr1_label_asym_id 
_pdbx_struct_conn_angle.ptnr1_label_comp_id 
_pdbx_struct_conn_angle.ptnr1_label_seq_id 
_pdbx_struct_conn_angle.ptnr1_auth_atom_id 
_pdbx_struct_conn_angle.ptnr1_auth_asym_id 
_pdbx_struct_conn_angle.ptnr1_auth_comp_id 
_pdbx_struct_conn_angle.ptnr1_auth_seq_id 
_pdbx_struct_conn_angle.ptnr1_PDB_ins_code 
_pdbx_struct_conn_angle.ptnr1_symmetry 
_pdbx_struct_conn_angle.ptnr2_label_atom_id 
_pdbx_struct_conn_angle.ptnr2_label_alt_id 
_pdbx_struct_conn_angle.ptnr2_label_asym_id 
_pdbx_struct_conn_angle.ptnr2_label_comp_id 
_pdbx_struct_conn_angle.ptnr2_label_seq_id 
_pdbx_struct_conn_angle.ptnr2_auth_atom_id 
_pdbx_struct_conn_angle.ptnr2_auth_asym_id 
_pdbx_struct_conn_angle.ptnr2_auth_comp_id 
_pdbx_struct_conn_angle.ptnr2_auth_seq_id 
_pdbx_struct_conn_angle.ptnr2_PDB_ins_code 
_pdbx_struct_conn_angle.ptnr2_symmetry 
_pdbx_struct_conn_angle.ptnr3_label_atom_id 
_pdbx_struct_conn_angle.ptnr3_label_alt_id 
_pdbx_struct_conn_angle.ptnr3_label_asym_id 
_pdbx_struct_conn_angle.ptnr3_label_comp_id 
_pdbx_struct_conn_angle.ptnr3_label_seq_id 
_pdbx_struct_conn_angle.ptnr3_auth_atom_id 
_pdbx_struct_conn_angle.ptnr3_auth_asym_id 
_pdbx_struct_conn_angle.ptnr3_auth_comp_id 
_pdbx_struct_conn_angle.ptnr3_auth_seq_id 
_pdbx_struct_conn_angle.ptnr3_PDB_ins_code 
_pdbx_struct_conn_angle.ptnr3_symmetry 
_pdbx_struct_conn_angle.value 
_pdbx_struct_conn_angle.value_esd 
1 "O3'" ? A U   53 ? A U   53  ? 1_555 MG ? D MG . ? A MG 103 ? 1_555 "O2'" ? A U   53 ? A U   53  ? 1_555 89.8  ? 
2 "O3'" ? A U   53 ? A U   53  ? 1_555 MG ? D MG . ? A MG 103 ? 1_555 O     ? G HOH .  ? A HOH 202 ? 1_555 63.7  ? 
3 "O2'" ? A U   53 ? A U   53  ? 1_555 MG ? D MG . ? A MG 103 ? 1_555 O     ? G HOH .  ? A HOH 202 ? 1_555 113.8 ? 
4 O     ? G HOH .  ? A HOH 203 ? 1_555 MG ? F MG . ? A MG 105 ? 1_555 O     ? G HOH .  ? A HOH 204 ? 1_555 70.2  ? 
5 O     ? G HOH .  ? A HOH 203 ? 1_555 MG ? F MG . ? A MG 105 ? 1_555 O     ? G HOH .  ? A HOH 207 ? 1_555 94.5  ? 
6 O     ? G HOH .  ? A HOH 204 ? 1_555 MG ? F MG . ? A MG 105 ? 1_555 O     ? G HOH .  ? A HOH 207 ? 1_555 163.0 ? 
# 
loop_
_pdbx_validate_close_contact.id 
_pdbx_validate_close_contact.PDB_model_num 
_pdbx_validate_close_contact.auth_atom_id_1 
_pdbx_validate_close_contact.auth_asym_id_1 
_pdbx_validate_close_contact.auth_comp_id_1 
_pdbx_validate_close_contact.auth_seq_id_1 
_pdbx_validate_close_contact.PDB_ins_code_1 
_pdbx_validate_close_contact.label_alt_id_1 
_pdbx_validate_close_contact.auth_atom_id_2 
_pdbx_validate_close_contact.auth_asym_id_2 
_pdbx_validate_close_contact.auth_comp_id_2 
_pdbx_validate_close_contact.auth_seq_id_2 
_pdbx_validate_close_contact.PDB_ins_code_2 
_pdbx_validate_close_contact.label_alt_id_2 
_pdbx_validate_close_contact.dist 
1 1 N7 A A   33  ? ? O A HOH 201 ? ? 2.02 
2 1 O  A HOH 214 ? ? O A HOH 219 ? ? 2.08 
# 
_pdbx_validate_rmsd_angle.id                         1 
_pdbx_validate_rmsd_angle.PDB_model_num              1 
_pdbx_validate_rmsd_angle.auth_atom_id_1             "O3'" 
_pdbx_validate_rmsd_angle.auth_asym_id_1             A 
_pdbx_validate_rmsd_angle.auth_comp_id_1             GTP 
_pdbx_validate_rmsd_angle.auth_seq_id_1              1 
_pdbx_validate_rmsd_angle.PDB_ins_code_1             ? 
_pdbx_validate_rmsd_angle.label_alt_id_1             ? 
_pdbx_validate_rmsd_angle.auth_atom_id_2             P 
_pdbx_validate_rmsd_angle.auth_asym_id_2             A 
_pdbx_validate_rmsd_angle.auth_comp_id_2             G 
_pdbx_validate_rmsd_angle.auth_seq_id_2              2 
_pdbx_validate_rmsd_angle.PDB_ins_code_2             ? 
_pdbx_validate_rmsd_angle.label_alt_id_2             ? 
_pdbx_validate_rmsd_angle.auth_atom_id_3             OP1 
_pdbx_validate_rmsd_angle.auth_asym_id_3             A 
_pdbx_validate_rmsd_angle.auth_comp_id_3             G 
_pdbx_validate_rmsd_angle.auth_seq_id_3              2 
_pdbx_validate_rmsd_angle.PDB_ins_code_3             ? 
_pdbx_validate_rmsd_angle.label_alt_id_3             ? 
_pdbx_validate_rmsd_angle.angle_value                117.50 
_pdbx_validate_rmsd_angle.angle_target_value         110.50 
_pdbx_validate_rmsd_angle.angle_deviation            7.00 
_pdbx_validate_rmsd_angle.angle_standard_deviation   1.10 
_pdbx_validate_rmsd_angle.linker_flag                Y 
# 
_pdbx_entry_details.entry_id                   8XZW 
_pdbx_entry_details.nonpolymer_details         ? 
_pdbx_entry_details.sequence_details           ? 
_pdbx_entry_details.compound_details           ? 
_pdbx_entry_details.source_details             ? 
_pdbx_entry_details.has_ligand_of_interest     Y 
_pdbx_entry_details.has_protein_modification   ? 
# 
loop_
_chem_comp_atom.comp_id 
_chem_comp_atom.atom_id 
_chem_comp_atom.type_symbol 
_chem_comp_atom.pdbx_aromatic_flag 
_chem_comp_atom.pdbx_stereo_config 
_chem_comp_atom.pdbx_ordinal 
A   OP3    O  N N 1   
A   P      P  N N 2   
A   OP1    O  N N 3   
A   OP2    O  N N 4   
A   "O5'"  O  N N 5   
A   "C5'"  C  N N 6   
A   "C4'"  C  N R 7   
A   "O4'"  O  N N 8   
A   "C3'"  C  N S 9   
A   "O3'"  O  N N 10  
A   "C2'"  C  N R 11  
A   "O2'"  O  N N 12  
A   "C1'"  C  N R 13  
A   N9     N  Y N 14  
A   C8     C  Y N 15  
A   N7     N  Y N 16  
A   C5     C  Y N 17  
A   C6     C  Y N 18  
A   N6     N  N N 19  
A   N1     N  Y N 20  
A   C2     C  Y N 21  
A   N3     N  Y N 22  
A   C4     C  Y N 23  
A   HOP3   H  N N 24  
A   HOP2   H  N N 25  
A   "H5'"  H  N N 26  
A   "H5''" H  N N 27  
A   "H4'"  H  N N 28  
A   "H3'"  H  N N 29  
A   "HO3'" H  N N 30  
A   "H2'"  H  N N 31  
A   "HO2'" H  N N 32  
A   "H1'"  H  N N 33  
A   H8     H  N N 34  
A   H61    H  N N 35  
A   H62    H  N N 36  
A   H2     H  N N 37  
C   OP3    O  N N 38  
C   P      P  N N 39  
C   OP1    O  N N 40  
C   OP2    O  N N 41  
C   "O5'"  O  N N 42  
C   "C5'"  C  N N 43  
C   "C4'"  C  N R 44  
C   "O4'"  O  N N 45  
C   "C3'"  C  N S 46  
C   "O3'"  O  N N 47  
C   "C2'"  C  N R 48  
C   "O2'"  O  N N 49  
C   "C1'"  C  N R 50  
C   N1     N  N N 51  
C   C2     C  N N 52  
C   O2     O  N N 53  
C   N3     N  N N 54  
C   C4     C  N N 55  
C   N4     N  N N 56  
C   C5     C  N N 57  
C   C6     C  N N 58  
C   HOP3   H  N N 59  
C   HOP2   H  N N 60  
C   "H5'"  H  N N 61  
C   "H5''" H  N N 62  
C   "H4'"  H  N N 63  
C   "H3'"  H  N N 64  
C   "HO3'" H  N N 65  
C   "H2'"  H  N N 66  
C   "HO2'" H  N N 67  
C   "H1'"  H  N N 68  
C   H41    H  N N 69  
C   H42    H  N N 70  
C   H5     H  N N 71  
C   H6     H  N N 72  
G   OP3    O  N N 73  
G   P      P  N N 74  
G   OP1    O  N N 75  
G   OP2    O  N N 76  
G   "O5'"  O  N N 77  
G   "C5'"  C  N N 78  
G   "C4'"  C  N R 79  
G   "O4'"  O  N N 80  
G   "C3'"  C  N S 81  
G   "O3'"  O  N N 82  
G   "C2'"  C  N R 83  
G   "O2'"  O  N N 84  
G   "C1'"  C  N R 85  
G   N9     N  Y N 86  
G   C8     C  Y N 87  
G   N7     N  Y N 88  
G   C5     C  Y N 89  
G   C6     C  N N 90  
G   O6     O  N N 91  
G   N1     N  N N 92  
G   C2     C  N N 93  
G   N2     N  N N 94  
G   N3     N  N N 95  
G   C4     C  Y N 96  
G   HOP3   H  N N 97  
G   HOP2   H  N N 98  
G   "H5'"  H  N N 99  
G   "H5''" H  N N 100 
G   "H4'"  H  N N 101 
G   "H3'"  H  N N 102 
G   "HO3'" H  N N 103 
G   "H2'"  H  N N 104 
G   "HO2'" H  N N 105 
G   "H1'"  H  N N 106 
G   H8     H  N N 107 
G   H1     H  N N 108 
G   H21    H  N N 109 
G   H22    H  N N 110 
GTP PG     P  N N 111 
GTP O1G    O  N N 112 
GTP O2G    O  N N 113 
GTP O3G    O  N N 114 
GTP O3B    O  N N 115 
GTP PB     P  N N 116 
GTP O1B    O  N N 117 
GTP O2B    O  N N 118 
GTP O3A    O  N N 119 
GTP PA     P  N N 120 
GTP O1A    O  N N 121 
GTP O2A    O  N N 122 
GTP "O5'"  O  N N 123 
GTP "C5'"  C  N N 124 
GTP "C4'"  C  N R 125 
GTP "O4'"  O  N N 126 
GTP "C3'"  C  N S 127 
GTP "O3'"  O  N N 128 
GTP "C2'"  C  N R 129 
GTP "O2'"  O  N N 130 
GTP "C1'"  C  N R 131 
GTP N9     N  Y N 132 
GTP C8     C  Y N 133 
GTP N7     N  Y N 134 
GTP C5     C  Y N 135 
GTP C6     C  N N 136 
GTP O6     O  N N 137 
GTP N1     N  N N 138 
GTP C2     C  N N 139 
GTP N2     N  N N 140 
GTP N3     N  N N 141 
GTP C4     C  Y N 142 
GTP HOG2   H  N N 143 
GTP HOG3   H  N N 144 
GTP HOB2   H  N N 145 
GTP HOA2   H  N N 146 
GTP "H5'"  H  N N 147 
GTP "H5''" H  N N 148 
GTP "H4'"  H  N N 149 
GTP "H3'"  H  N N 150 
GTP "HO3'" H  N N 151 
GTP "H2'"  H  N N 152 
GTP "HO2'" H  N N 153 
GTP "H1'"  H  N N 154 
GTP H8     H  N N 155 
GTP HN1    H  N N 156 
GTP HN21   H  N N 157 
GTP HN22   H  N N 158 
HOH O      O  N N 159 
HOH H1     H  N N 160 
HOH H2     H  N N 161 
MG  MG     MG N N 162 
SPM N1     N  N N 163 
SPM C2     C  N N 164 
SPM C3     C  N N 165 
SPM C4     C  N N 166 
SPM N5     N  N N 167 
SPM C6     C  N N 168 
SPM C7     C  N N 169 
SPM C8     C  N N 170 
SPM C9     C  N N 171 
SPM N10    N  N N 172 
SPM C11    C  N N 173 
SPM C12    C  N N 174 
SPM C13    C  N N 175 
SPM N14    N  N N 176 
SPM HN11   H  N N 177 
SPM HN12   H  N N 178 
SPM H21    H  N N 179 
SPM H22    H  N N 180 
SPM H31    H  N N 181 
SPM H32    H  N N 182 
SPM H41    H  N N 183 
SPM H42    H  N N 184 
SPM HN5    H  N N 185 
SPM H61    H  N N 186 
SPM H62    H  N N 187 
SPM H71    H  N N 188 
SPM H72    H  N N 189 
SPM H81    H  N N 190 
SPM H82    H  N N 191 
SPM H91    H  N N 192 
SPM H92    H  N N 193 
SPM HN0    H  N N 194 
SPM H111   H  N N 195 
SPM H112   H  N N 196 
SPM H121   H  N N 197 
SPM H122   H  N N 198 
SPM H131   H  N N 199 
SPM H132   H  N N 200 
SPM HN41   H  N N 201 
SPM HN42   H  N N 202 
THG N3     N  Y N 203 
THG C2     C  Y N 204 
THG N1     N  Y N 205 
THG C8A    C  Y N 206 
THG C4A    C  Y N 207 
THG C4     C  Y N 208 
THG N8     N  N N 209 
THG C7     C  N N 210 
THG C6     C  N S 211 
THG N5     N  N N 212 
THG C9     C  N N 213 
THG N10    N  N N 214 
THG "C4'"  C  Y N 215 
THG "C3'"  C  Y N 216 
THG "C2'"  C  Y N 217 
THG "C1'"  C  Y N 218 
THG "C6'"  C  Y N 219 
THG "C5'"  C  Y N 220 
THG C11    C  N N 221 
THG N      N  N N 222 
THG CA     C  N S 223 
THG C      C  N N 224 
THG OX2    O  N N 225 
THG OX1    O  N N 226 
THG CB     C  N N 227 
THG CG     C  N N 228 
THG CD     C  N N 229 
THG OE1    O  N N 230 
THG OE2    O  N N 231 
THG O11    O  N N 232 
THG O4     O  N N 233 
THG N2     N  N N 234 
THG HN3    H  N N 235 
THG HN8    H  N N 236 
THG HC71   H  N N 237 
THG HC72   H  N N 238 
THG HC6    H  N N 239 
THG HN5    H  N N 240 
THG HC91   H  N N 241 
THG HC92   H  N N 242 
THG H10    H  N N 243 
THG HC3    H  N N 244 
THG HC2    H  N N 245 
THG HC61   H  N N 246 
THG HC5    H  N N 247 
THG HN     H  N N 248 
THG HCA    H  N N 249 
THG HX2    H  N N 250 
THG HCB1   H  N N 251 
THG HCB2   H  N N 252 
THG HCG1   H  N N 253 
THG HCG2   H  N N 254 
THG HE2    H  N N 255 
THG HN21   H  N N 256 
THG HN22   H  N N 257 
U   OP3    O  N N 258 
U   P      P  N N 259 
U   OP1    O  N N 260 
U   OP2    O  N N 261 
U   "O5'"  O  N N 262 
U   "C5'"  C  N N 263 
U   "C4'"  C  N R 264 
U   "O4'"  O  N N 265 
U   "C3'"  C  N S 266 
U   "O3'"  O  N N 267 
U   "C2'"  C  N R 268 
U   "O2'"  O  N N 269 
U   "C1'"  C  N R 270 
U   N1     N  N N 271 
U   C2     C  N N 272 
U   O2     O  N N 273 
U   N3     N  N N 274 
U   C4     C  N N 275 
U   O4     O  N N 276 
U   C5     C  N N 277 
U   C6     C  N N 278 
U   HOP3   H  N N 279 
U   HOP2   H  N N 280 
U   "H5'"  H  N N 281 
U   "H5''" H  N N 282 
U   "H4'"  H  N N 283 
U   "H3'"  H  N N 284 
U   "HO3'" H  N N 285 
U   "H2'"  H  N N 286 
U   "HO2'" H  N N 287 
U   "H1'"  H  N N 288 
U   H3     H  N N 289 
U   H5     H  N N 290 
U   H6     H  N N 291 
# 
loop_
_chem_comp_bond.comp_id 
_chem_comp_bond.atom_id_1 
_chem_comp_bond.atom_id_2 
_chem_comp_bond.value_order 
_chem_comp_bond.pdbx_aromatic_flag 
_chem_comp_bond.pdbx_stereo_config 
_chem_comp_bond.pdbx_ordinal 
A   OP3   P      sing N N 1   
A   OP3   HOP3   sing N N 2   
A   P     OP1    doub N N 3   
A   P     OP2    sing N N 4   
A   P     "O5'"  sing N N 5   
A   OP2   HOP2   sing N N 6   
A   "O5'" "C5'"  sing N N 7   
A   "C5'" "C4'"  sing N N 8   
A   "C5'" "H5'"  sing N N 9   
A   "C5'" "H5''" sing N N 10  
A   "C4'" "O4'"  sing N N 11  
A   "C4'" "C3'"  sing N N 12  
A   "C4'" "H4'"  sing N N 13  
A   "O4'" "C1'"  sing N N 14  
A   "C3'" "O3'"  sing N N 15  
A   "C3'" "C2'"  sing N N 16  
A   "C3'" "H3'"  sing N N 17  
A   "O3'" "HO3'" sing N N 18  
A   "C2'" "O2'"  sing N N 19  
A   "C2'" "C1'"  sing N N 20  
A   "C2'" "H2'"  sing N N 21  
A   "O2'" "HO2'" sing N N 22  
A   "C1'" N9     sing N N 23  
A   "C1'" "H1'"  sing N N 24  
A   N9    C8     sing Y N 25  
A   N9    C4     sing Y N 26  
A   C8    N7     doub Y N 27  
A   C8    H8     sing N N 28  
A   N7    C5     sing Y N 29  
A   C5    C6     sing Y N 30  
A   C5    C4     doub Y N 31  
A   C6    N6     sing N N 32  
A   C6    N1     doub Y N 33  
A   N6    H61    sing N N 34  
A   N6    H62    sing N N 35  
A   N1    C2     sing Y N 36  
A   C2    N3     doub Y N 37  
A   C2    H2     sing N N 38  
A   N3    C4     sing Y N 39  
C   OP3   P      sing N N 40  
C   OP3   HOP3   sing N N 41  
C   P     OP1    doub N N 42  
C   P     OP2    sing N N 43  
C   P     "O5'"  sing N N 44  
C   OP2   HOP2   sing N N 45  
C   "O5'" "C5'"  sing N N 46  
C   "C5'" "C4'"  sing N N 47  
C   "C5'" "H5'"  sing N N 48  
C   "C5'" "H5''" sing N N 49  
C   "C4'" "O4'"  sing N N 50  
C   "C4'" "C3'"  sing N N 51  
C   "C4'" "H4'"  sing N N 52  
C   "O4'" "C1'"  sing N N 53  
C   "C3'" "O3'"  sing N N 54  
C   "C3'" "C2'"  sing N N 55  
C   "C3'" "H3'"  sing N N 56  
C   "O3'" "HO3'" sing N N 57  
C   "C2'" "O2'"  sing N N 58  
C   "C2'" "C1'"  sing N N 59  
C   "C2'" "H2'"  sing N N 60  
C   "O2'" "HO2'" sing N N 61  
C   "C1'" N1     sing N N 62  
C   "C1'" "H1'"  sing N N 63  
C   N1    C2     sing N N 64  
C   N1    C6     sing N N 65  
C   C2    O2     doub N N 66  
C   C2    N3     sing N N 67  
C   N3    C4     doub N N 68  
C   C4    N4     sing N N 69  
C   C4    C5     sing N N 70  
C   N4    H41    sing N N 71  
C   N4    H42    sing N N 72  
C   C5    C6     doub N N 73  
C   C5    H5     sing N N 74  
C   C6    H6     sing N N 75  
G   OP3   P      sing N N 76  
G   OP3   HOP3   sing N N 77  
G   P     OP1    doub N N 78  
G   P     OP2    sing N N 79  
G   P     "O5'"  sing N N 80  
G   OP2   HOP2   sing N N 81  
G   "O5'" "C5'"  sing N N 82  
G   "C5'" "C4'"  sing N N 83  
G   "C5'" "H5'"  sing N N 84  
G   "C5'" "H5''" sing N N 85  
G   "C4'" "O4'"  sing N N 86  
G   "C4'" "C3'"  sing N N 87  
G   "C4'" "H4'"  sing N N 88  
G   "O4'" "C1'"  sing N N 89  
G   "C3'" "O3'"  sing N N 90  
G   "C3'" "C2'"  sing N N 91  
G   "C3'" "H3'"  sing N N 92  
G   "O3'" "HO3'" sing N N 93  
G   "C2'" "O2'"  sing N N 94  
G   "C2'" "C1'"  sing N N 95  
G   "C2'" "H2'"  sing N N 96  
G   "O2'" "HO2'" sing N N 97  
G   "C1'" N9     sing N N 98  
G   "C1'" "H1'"  sing N N 99  
G   N9    C8     sing Y N 100 
G   N9    C4     sing Y N 101 
G   C8    N7     doub Y N 102 
G   C8    H8     sing N N 103 
G   N7    C5     sing Y N 104 
G   C5    C6     sing N N 105 
G   C5    C4     doub Y N 106 
G   C6    O6     doub N N 107 
G   C6    N1     sing N N 108 
G   N1    C2     sing N N 109 
G   N1    H1     sing N N 110 
G   C2    N2     sing N N 111 
G   C2    N3     doub N N 112 
G   N2    H21    sing N N 113 
G   N2    H22    sing N N 114 
G   N3    C4     sing N N 115 
GTP PG    O1G    doub N N 116 
GTP PG    O2G    sing N N 117 
GTP PG    O3G    sing N N 118 
GTP PG    O3B    sing N N 119 
GTP O2G   HOG2   sing N N 120 
GTP O3G   HOG3   sing N N 121 
GTP O3B   PB     sing N N 122 
GTP PB    O1B    doub N N 123 
GTP PB    O2B    sing N N 124 
GTP PB    O3A    sing N N 125 
GTP O2B   HOB2   sing N N 126 
GTP O3A   PA     sing N N 127 
GTP PA    O1A    doub N N 128 
GTP PA    O2A    sing N N 129 
GTP PA    "O5'"  sing N N 130 
GTP O2A   HOA2   sing N N 131 
GTP "O5'" "C5'"  sing N N 132 
GTP "C5'" "C4'"  sing N N 133 
GTP "C5'" "H5'"  sing N N 134 
GTP "C5'" "H5''" sing N N 135 
GTP "C4'" "O4'"  sing N N 136 
GTP "C4'" "C3'"  sing N N 137 
GTP "C4'" "H4'"  sing N N 138 
GTP "O4'" "C1'"  sing N N 139 
GTP "C3'" "O3'"  sing N N 140 
GTP "C3'" "C2'"  sing N N 141 
GTP "C3'" "H3'"  sing N N 142 
GTP "O3'" "HO3'" sing N N 143 
GTP "C2'" "O2'"  sing N N 144 
GTP "C2'" "C1'"  sing N N 145 
GTP "C2'" "H2'"  sing N N 146 
GTP "O2'" "HO2'" sing N N 147 
GTP "C1'" N9     sing N N 148 
GTP "C1'" "H1'"  sing N N 149 
GTP N9    C8     sing Y N 150 
GTP N9    C4     sing Y N 151 
GTP C8    N7     doub Y N 152 
GTP C8    H8     sing N N 153 
GTP N7    C5     sing Y N 154 
GTP C5    C6     sing N N 155 
GTP C5    C4     doub Y N 156 
GTP C6    O6     doub N N 157 
GTP C6    N1     sing N N 158 
GTP N1    C2     sing N N 159 
GTP N1    HN1    sing N N 160 
GTP C2    N2     sing N N 161 
GTP C2    N3     doub N N 162 
GTP N2    HN21   sing N N 163 
GTP N2    HN22   sing N N 164 
GTP N3    C4     sing N N 165 
HOH O     H1     sing N N 166 
HOH O     H2     sing N N 167 
SPM N1    C2     sing N N 168 
SPM N1    HN11   sing N N 169 
SPM N1    HN12   sing N N 170 
SPM C2    C3     sing N N 171 
SPM C2    H21    sing N N 172 
SPM C2    H22    sing N N 173 
SPM C3    C4     sing N N 174 
SPM C3    H31    sing N N 175 
SPM C3    H32    sing N N 176 
SPM C4    N5     sing N N 177 
SPM C4    H41    sing N N 178 
SPM C4    H42    sing N N 179 
SPM N5    C6     sing N N 180 
SPM N5    HN5    sing N N 181 
SPM C6    C7     sing N N 182 
SPM C6    H61    sing N N 183 
SPM C6    H62    sing N N 184 
SPM C7    C8     sing N N 185 
SPM C7    H71    sing N N 186 
SPM C7    H72    sing N N 187 
SPM C8    C9     sing N N 188 
SPM C8    H81    sing N N 189 
SPM C8    H82    sing N N 190 
SPM C9    N10    sing N N 191 
SPM C9    H91    sing N N 192 
SPM C9    H92    sing N N 193 
SPM N10   C11    sing N N 194 
SPM N10   HN0    sing N N 195 
SPM C11   C12    sing N N 196 
SPM C11   H111   sing N N 197 
SPM C11   H112   sing N N 198 
SPM C12   C13    sing N N 199 
SPM C12   H121   sing N N 200 
SPM C12   H122   sing N N 201 
SPM C13   N14    sing N N 202 
SPM C13   H131   sing N N 203 
SPM C13   H132   sing N N 204 
SPM N14   HN41   sing N N 205 
SPM N14   HN42   sing N N 206 
THG N3    C2     sing Y N 207 
THG N3    C4     sing Y N 208 
THG N3    HN3    sing N N 209 
THG C2    N1     doub Y N 210 
THG C2    N2     sing N N 211 
THG N1    C8A    sing Y N 212 
THG C8A   C4A    doub Y N 213 
THG C8A   N8     sing N N 214 
THG C4A   C4     sing Y N 215 
THG C4A   N5     sing N N 216 
THG C4    O4     doub N N 217 
THG N8    C7     sing N N 218 
THG N8    HN8    sing N N 219 
THG C7    C6     sing N N 220 
THG C7    HC71   sing N N 221 
THG C7    HC72   sing N N 222 
THG C6    N5     sing N N 223 
THG C6    C9     sing N N 224 
THG C6    HC6    sing N N 225 
THG N5    HN5    sing N N 226 
THG C9    N10    sing N N 227 
THG C9    HC91   sing N N 228 
THG C9    HC92   sing N N 229 
THG N10   "C4'"  sing N N 230 
THG N10   H10    sing N N 231 
THG "C4'" "C3'"  doub Y N 232 
THG "C4'" "C5'"  sing Y N 233 
THG "C3'" "C2'"  sing Y N 234 
THG "C3'" HC3    sing N N 235 
THG "C2'" "C1'"  doub Y N 236 
THG "C2'" HC2    sing N N 237 
THG "C1'" "C6'"  sing Y N 238 
THG "C1'" C11    sing N N 239 
THG "C6'" "C5'"  doub Y N 240 
THG "C6'" HC61   sing N N 241 
THG "C5'" HC5    sing N N 242 
THG C11   N      sing N N 243 
THG C11   O11    doub N N 244 
THG N     CA     sing N N 245 
THG N     HN     sing N N 246 
THG CA    C      sing N N 247 
THG CA    CB     sing N N 248 
THG CA    HCA    sing N N 249 
THG C     OX2    sing N N 250 
THG C     OX1    doub N N 251 
THG OX2   HX2    sing N N 252 
THG CB    CG     sing N N 253 
THG CB    HCB1   sing N N 254 
THG CB    HCB2   sing N N 255 
THG CG    CD     sing N N 256 
THG CG    HCG1   sing N N 257 
THG CG    HCG2   sing N N 258 
THG CD    OE1    doub N N 259 
THG CD    OE2    sing N N 260 
THG OE2   HE2    sing N N 261 
THG N2    HN21   sing N N 262 
THG N2    HN22   sing N N 263 
U   OP3   P      sing N N 264 
U   OP3   HOP3   sing N N 265 
U   P     OP1    doub N N 266 
U   P     OP2    sing N N 267 
U   P     "O5'"  sing N N 268 
U   OP2   HOP2   sing N N 269 
U   "O5'" "C5'"  sing N N 270 
U   "C5'" "C4'"  sing N N 271 
U   "C5'" "H5'"  sing N N 272 
U   "C5'" "H5''" sing N N 273 
U   "C4'" "O4'"  sing N N 274 
U   "C4'" "C3'"  sing N N 275 
U   "C4'" "H4'"  sing N N 276 
U   "O4'" "C1'"  sing N N 277 
U   "C3'" "O3'"  sing N N 278 
U   "C3'" "C2'"  sing N N 279 
U   "C3'" "H3'"  sing N N 280 
U   "O3'" "HO3'" sing N N 281 
U   "C2'" "O2'"  sing N N 282 
U   "C2'" "C1'"  sing N N 283 
U   "C2'" "H2'"  sing N N 284 
U   "O2'" "HO2'" sing N N 285 
U   "C1'" N1     sing N N 286 
U   "C1'" "H1'"  sing N N 287 
U   N1    C2     sing N N 288 
U   N1    C6     sing N N 289 
U   C2    O2     doub N N 290 
U   C2    N3     sing N N 291 
U   N3    C4     sing N N 292 
U   N3    H3     sing N N 293 
U   C4    O4     doub N N 294 
U   C4    C5     sing N N 295 
U   C5    C6     doub N N 296 
U   C5    H5     sing N N 297 
U   C6    H6     sing N N 298 
# 
loop_
_ndb_struct_conf_na.entry_id 
_ndb_struct_conf_na.feature 
8XZW 'double helix'         
8XZW 'a-form double helix'  
8XZW 'hairpin loop'         
8XZW 'bulge loop'           
8XZW 'mismatched base pair' 
8XZW 'triple helix'         
# 
loop_
_ndb_struct_na_base_pair.model_number 
_ndb_struct_na_base_pair.i_label_asym_id 
_ndb_struct_na_base_pair.i_label_comp_id 
_ndb_struct_na_base_pair.i_label_seq_id 
_ndb_struct_na_base_pair.i_symmetry 
_ndb_struct_na_base_pair.j_label_asym_id 
_ndb_struct_na_base_pair.j_label_comp_id 
_ndb_struct_na_base_pair.j_label_seq_id 
_ndb_struct_na_base_pair.j_symmetry 
_ndb_struct_na_base_pair.shear 
_ndb_struct_na_base_pair.stretch 
_ndb_struct_na_base_pair.stagger 
_ndb_struct_na_base_pair.buckle 
_ndb_struct_na_base_pair.propeller 
_ndb_struct_na_base_pair.opening 
_ndb_struct_na_base_pair.pair_number 
_ndb_struct_na_base_pair.pair_name 
_ndb_struct_na_base_pair.i_auth_asym_id 
_ndb_struct_na_base_pair.i_auth_seq_id 
_ndb_struct_na_base_pair.i_PDB_ins_code 
_ndb_struct_na_base_pair.j_auth_asym_id 
_ndb_struct_na_base_pair.j_auth_seq_id 
_ndb_struct_na_base_pair.j_PDB_ins_code 
_ndb_struct_na_base_pair.hbond_type_28 
_ndb_struct_na_base_pair.hbond_type_12 
1 A GTP 1  1_555 A U 53 1_555 -2.100 -0.376 -0.397 -5.232  -0.933  -8.910  1  A_GTP1:U53_A A 1  ? A 53 ? 28 1  
1 A G   2  1_555 A C 52 1_555 -0.268 -0.112 -0.063 0.037   -10.601 1.762   2  A_G2:C52_A   A 2  ? A 52 ? 19 1  
1 A G   3  1_555 A C 51 1_555 -0.301 0.007  -0.005 -3.658  -14.523 8.374   3  A_G3:C51_A   A 3  ? A 51 ? 19 1  
1 A U   4  1_555 A G 50 1_555 2.459  -0.517 0.151  -5.344  -9.322  4.948   4  A_U4:G50_A   A 4  ? A 50 ? 28 1  
1 A G   5  1_555 A C 49 1_555 -0.030 -0.051 -0.333 -9.758  -11.137 3.274   5  A_G5:C49_A   A 5  ? A 49 ? 19 1  
1 A U   6  1_555 A G 48 1_555 2.395  -0.643 0.005  -4.064  -1.085  -6.789  6  A_U6:G48_A   A 6  ? A 48 ? 28 1  
1 A G   7  1_555 A A 47 1_555 6.942  -4.882 0.310  11.580  -2.524  -10.082 7  A_G7:A47_A   A 7  ? A 47 ? 11 10 
1 A A   9  1_555 A G 46 1_555 -6.834 -4.506 0.771  -15.406 -12.910 -0.952  8  A_A9:G46_A   A 9  ? A 46 ? 11 10 
1 A C   10 1_555 A G 45 1_555 0.091  -0.144 0.264  0.380   -6.577  -1.062  9  A_C10:G45_A  A 10 ? A 45 ? 19 1  
1 A C   11 1_555 A G 44 1_555 0.026  -0.177 -0.144 5.003   -11.876 -2.642  10 A_C11:G44_A  A 11 ? A 44 ? 19 1  
1 A G   12 1_555 A C 43 1_555 -0.275 -0.203 0.016  -14.377 -22.468 1.871   11 A_G12:C43_A  A 12 ? A 43 ? 19 1  
1 A U   13 1_555 A A 42 1_555 -0.018 0.026  0.478  -15.188 -11.816 0.562   12 A_U13:A42_A  A 13 ? A 42 ? 20 1  
1 A G   21 1_555 A C 40 1_555 -0.363 -0.158 0.275  1.899   -16.283 4.745   13 A_G21:C40_A  A 21 ? A 40 ? 19 1  
1 A U   22 1_555 A A 39 1_555 -0.029 -0.116 0.016  -0.556  -18.193 1.810   14 A_U22:A39_A  A 22 ? A 39 ? 20 1  
1 A C   23 1_555 A G 38 1_555 0.189  -0.245 0.208  -0.670  -10.581 -1.691  15 A_C23:G38_A  A 23 ? A 38 ? 19 1  
1 A C   24 1_555 A G 37 1_555 0.350  -0.415 0.036  -1.347  -11.201 -3.123  16 A_C24:G37_A  A 24 ? A 37 ? 19 1  
1 A C   25 1_555 A G 36 1_555 0.247  -0.208 -0.016 -0.472  -9.824  -0.341  17 A_C25:G36_A  A 25 ? A 36 ? 19 1  
1 A A   26 1_555 A U 35 1_555 0.013  -0.060 0.042  -3.693  -14.936 5.460   18 A_A26:U35_A  A 26 ? A 35 ? 20 1  
1 A G   27 1_555 A C 34 1_555 -0.212 -0.118 0.267  -6.389  -15.075 2.627   19 A_G27:C34_A  A 27 ? A 34 ? 19 1  
1 A C   28 1_555 A G 32 1_555 0.325  -0.169 -0.333 7.258   1.025   -4.352  20 A_C28:G32_A  A 28 ? A 32 ? 19 1  
1 A U   14 1_555 A A 17 1_555 -0.984 3.579  -0.252 3.449   16.873  -78.682 21 A_U14:A17_A  A 14 ? A 17 ? 23 3  
# 
loop_
_ndb_struct_na_base_pair_step.model_number 
_ndb_struct_na_base_pair_step.i_label_asym_id_1 
_ndb_struct_na_base_pair_step.i_label_comp_id_1 
_ndb_struct_na_base_pair_step.i_label_seq_id_1 
_ndb_struct_na_base_pair_step.i_symmetry_1 
_ndb_struct_na_base_pair_step.j_label_asym_id_1 
_ndb_struct_na_base_pair_step.j_label_comp_id_1 
_ndb_struct_na_base_pair_step.j_label_seq_id_1 
_ndb_struct_na_base_pair_step.j_symmetry_1 
_ndb_struct_na_base_pair_step.i_label_asym_id_2 
_ndb_struct_na_base_pair_step.i_label_comp_id_2 
_ndb_struct_na_base_pair_step.i_label_seq_id_2 
_ndb_struct_na_base_pair_step.i_symmetry_2 
_ndb_struct_na_base_pair_step.j_label_asym_id_2 
_ndb_struct_na_base_pair_step.j_label_comp_id_2 
_ndb_struct_na_base_pair_step.j_label_seq_id_2 
_ndb_struct_na_base_pair_step.j_symmetry_2 
_ndb_struct_na_base_pair_step.shift 
_ndb_struct_na_base_pair_step.slide 
_ndb_struct_na_base_pair_step.rise 
_ndb_struct_na_base_pair_step.tilt 
_ndb_struct_na_base_pair_step.roll 
_ndb_struct_na_base_pair_step.twist 
_ndb_struct_na_base_pair_step.x_displacement 
_ndb_struct_na_base_pair_step.y_displacement 
_ndb_struct_na_base_pair_step.helical_rise 
_ndb_struct_na_base_pair_step.inclination 
_ndb_struct_na_base_pair_step.tip 
_ndb_struct_na_base_pair_step.helical_twist 
_ndb_struct_na_base_pair_step.step_number 
_ndb_struct_na_base_pair_step.step_name 
_ndb_struct_na_base_pair_step.i_auth_asym_id_1 
_ndb_struct_na_base_pair_step.i_auth_seq_id_1 
_ndb_struct_na_base_pair_step.i_PDB_ins_code_1 
_ndb_struct_na_base_pair_step.j_auth_asym_id_1 
_ndb_struct_na_base_pair_step.j_auth_seq_id_1 
_ndb_struct_na_base_pair_step.j_PDB_ins_code_1 
_ndb_struct_na_base_pair_step.i_auth_asym_id_2 
_ndb_struct_na_base_pair_step.i_auth_seq_id_2 
_ndb_struct_na_base_pair_step.i_PDB_ins_code_2 
_ndb_struct_na_base_pair_step.j_auth_asym_id_2 
_ndb_struct_na_base_pair_step.j_auth_seq_id_2 
_ndb_struct_na_base_pair_step.j_PDB_ins_code_2 
1 A GTP 1  1_555 A U 53 1_555 A G 2  1_555 A C 52 1_555 0.316  -1.348 3.269 -6.335 8.196  35.791 -3.146  -1.293 2.809 13.004 
10.051  37.213 1  AA_GTP1G2:C52U53_AA A 1  ? A 53 ? A 2  ? A 52 ? 
1 A G   2  1_555 A C 52 1_555 A G 3  1_555 A C 51 1_555 0.068  -1.839 3.302 -2.177 5.861  32.281 -4.214  -0.479 2.921 10.419 3.871 
32.865 2  AA_G2G3:C51C52_AA   A 2  ? A 52 ? A 3  ? A 51 ? 
1 A G   3  1_555 A C 51 1_555 A U 4  1_555 A G 50 1_555 0.068  -1.268 3.337 0.860  4.195  41.600 -2.217  -0.004 3.200 5.888  
-1.207  41.810 3  AA_G3U4:G50C51_AA   A 3  ? A 51 ? A 4  ? A 50 ? 
1 A U   4  1_555 A G 50 1_555 A G 5  1_555 A C 49 1_555 -0.484 -1.970 3.251 6.112  10.155 24.115 -6.501  2.401  2.083 22.639 
-13.627 26.832 4  AA_U4G5:C49G50_AA   A 4  ? A 50 ? A 5  ? A 49 ? 
1 A G   5  1_555 A C 49 1_555 A U 6  1_555 A G 48 1_555 -0.167 -1.209 3.152 -1.326 5.054  39.155 -2.350  0.100  2.983 7.500  1.968 
39.489 5  AA_G5U6:G48C49_AA   A 5  ? A 49 ? A 6  ? A 48 ? 
1 A U   6  1_555 A G 48 1_555 A G 7  1_555 A A 47 1_555 -0.212 -1.351 2.956 4.968  6.382  53.196 -1.844  0.506  2.760 7.080  
-5.512  53.763 6  AA_U6G7:A47G48_AA   A 6  ? A 48 ? A 7  ? A 47 ? 
1 A G   7  1_555 A A 47 1_555 A A 9  1_555 A G 46 1_555 -1.923 -0.467 5.594 6.307  16.956 4.874  -14.629 10.816 0.392 70.338 
-26.161 18.731 7  AA_G7A9:G46A47_AA   A 7  ? A 47 ? A 9  ? A 46 ? 
1 A A   9  1_555 A G 46 1_555 A C 10 1_555 A G 45 1_555 0.252  -0.595 3.037 0.046  7.047  59.183 -0.925  -0.252 2.955 7.108  
-0.047  59.564 8  AA_A9C10:G45G46_AA  A 9  ? A 46 ? A 10 ? A 45 ? 
1 A C   10 1_555 A G 45 1_555 A C 11 1_555 A G 44 1_555 0.363  -2.220 3.070 4.719  4.689  25.883 -5.892  0.307  2.657 10.253 
-10.320 26.710 9  AA_C10C11:G44G45_AA A 10 ? A 45 ? A 11 ? A 44 ? 
1 A C   11 1_555 A G 44 1_555 A G 12 1_555 A C 43 1_555 0.300  -1.894 3.599 1.636  14.116 33.953 -4.923  -0.253 2.642 22.964 
-2.661  36.726 10 AA_C11G12:C43G44_AA A 11 ? A 44 ? A 12 ? A 43 ? 
1 A G   12 1_555 A C 43 1_555 A U 13 1_555 A A 42 1_555 0.079  -1.275 3.302 -1.547 4.528  33.656 -2.893  -0.378 3.102 7.771  2.654 
33.984 11 AA_G12U13:A42C43_AA A 12 ? A 43 ? A 13 ? A 42 ? 
1 A U   13 1_555 A A 42 1_555 A G 21 1_555 A C 40 1_555 -2.868 -2.922 5.807 1.804  4.195  76.256 -2.578  2.412  5.606 3.395  
-1.460  76.372 12 AA_U13G21:C40A42_AA A 13 ? A 42 ? A 21 ? A 40 ? 
1 A G   21 1_555 A C 40 1_555 A U 22 1_555 A A 39 1_555 -0.291 -1.288 3.264 0.225  8.418  32.852 -3.496  0.533  2.854 14.587 
-0.390  33.886 13 AA_G21U22:A39C40_AA A 21 ? A 40 ? A 22 ? A 39 ? 
1 A U   22 1_555 A A 39 1_555 A C 23 1_555 A G 38 1_555 -0.257 -1.276 3.215 -2.690 6.703  33.378 -3.183  0.033  2.922 11.503 4.617 
34.129 14 AA_U22C23:G38A39_AA A 22 ? A 39 ? A 23 ? A 38 ? 
1 A C   23 1_555 A G 38 1_555 A C 24 1_555 A G 37 1_555 0.250  -1.787 3.193 3.185  8.751  33.035 -4.285  0.032  2.659 15.022 
-5.468  34.288 15 AA_C23C24:G37G38_AA A 23 ? A 38 ? A 24 ? A 37 ? 
1 A C   24 1_555 A G 37 1_555 A C 25 1_555 A G 36 1_555 0.496  -1.921 3.184 1.952  5.470  27.955 -5.047  -0.596 2.792 11.170 
-3.985  28.540 16 AA_C24C25:G36G37_AA A 24 ? A 37 ? A 25 ? A 36 ? 
1 A C   25 1_555 A G 36 1_555 A A 26 1_555 A U 35 1_555 0.263  -1.837 3.235 1.498  8.320  28.211 -5.243  -0.224 2.608 16.603 
-2.989  29.426 17 AA_C25A26:U35G36_AA A 25 ? A 36 ? A 26 ? A 35 ? 
1 A A   26 1_555 A U 35 1_555 A G 27 1_555 A C 34 1_555 -0.201 -1.513 3.211 -1.719 4.642  34.824 -3.165  0.088  2.997 7.708  2.855 
35.163 18 AA_A26G27:C34U35_AA A 26 ? A 35 ? A 27 ? A 34 ? 
1 A G   27 1_555 A C 34 1_555 A C 28 1_555 A G 32 1_555 -0.726 -0.641 3.009 7.786  6.649  27.068 -2.567  2.955  2.485 13.603 
-15.930 28.906 19 AA_G27C28:G32C34_AA A 27 ? A 34 ? A 28 ? A 32 ? 
# 
_pdbx_audit_support.funding_organization   'National Natural Science Foundation of China (NSFC)' 
_pdbx_audit_support.country                China 
_pdbx_audit_support.grant_number           ? 
_pdbx_audit_support.ordinal                1 
# 
_pdbx_entity_instance_feature.ordinal        1 
_pdbx_entity_instance_feature.comp_id        THG 
_pdbx_entity_instance_feature.asym_id        ? 
_pdbx_entity_instance_feature.seq_num        ? 
_pdbx_entity_instance_feature.auth_comp_id   THG 
_pdbx_entity_instance_feature.auth_asym_id   ? 
_pdbx_entity_instance_feature.auth_seq_num   ? 
_pdbx_entity_instance_feature.feature_type   'SUBJECT OF INVESTIGATION' 
_pdbx_entity_instance_feature.details        ? 
# 
_pdbx_initial_refinement_model.id               1 
_pdbx_initial_refinement_model.entity_id_list   ? 
_pdbx_initial_refinement_model.type             'experimental model' 
_pdbx_initial_refinement_model.source_name      PDB 
_pdbx_initial_refinement_model.accession_code   8XZE 
_pdbx_initial_refinement_model.details          ? 
# 
_atom_sites.entry_id                    8XZW 
_atom_sites.Cartn_transf_matrix[1][1]   ? 
_atom_sites.Cartn_transf_matrix[1][2]   ? 
_atom_sites.Cartn_transf_matrix[1][3]   ? 
_atom_sites.Cartn_transf_matrix[2][1]   ? 
_atom_sites.Cartn_transf_matrix[2][2]   ? 
_atom_sites.Cartn_transf_matrix[2][3]   ? 
_atom_sites.Cartn_transf_matrix[3][1]   ? 
_atom_sites.Cartn_transf_matrix[3][2]   ? 
_atom_sites.Cartn_transf_matrix[3][3]   ? 
_atom_sites.Cartn_transf_vector[1]      ? 
_atom_sites.Cartn_transf_vector[2]      ? 
_atom_sites.Cartn_transf_vector[3]      ? 
_atom_sites.Cartn_transform_axes        ? 
_atom_sites.fract_transf_matrix[1][1]   0.00775611 
_atom_sites.fract_transf_matrix[1][2]   -0.01744788 
_atom_sites.fract_transf_matrix[1][3]   0.00708148 
_atom_sites.fract_transf_matrix[2][1]   0.01194967 
_atom_sites.fract_transf_matrix[2][2]   0.00018429 
_atom_sites.fract_transf_matrix[2][3]   -0.01263401 
_atom_sites.fract_transf_matrix[3][1]   0.00994968 
_atom_sites.fract_transf_matrix[3][2]   0.00829151 
_atom_sites.fract_transf_matrix[3][3]   0.00953169 
_atom_sites.fract_transf_vector[1]      0.470085 
_atom_sites.fract_transf_vector[2]      0.520860 
_atom_sites.fract_transf_vector[3]      0.268987 
_atom_sites.solution_primary            ? 
_atom_sites.solution_secondary          ? 
_atom_sites.solution_hydrogens          ? 
_atom_sites.special_details             ? 
# 
loop_
_atom_type.symbol 
C  
MG 
N  
O  
P  
# 
loop_
_atom_site.group_PDB 
_atom_site.id 
_atom_site.type_symbol 
_atom_site.label_atom_id 
_atom_site.label_alt_id 
_atom_site.label_comp_id 
_atom_site.label_asym_id 
_atom_site.label_entity_id 
_atom_site.label_seq_id 
_atom_site.pdbx_PDB_ins_code 
_atom_site.Cartn_x 
_atom_site.Cartn_y 
_atom_site.Cartn_z 
_atom_site.occupancy 
_atom_site.B_iso_or_equiv 
_atom_site.pdbx_formal_charge 
_atom_site.auth_seq_id 
_atom_site.auth_comp_id 
_atom_site.auth_asym_id 
_atom_site.auth_atom_id 
_atom_site.pdbx_PDB_model_num 
HETATM 1    P  PG    . GTP A 1 1  ? 22.396  25.879  14.974 1.00 139.03 ? 1   GTP A PG    1 
HETATM 2    O  O1G   . GTP A 1 1  ? 21.823  24.552  14.523 1.00 130.60 ? 1   GTP A O1G   1 
HETATM 3    O  O2G   . GTP A 1 1  ? 21.910  26.204  16.370 1.00 134.23 ? 1   GTP A O2G   1 
HETATM 4    O  O3G   . GTP A 1 1  ? 21.889  26.956  14.040 1.00 132.72 ? 1   GTP A O3G   1 
HETATM 5    O  O3B   . GTP A 1 1  ? 24.028  25.873  14.934 1.00 136.16 ? 1   GTP A O3B   1 
HETATM 6    P  PB    . GTP A 1 1  ? 25.040  24.646  15.290 1.00 130.74 ? 1   GTP A PB    1 
HETATM 7    O  O1B   . GTP A 1 1  ? 26.339  24.828  14.526 1.00 121.72 ? 1   GTP A O1B   1 
HETATM 8    O  O2B   . GTP A 1 1  ? 25.341  24.591  16.774 1.00 114.58 ? 1   GTP A O2B   1 
HETATM 9    O  O3A   . GTP A 1 1  ? 24.316  23.290  14.772 1.00 125.18 ? 1   GTP A O3A   1 
HETATM 10   P  PA    . GTP A 1 1  ? 23.560  22.239  15.748 1.00 121.21 ? 1   GTP A PA    1 
HETATM 11   O  O1A   . GTP A 1 1  ? 22.819  22.958  16.855 1.00 118.00 ? 1   GTP A O1A   1 
HETATM 12   O  O2A   . GTP A 1 1  ? 22.594  21.387  14.948 1.00 116.68 ? 1   GTP A O2A   1 
HETATM 13   O  "O5'" . GTP A 1 1  ? 24.750  21.342  16.380 1.00 106.44 ? 1   GTP A "O5'" 1 
HETATM 14   C  "C5'" . GTP A 1 1  ? 26.060  21.358  15.851 1.00 97.72  ? 1   GTP A "C5'" 1 
HETATM 15   C  "C4'" . GTP A 1 1  ? 26.987  20.539  16.739 1.00 93.52  ? 1   GTP A "C4'" 1 
HETATM 16   O  "O4'" . GTP A 1 1  ? 27.570  21.416  17.682 1.00 94.13  ? 1   GTP A "O4'" 1 
HETATM 17   C  "C3'" . GTP A 1 1  ? 26.271  19.484  17.564 1.00 89.63  ? 1   GTP A "C3'" 1 
HETATM 18   O  "O3'" . GTP A 1 1  ? 26.206  18.225  16.930 1.00 89.66  ? 1   GTP A "O3'" 1 
HETATM 19   C  "C2'" . GTP A 1 1  ? 27.091  19.430  18.838 1.00 85.22  ? 1   GTP A "C2'" 1 
HETATM 20   O  "O2'" . GTP A 1 1  ? 28.140  18.501  18.712 1.00 80.88  ? 1   GTP A "O2'" 1 
HETATM 21   C  "C1'" . GTP A 1 1  ? 27.634  20.843  18.975 1.00 87.18  ? 1   GTP A "C1'" 1 
HETATM 22   N  N9    . GTP A 1 1  ? 26.729  21.584  19.885 1.00 86.47  ? 1   GTP A N9    1 
HETATM 23   C  C8    . GTP A 1 1  ? 25.870  22.600  19.540 1.00 86.88  ? 1   GTP A C8    1 
HETATM 24   N  N7    . GTP A 1 1  ? 25.207  23.013  20.647 1.00 78.48  ? 1   GTP A N7    1 
HETATM 25   C  C5    . GTP A 1 1  ? 25.633  22.284  21.705 1.00 78.48  ? 1   GTP A C5    1 
HETATM 26   C  C6    . GTP A 1 1  ? 25.293  22.289  23.060 1.00 74.49  ? 1   GTP A C6    1 
HETATM 27   O  O6    . GTP A 1 1  ? 24.450  23.072  23.515 1.00 72.55  ? 1   GTP A O6    1 
HETATM 28   N  N1    . GTP A 1 1  ? 25.913  21.398  23.909 1.00 74.95  ? 1   GTP A N1    1 
HETATM 29   C  C2    . GTP A 1 1  ? 26.856  20.515  23.425 1.00 77.12  ? 1   GTP A C2    1 
HETATM 30   N  N2    . GTP A 1 1  ? 27.445  19.661  24.252 1.00 77.40  ? 1   GTP A N2    1 
HETATM 31   N  N3    . GTP A 1 1  ? 27.188  20.514  22.088 1.00 79.38  ? 1   GTP A N3    1 
HETATM 32   C  C4    . GTP A 1 1  ? 26.588  21.382  21.238 1.00 81.41  ? 1   GTP A C4    1 
ATOM   33   P  P     . G   A 1 2  ? 24.829  17.283  16.985 1.00 93.94  ? 2   G   A P     1 
ATOM   34   O  OP1   . G   A 1 2  ? 24.711  16.177  15.991 1.00 89.07  ? 2   G   A OP1   1 
ATOM   35   O  OP2   . G   A 1 2  ? 23.854  18.403  16.954 1.00 86.92  ? 2   G   A OP2   1 
ATOM   36   O  "O5'" . G   A 1 2  ? 24.797  16.639  18.448 1.00 84.90  ? 2   G   A "O5'" 1 
ATOM   37   C  "C5'" . G   A 1 2  ? 25.891  15.871  18.930 1.00 79.46  ? 2   G   A "C5'" 1 
ATOM   38   C  "C4'" . G   A 1 2  ? 25.882  15.756  20.438 1.00 78.67  ? 2   G   A "C4'" 1 
ATOM   39   O  "O4'" . G   A 1 2  ? 26.134  17.052  21.042 1.00 80.16  ? 2   G   A "O4'" 1 
ATOM   40   C  "C3'" . G   A 1 2  ? 24.577  15.305  21.069 1.00 74.62  ? 2   G   A "C3'" 1 
ATOM   41   O  "O3'" . G   A 1 2  ? 24.383  13.906  20.995 1.00 74.41  ? 2   G   A "O3'" 1 
ATOM   42   C  "C2'" . G   A 1 2  ? 24.695  15.841  22.491 1.00 71.96  ? 2   G   A "C2'" 1 
ATOM   43   O  "O2'" . G   A 1 2  ? 25.529  15.012  23.285 1.00 68.44  ? 2   G   A "O2'" 1 
ATOM   44   C  "C1'" . G   A 1 2  ? 25.417  17.165  22.254 1.00 74.04  ? 2   G   A "C1'" 1 
ATOM   45   N  N9    . G   A 1 2  ? 24.472  18.294  22.147 1.00 72.15  ? 2   G   A N9    1 
ATOM   46   C  C8    . G   A 1 2  ? 24.158  19.040  21.038 1.00 75.54  ? 2   G   A C8    1 
ATOM   47   N  N7    . G   A 1 2  ? 23.277  19.976  21.274 1.00 73.39  ? 2   G   A N7    1 
ATOM   48   C  C5    . G   A 1 2  ? 22.983  19.839  22.624 1.00 72.53  ? 2   G   A C5    1 
ATOM   49   C  C6    . G   A 1 2  ? 22.086  20.571  23.457 1.00 70.87  ? 2   G   A C6    1 
ATOM   50   O  O6    . G   A 1 2  ? 21.347  21.525  23.158 1.00 69.46  ? 2   G   A O6    1 
ATOM   51   N  N1    . G   A 1 2  ? 22.104  20.082  24.766 1.00 67.81  ? 2   G   A N1    1 
ATOM   52   C  C2    . G   A 1 2  ? 22.877  19.034  25.219 1.00 68.37  ? 2   G   A C2    1 
ATOM   53   N  N2    . G   A 1 2  ? 22.750  18.714  26.515 1.00 66.29  ? 2   G   A N2    1 
ATOM   54   N  N3    . G   A 1 2  ? 23.713  18.348  24.457 1.00 70.48  ? 2   G   A N3    1 
ATOM   55   C  C4    . G   A 1 2  ? 23.715  18.802  23.178 1.00 74.15  ? 2   G   A C4    1 
ATOM   56   P  P     . G   A 1 3  ? 22.895  13.307  20.909 1.00 76.71  ? 3   G   A P     1 
ATOM   57   O  OP1   . G   A 1 3  ? 23.009  11.836  20.750 1.00 78.87  ? 3   G   A OP1   1 
ATOM   58   O  OP2   . G   A 1 3  ? 22.115  14.101  19.919 1.00 73.02  ? 3   G   A OP2   1 
ATOM   59   O  "O5'" . G   A 1 3  ? 22.310  13.544  22.369 1.00 71.39  ? 3   G   A "O5'" 1 
ATOM   60   C  "C5'" . G   A 1 3  ? 22.919  12.926  23.493 1.00 71.66  ? 3   G   A "C5'" 1 
ATOM   61   C  "C4'" . G   A 1 3  ? 22.207  13.297  24.763 1.00 68.78  ? 3   G   A "C4'" 1 
ATOM   62   O  "O4'" . G   A 1 3  ? 22.426  14.703  25.056 1.00 69.58  ? 3   G   A "O4'" 1 
ATOM   63   C  "C3'" . G   A 1 3  ? 20.696  13.171  24.721 1.00 66.90  ? 3   G   A "C3'" 1 
ATOM   64   O  "O3'" . G   A 1 3  ? 20.233  11.846  24.901 1.00 71.93  ? 3   G   A "O3'" 1 
ATOM   65   C  "C2'" . G   A 1 3  ? 20.261  14.120  25.819 1.00 63.52  ? 3   G   A "C2'" 1 
ATOM   66   O  "O2'" . G   A 1 3  ? 20.478  13.528  27.090 1.00 64.59  ? 3   G   A "O2'" 1 
ATOM   67   C  "C1'" . G   A 1 3  ? 21.263  15.257  25.633 1.00 65.59  ? 3   G   A "C1'" 1 
ATOM   68   N  N9    . G   A 1 3  ? 20.737  16.307  24.733 1.00 67.14  ? 3   G   A N9    1 
ATOM   69   C  C8    . G   A 1 3  ? 21.045  16.525  23.405 1.00 65.54  ? 3   G   A C8    1 
ATOM   70   N  N7    . G   A 1 3  ? 20.412  17.543  22.878 1.00 61.37  ? 3   G   A N7    1 
ATOM   71   C  C5    . G   A 1 3  ? 19.630  18.029  23.918 1.00 63.31  ? 3   G   A C5    1 
ATOM   72   C  C6    . G   A 1 3  ? 18.722  19.120  23.955 1.00 59.12  ? 3   G   A C6    1 
ATOM   73   O  O6    . G   A 1 3  ? 18.405  19.907  23.046 1.00 56.38  ? 3   G   A O6    1 
ATOM   74   N  N1    . G   A 1 3  ? 18.148  19.245  25.219 1.00 55.97  ? 3   G   A N1    1 
ATOM   75   C  C2    . G   A 1 3  ? 18.392  18.438  26.303 1.00 58.56  ? 3   G   A C2    1 
ATOM   76   N  N2    . G   A 1 3  ? 17.732  18.734  27.428 1.00 54.74  ? 3   G   A N2    1 
ATOM   77   N  N3    . G   A 1 3  ? 19.234  17.423  26.285 1.00 62.81  ? 3   G   A N3    1 
ATOM   78   C  C4    . G   A 1 3  ? 19.816  17.278  25.069 1.00 64.28  ? 3   G   A C4    1 
ATOM   79   P  P     . U   A 1 4  ? 18.888  11.380  24.163 1.00 72.34  ? 4   U   A P     1 
ATOM   80   O  OP1   . U   A 1 4  ? 18.542  9.994   24.584 1.00 71.34  ? 4   U   A OP1   1 
ATOM   81   O  OP2   . U   A 1 4  ? 19.047  11.753  22.731 1.00 60.31  ? 4   U   A OP2   1 
ATOM   82   O  "O5'" . U   A 1 4  ? 17.768  12.290  24.827 1.00 63.27  ? 4   U   A "O5'" 1 
ATOM   83   C  "C5'" . U   A 1 4  ? 17.296  12.000  26.126 1.00 56.55  ? 4   U   A "C5'" 1 
ATOM   84   C  "C4'" . U   A 1 4  ? 16.402  13.098  26.630 1.00 60.51  ? 4   U   A "C4'" 1 
ATOM   85   O  "O4'" . U   A 1 4  ? 17.022  14.386  26.384 1.00 60.83  ? 4   U   A "O4'" 1 
ATOM   86   C  "C3'" . U   A 1 4  ? 15.055  13.216  25.948 1.00 54.66  ? 4   U   A "C3'" 1 
ATOM   87   O  "O3'" . U   A 1 4  ? 14.124  12.268  26.416 1.00 57.33  ? 4   U   A "O3'" 1 
ATOM   88   C  "C2'" . U   A 1 4  ? 14.669  14.653  26.247 1.00 55.59  ? 4   U   A "C2'" 1 
ATOM   89   O  "O2'" . U   A 1 4  ? 14.239  14.777  27.597 1.00 52.42  ? 4   U   A "O2'" 1 
ATOM   90   C  "C1'" . U   A 1 4  ? 16.026  15.349  26.114 1.00 55.92  ? 4   U   A "C1'" 1 
ATOM   91   N  N1    . U   A 1 4  ? 16.260  15.902  24.760 1.00 59.19  ? 4   U   A N1    1 
ATOM   92   C  C2    . U   A 1 4  ? 15.603  17.077  24.421 1.00 56.54  ? 4   U   A C2    1 
ATOM   93   O  O2    . U   A 1 4  ? 14.832  17.647  25.182 1.00 52.57  ? 4   U   A O2    1 
ATOM   94   N  N3    . U   A 1 4  ? 15.875  17.554  23.155 1.00 53.03  ? 4   U   A N3    1 
ATOM   95   C  C4    . U   A 1 4  ? 16.707  16.992  22.207 1.00 57.75  ? 4   U   A C4    1 
ATOM   96   O  O4    . U   A 1 4  ? 16.837  17.540  21.099 1.00 58.23  ? 4   U   A O4    1 
ATOM   97   C  C5    . U   A 1 4  ? 17.344  15.779  22.639 1.00 56.41  ? 4   U   A C5    1 
ATOM   98   C  C6    . U   A 1 4  ? 17.111  15.290  23.863 1.00 57.88  ? 4   U   A C6    1 
ATOM   99   P  P     . G   A 1 5  ? 12.919  11.796  25.469 1.00 62.79  ? 5   G   A P     1 
ATOM   100  O  OP1   . G   A 1 5  ? 12.352  10.561  26.058 1.00 60.95  ? 5   G   A OP1   1 
ATOM   101  O  OP2   . G   A 1 5  ? 13.393  11.760  24.063 1.00 53.41  ? 5   G   A OP2   1 
ATOM   102  O  "O5'" . G   A 1 5  ? 11.847  12.956  25.642 1.00 56.83  ? 5   G   A "O5'" 1 
ATOM   103  C  "C5'" . G   A 1 5  ? 11.168  13.137  26.874 1.00 54.87  ? 5   G   A "C5'" 1 
ATOM   104  C  "C4'" . G   A 1 5  ? 10.228  14.313  26.814 1.00 52.73  ? 5   G   A "C4'" 1 
ATOM   105  O  "O4'" . G   A 1 5  ? 11.001  15.532  26.646 1.00 58.60  ? 5   G   A "O4'" 1 
ATOM   106  C  "C3'" . G   A 1 5  ? 9.260   14.343  25.640 1.00 55.23  ? 5   G   A "C3'" 1 
ATOM   107  O  "O3'" . G   A 1 5  ? 8.131   13.498  25.790 1.00 52.48  ? 5   G   A "O3'" 1 
ATOM   108  C  "C2'" . G   A 1 5  ? 8.920   15.821  25.557 1.00 52.86  ? 5   G   A "C2'" 1 
ATOM   109  O  "O2'" . G   A 1 5  ? 8.064   16.185  26.627 1.00 51.71  ? 5   G   A "O2'" 1 
ATOM   110  C  "C1'" . G   A 1 5  ? 10.287  16.440  25.827 1.00 57.98  ? 5   G   A "C1'" 1 
ATOM   111  N  N9    . G   A 1 5  ? 11.044  16.655  24.577 1.00 52.55  ? 5   G   A N9    1 
ATOM   112  C  C8    . G   A 1 5  ? 11.991  15.821  24.034 1.00 52.73  ? 5   G   A C8    1 
ATOM   113  N  N7    . G   A 1 5  ? 12.488  16.279  22.918 1.00 54.84  ? 5   G   A N7    1 
ATOM   114  C  C5    . G   A 1 5  ? 11.834  17.492  22.714 1.00 52.65  ? 5   G   A C5    1 
ATOM   115  C  C6    . G   A 1 5  ? 11.964  18.441  21.665 1.00 50.77  ? 5   G   A C6    1 
ATOM   116  O  O6    . G   A 1 5  ? 12.708  18.397  20.678 1.00 51.09  ? 5   G   A O6    1 
ATOM   117  N  N1    . G   A 1 5  ? 11.111  19.522  21.841 1.00 51.22  ? 5   G   A N1    1 
ATOM   118  C  C2    . G   A 1 5  ? 10.249  19.682  22.900 1.00 53.33  ? 5   G   A C2    1 
ATOM   119  N  N2    . G   A 1 5  ? 9.504   20.800  22.894 1.00 48.73  ? 5   G   A N2    1 
ATOM   120  N  N3    . G   A 1 5  ? 10.129  18.806  23.887 1.00 52.80  ? 5   G   A N3    1 
ATOM   121  C  C4    . G   A 1 5  ? 10.941  17.738  23.729 1.00 49.37  ? 5   G   A C4    1 
ATOM   122  P  P     . U   A 1 6  ? 7.430   12.864  24.490 1.00 55.90  ? 6   U   A P     1 
ATOM   123  O  OP1   . U   A 1 6  ? 6.316   12.003  24.962 1.00 62.59  ? 6   U   A OP1   1 
ATOM   124  O  OP2   . U   A 1 6  ? 8.438   12.270  23.561 1.00 57.87  ? 6   U   A OP2   1 
ATOM   125  O  "O5'" . U   A 1 6  ? 6.804   14.130  23.767 1.00 53.77  ? 6   U   A "O5'" 1 
ATOM   126  C  "C5'" . U   A 1 6  ? 5.778   14.886  24.385 1.00 56.76  ? 6   U   A "C5'" 1 
ATOM   127  C  "C4'" . U   A 1 6  ? 5.490   16.142  23.607 1.00 52.49  ? 6   U   A "C4'" 1 
ATOM   128  O  "O4'" . U   A 1 6  ? 6.692   16.957  23.542 1.00 52.05  ? 6   U   A "O4'" 1 
ATOM   129  C  "C3'" . U   A 1 6  ? 5.103   15.954  22.151 1.00 50.83  ? 6   U   A "C3'" 1 
ATOM   130  O  "O3'" . U   A 1 6  ? 3.747   15.575  21.963 1.00 49.12  ? 6   U   A "O3'" 1 
ATOM   131  C  "C2'" . U   A 1 6  ? 5.459   17.310  21.555 1.00 49.38  ? 6   U   A "C2'" 1 
ATOM   132  O  "O2'" . U   A 1 6  ? 4.497   18.282  21.926 1.00 44.83  ? 6   U   A "O2'" 1 
ATOM   133  C  "C1'" . U   A 1 6  ? 6.753   17.622  22.299 1.00 49.35  ? 6   U   A "C1'" 1 
ATOM   134  N  N1    . U   A 1 6  ? 7.933   17.134  21.548 1.00 49.31  ? 6   U   A N1    1 
ATOM   135  C  C2    . U   A 1 6  ? 8.337   17.897  20.474 1.00 48.62  ? 6   U   A C2    1 
ATOM   136  O  O2    . U   A 1 6  ? 7.785   18.937  20.160 1.00 48.85  ? 6   U   A O2    1 
ATOM   137  N  N3    . U   A 1 6  ? 9.424   17.416  19.790 1.00 48.43  ? 6   U   A N3    1 
ATOM   138  C  C4    . U   A 1 6  ? 10.136  16.268  20.048 1.00 46.90  ? 6   U   A C4    1 
ATOM   139  O  O4    . U   A 1 6  ? 11.089  15.984  19.326 1.00 46.07  ? 6   U   A O4    1 
ATOM   140  C  C5    . U   A 1 6  ? 9.655   15.515  21.159 1.00 48.74  ? 6   U   A C5    1 
ATOM   141  C  C6    . U   A 1 6  ? 8.596   15.966  21.852 1.00 52.62  ? 6   U   A C6    1 
ATOM   142  P  P     . G   A 1 7  ? 3.348   14.448  20.887 1.00 51.02  ? 7   G   A P     1 
ATOM   143  O  OP1   . G   A 1 7  ? 1.878   14.244  20.914 1.00 45.81  ? 7   G   A OP1   1 
ATOM   144  O  OP2   . G   A 1 7  ? 4.249   13.297  21.123 1.00 51.69  ? 7   G   A OP2   1 
ATOM   145  O  "O5'" . G   A 1 7  ? 3.684   15.120  19.484 1.00 46.35  ? 7   G   A "O5'" 1 
ATOM   146  C  "C5'" . G   A 1 7  ? 3.076   16.349  19.122 1.00 47.85  ? 7   G   A "C5'" 1 
ATOM   147  C  "C4'" . G   A 1 7  ? 3.754   16.980  17.937 1.00 45.39  ? 7   G   A "C4'" 1 
ATOM   148  O  "O4'" . G   A 1 7  ? 5.149   17.237  18.233 1.00 46.56  ? 7   G   A "O4'" 1 
ATOM   149  C  "C3'" . G   A 1 7  ? 3.778   16.128  16.683 1.00 47.77  ? 7   G   A "C3'" 1 
ATOM   150  O  "O3'" . G   A 1 7  ? 2.548   16.261  16.004 1.00 47.89  ? 7   G   A "O3'" 1 
ATOM   151  C  "C2'" . G   A 1 7  ? 4.996   16.657  15.929 1.00 47.25  ? 7   G   A "C2'" 1 
ATOM   152  O  "O2'" . G   A 1 7  ? 4.680   17.838  15.203 1.00 50.38  ? 7   G   A "O2'" 1 
ATOM   153  C  "C1'" . G   A 1 7  ? 5.935   17.031  17.085 1.00 48.50  ? 7   G   A "C1'" 1 
ATOM   154  N  N9    . G   A 1 7  ? 6.911   15.976  17.405 1.00 49.06  ? 7   G   A N9    1 
ATOM   155  C  C8    . G   A 1 7  ? 6.746   14.993  18.347 1.00 50.16  ? 7   G   A C8    1 
ATOM   156  N  N7    . G   A 1 7  ? 7.780   14.200  18.439 1.00 51.12  ? 7   G   A N7    1 
ATOM   157  C  C5    . G   A 1 7  ? 8.676   14.697  17.503 1.00 47.31  ? 7   G   A C5    1 
ATOM   158  C  C6    . G   A 1 7  ? 9.971   14.243  17.167 1.00 47.34  ? 7   G   A C6    1 
ATOM   159  O  O6    . G   A 1 7  ? 10.568  13.279  17.647 1.00 47.16  ? 7   G   A O6    1 
ATOM   160  N  N1    . G   A 1 7  ? 10.560  15.038  16.195 1.00 43.77  ? 7   G   A N1    1 
ATOM   161  C  C2    . G   A 1 7  ? 9.969   16.124  15.618 1.00 45.69  ? 7   G   A C2    1 
ATOM   162  N  N2    . G   A 1 7  ? 10.695  16.752  14.684 1.00 48.08  ? 7   G   A N2    1 
ATOM   163  N  N3    . G   A 1 7  ? 8.747   16.553  15.913 1.00 49.09  ? 7   G   A N3    1 
ATOM   164  C  C4    . G   A 1 7  ? 8.166   15.798  16.864 1.00 46.53  ? 7   G   A C4    1 
ATOM   165  P  P     . U   A 1 8  ? 2.271   15.641  14.557 1.00 49.70  ? 8   U   A P     1 
ATOM   166  O  OP1   . U   A 1 8  ? 0.850   15.217  14.617 1.00 47.21  ? 8   U   A OP1   1 
ATOM   167  O  OP2   . U   A 1 8  ? 3.329   14.705  14.088 1.00 50.10  ? 8   U   A OP2   1 
ATOM   168  O  "O5'" . U   A 1 8  ? 2.285   16.930  13.637 1.00 48.18  ? 8   U   A "O5'" 1 
ATOM   169  C  "C5'" . U   A 1 8  ? 1.688   18.115  14.113 1.00 48.29  ? 8   U   A "C5'" 1 
ATOM   170  C  "C4'" . U   A 1 8  ? 1.842   19.227  13.124 1.00 51.91  ? 8   U   A "C4'" 1 
ATOM   171  O  "O4'" . U   A 1 8  ? 3.196   19.732  13.147 1.00 54.43  ? 8   U   A "O4'" 1 
ATOM   172  C  "C3'" . U   A 1 8  ? 1.626   18.861  11.671 1.00 53.24  ? 8   U   A "C3'" 1 
ATOM   173  O  "O3'" . U   A 1 8  ? 0.254   18.749  11.333 1.00 52.94  ? 8   U   A "O3'" 1 
ATOM   174  C  "C2'" . U   A 1 8  ? 2.331   19.998  10.948 1.00 53.26  ? 8   U   A "C2'" 1 
ATOM   175  O  "O2'" . U   A 1 8  ? 1.515   21.161  10.941 1.00 54.95  ? 8   U   A "O2'" 1 
ATOM   176  C  "C1'" . U   A 1 8  ? 3.514   20.266  11.880 1.00 53.23  ? 8   U   A "C1'" 1 
ATOM   177  N  N1    . U   A 1 8  ? 4.783   19.685  11.401 1.00 49.82  ? 8   U   A N1    1 
ATOM   178  C  C2    . U   A 1 8  ? 5.334   20.222  10.256 1.00 56.61  ? 8   U   A C2    1 
ATOM   179  O  O2    . U   A 1 8  ? 4.797   21.120  9.624  1.00 58.45  ? 8   U   A O2    1 
ATOM   180  N  N3    . U   A 1 8  ? 6.525   19.661  9.854  1.00 55.28  ? 8   U   A N3    1 
ATOM   181  C  C4    . U   A 1 8  ? 7.204   18.650  10.486 1.00 54.19  ? 8   U   A C4    1 
ATOM   182  O  O4    . U   A 1 8  ? 8.266   18.252  10.017 1.00 57.75  ? 8   U   A O4    1 
ATOM   183  C  C5    . U   A 1 8  ? 6.576   18.158  11.673 1.00 56.95  ? 8   U   A C5    1 
ATOM   184  C  C6    . U   A 1 8  ? 5.416   18.686  12.087 1.00 54.60  ? 8   U   A C6    1 
ATOM   185  P  P     . A   A 1 9  ? -0.255  17.616  10.312 1.00 54.52  ? 9   A   A P     1 
ATOM   186  O  OP1   . A   A 1 9  ? -1.711  17.849  10.158 1.00 59.20  ? 9   A   A OP1   1 
ATOM   187  O  OP2   . A   A 1 9  ? 0.279   16.311  10.796 1.00 52.94  ? 9   A   A OP2   1 
ATOM   188  O  "O5'" . A   A 1 9  ? 0.422   17.965  8.912  1.00 54.87  ? 9   A   A "O5'" 1 
ATOM   189  C  "C5'" . A   A 1 9  ? 0.135   19.188  8.251  1.00 57.85  ? 9   A   A "C5'" 1 
ATOM   190  C  "C4'" . A   A 1 9  ? 1.127   19.476  7.146  1.00 58.73  ? 9   A   A "C4'" 1 
ATOM   191  O  "O4'" . A   A 1 9  ? 2.443   19.714  7.703  1.00 59.97  ? 9   A   A "O4'" 1 
ATOM   192  C  "C3'" . A   A 1 9  ? 1.355   18.367  6.130  1.00 63.53  ? 9   A   A "C3'" 1 
ATOM   193  O  "O3'" . A   A 1 9  ? 0.339   18.321  5.143  1.00 71.10  ? 9   A   A "O3'" 1 
ATOM   194  C  "C2'" . A   A 1 9  ? 2.720   18.721  5.559  1.00 60.59  ? 9   A   A "C2'" 1 
ATOM   195  O  "O2'" . A   A 1 9  ? 2.608   19.734  4.570  1.00 60.24  ? 9   A   A "O2'" 1 
ATOM   196  C  "C1'" . A   A 1 9  ? 3.432   19.295  6.790  1.00 58.52  ? 9   A   A "C1'" 1 
ATOM   197  N  N9    . A   A 1 9  ? 4.275   18.282  7.443  1.00 57.77  ? 9   A   A N9    1 
ATOM   198  C  C8    . A   A 1 9  ? 4.025   17.589  8.600  1.00 54.92  ? 9   A   A C8    1 
ATOM   199  N  N7    . A   A 1 9  ? 4.973   16.726  8.895  1.00 55.58  ? 9   A   A N7    1 
ATOM   200  C  C5    . A   A 1 9  ? 5.902   16.854  7.864  1.00 57.16  ? 9   A   A C5    1 
ATOM   201  C  C6    . A   A 1 9  ? 7.136   16.226  7.589  1.00 56.15  ? 9   A   A C6    1 
ATOM   202  N  N6    . A   A 1 9  ? 7.694   15.289  8.364  1.00 53.35  ? 9   A   A N6    1 
ATOM   203  N  N1    . A   A 1 9  ? 7.798   16.595  6.466  1.00 57.24  ? 9   A   A N1    1 
ATOM   204  C  C2    . A   A 1 9  ? 7.262   17.536  5.683  1.00 57.40  ? 9   A   A C2    1 
ATOM   205  N  N3    . A   A 1 9  ? 6.120   18.201  5.839  1.00 61.66  ? 9   A   A N3    1 
ATOM   206  C  C4    . A   A 1 9  ? 5.478   17.813  6.961  1.00 60.14  ? 9   A   A C4    1 
ATOM   207  P  P     . C   A 1 10 ? -0.340  16.931  4.708  1.00 68.37  ? 10  C   A P     1 
ATOM   208  O  OP1   . C   A 1 10 ? -1.117  17.245  3.488  1.00 72.98  ? 10  C   A OP1   1 
ATOM   209  O  OP2   . C   A 1 10 ? -1.016  16.289  5.865  1.00 65.02  ? 10  C   A OP2   1 
ATOM   210  O  "O5'" . C   A 1 10 ? 0.883   16.010  4.268  1.00 70.13  ? 10  C   A "O5'" 1 
ATOM   211  C  "C5'" . C   A 1 10 ? 1.597   16.289  3.075  1.00 67.27  ? 10  C   A "C5'" 1 
ATOM   212  C  "C4'" . C   A 1 10 ? 2.957   15.638  3.065  1.00 68.48  ? 10  C   A "C4'" 1 
ATOM   213  O  "O4'" . C   A 1 10 ? 3.680   15.974  4.280  1.00 66.20  ? 10  C   A "O4'" 1 
ATOM   214  C  "C3'" . C   A 1 10 ? 2.984   14.121  3.049  1.00 67.16  ? 10  C   A "C3'" 1 
ATOM   215  O  "O3'" . C   A 1 10 ? 2.699   13.562  1.775  1.00 68.13  ? 10  C   A "O3'" 1 
ATOM   216  C  "C2'" . C   A 1 10 ? 4.386   13.820  3.575  1.00 61.37  ? 10  C   A "C2'" 1 
ATOM   217  O  "O2'" . C   A 1 10 ? 5.372   14.048  2.580  1.00 63.67  ? 10  C   A "O2'" 1 
ATOM   218  C  "C1'" . C   A 1 10 ? 4.540   14.908  4.634  1.00 62.27  ? 10  C   A "C1'" 1 
ATOM   219  N  N1    . C   A 1 10 ? 4.181   14.416  5.983  1.00 59.98  ? 10  C   A N1    1 
ATOM   220  C  C2    . C   A 1 10 ? 5.163   13.687  6.665  1.00 56.32  ? 10  C   A C2    1 
ATOM   221  O  O2    . C   A 1 10 ? 6.253   13.503  6.095  1.00 56.62  ? 10  C   A O2    1 
ATOM   222  N  N3    . C   A 1 10 ? 4.905   13.210  7.910  1.00 54.31  ? 10  C   A N3    1 
ATOM   223  C  C4    . C   A 1 10 ? 3.709   13.426  8.464  1.00 52.76  ? 10  C   A C4    1 
ATOM   224  N  N4    . C   A 1 10 ? 3.499   12.924  9.687  1.00 49.01  ? 10  C   A N4    1 
ATOM   225  C  C5    . C   A 1 10 ? 2.689   14.167  7.784  1.00 54.15  ? 10  C   A C5    1 
ATOM   226  C  C6    . C   A 1 10 ? 2.956   14.641  6.553  1.00 56.94  ? 10  C   A C6    1 
ATOM   227  P  P     . C   A 1 11 ? 2.126   12.060  1.674  1.00 73.79  ? 11  C   A P     1 
ATOM   228  O  OP1   . C   A 1 11 ? 2.379   11.583  0.290  1.00 81.45  ? 11  C   A OP1   1 
ATOM   229  O  OP2   . C   A 1 11 ? 0.778   11.960  2.279  1.00 71.19  ? 11  C   A OP2   1 
ATOM   230  O  "O5'" . C   A 1 11 ? 3.031   11.246  2.689  1.00 69.86  ? 11  C   A "O5'" 1 
ATOM   231  C  "C5'" . C   A 1 11 ? 3.422   9.926   2.400  1.00 64.43  ? 11  C   A "C5'" 1 
ATOM   232  C  "C4'" . C   A 1 11 ? 4.861   9.701   2.761  1.00 59.94  ? 11  C   A "C4'" 1 
ATOM   233  O  "O4'" . C   A 1 11 ? 5.268   10.614  3.817  1.00 60.61  ? 11  C   A "O4'" 1 
ATOM   234  C  "C3'" . C   A 1 11 ? 5.135   8.327   3.328  1.00 58.02  ? 11  C   A "C3'" 1 
ATOM   235  O  "O3'" . C   A 1 11 ? 5.287   7.363   2.312  1.00 60.33  ? 11  C   A "O3'" 1 
ATOM   236  C  "C2'" . C   A 1 11 ? 6.373   8.551   4.172  1.00 55.75  ? 11  C   A "C2'" 1 
ATOM   237  O  "O2'" . C   A 1 11 ? 7.516   8.638   3.343  1.00 55.66  ? 11  C   A "O2'" 1 
ATOM   238  C  "C1'" . C   A 1 11 ? 6.083   9.935   4.752  1.00 54.30  ? 11  C   A "C1'" 1 
ATOM   239  N  N1    . C   A 1 11 ? 5.334   9.849   6.034  1.00 53.38  ? 11  C   A N1    1 
ATOM   240  C  C2    . C   A 1 11 ? 5.933   9.324   7.190  1.00 51.63  ? 11  C   A C2    1 
ATOM   241  O  O2    . C   A 1 11 ? 7.109   8.932   7.161  1.00 53.59  ? 11  C   A O2    1 
ATOM   242  N  N3    . C   A 1 11 ? 5.220   9.242   8.334  1.00 50.44  ? 11  C   A N3    1 
ATOM   243  C  C4    . C   A 1 11 ? 3.959   9.663   8.375  1.00 49.75  ? 11  C   A C4    1 
ATOM   244  N  N4    . C   A 1 11 ? 3.309   9.568   9.541  1.00 48.27  ? 11  C   A N4    1 
ATOM   245  C  C5    . C   A 1 11 ? 3.316   10.200  7.228  1.00 50.49  ? 11  C   A C5    1 
ATOM   246  C  C6    . C   A 1 11 ? 4.032   10.274  6.099  1.00 55.22  ? 11  C   A C6    1 
ATOM   247  P  P     . G   A 1 12 ? 4.447   6.008   2.400  1.00 58.72  ? 12  G   A P     1 
ATOM   248  O  OP1   . G   A 1 12 ? 4.474   5.375   1.056  1.00 70.98  ? 12  G   A OP1   1 
ATOM   249  O  OP2   . G   A 1 12 ? 3.130   6.297   3.013  1.00 58.72  ? 12  G   A OP2   1 
ATOM   250  O  "O5'" . G   A 1 12 ? 5.321   5.134   3.398  1.00 51.94  ? 12  G   A "O5'" 1 
ATOM   251  C  "C5'" . G   A 1 12 ? 6.737   5.181   3.307  1.00 53.56  ? 12  G   A "C5'" 1 
ATOM   252  C  "C4'" . G   A 1 12 ? 7.381   4.557   4.514  1.00 54.14  ? 12  G   A "C4'" 1 
ATOM   253  O  "O4'" . G   A 1 12 ? 7.358   5.484   5.640  1.00 54.86  ? 12  G   A "O4'" 1 
ATOM   254  C  "C3'" . G   A 1 12 ? 6.692   3.317   5.053  1.00 49.88  ? 12  G   A "C3'" 1 
ATOM   255  O  "O3'" . G   A 1 12 ? 6.990   2.145   4.312  1.00 53.71  ? 12  G   A "O3'" 1 
ATOM   256  C  "C2'" . G   A 1 12 ? 7.199   3.270   6.484  1.00 49.31  ? 12  G   A "C2'" 1 
ATOM   257  O  "O2'" . G   A 1 12 ? 8.536   2.803   6.494  1.00 48.30  ? 12  G   A "O2'" 1 
ATOM   258  C  "C1'" . G   A 1 12 ? 7.205   4.756   6.848  1.00 50.28  ? 12  G   A "C1'" 1 
ATOM   259  N  N9    . G   A 1 12 ? 5.944   5.176   7.514  1.00 45.55  ? 12  G   A N9    1 
ATOM   260  C  C8    . G   A 1 12 ? 4.923   5.886   6.942  1.00 46.24  ? 12  G   A C8    1 
ATOM   261  N  N7    . G   A 1 12 ? 3.930   6.116   7.754  1.00 45.66  ? 12  G   A N7    1 
ATOM   262  C  C5    . G   A 1 12 ? 4.297   5.533   8.955  1.00 43.93  ? 12  G   A C5    1 
ATOM   263  C  C6    . G   A 1 12 ? 3.605   5.475   10.196 1.00 44.85  ? 12  G   A C6    1 
ATOM   264  O  O6    . G   A 1 12 ? 2.493   5.944   10.494 1.00 47.57  ? 12  G   A O6    1 
ATOM   265  N  N1    . G   A 1 12 ? 4.334   4.792   11.161 1.00 44.09  ? 12  G   A N1    1 
ATOM   266  C  C2    . G   A 1 12 ? 5.570   4.224   10.941 1.00 47.04  ? 12  G   A C2    1 
ATOM   267  N  N2    . G   A 1 12 ? 6.117   3.585   11.991 1.00 42.54  ? 12  G   A N2    1 
ATOM   268  N  N3    . G   A 1 12 ? 6.221   4.276   9.785  1.00 42.57  ? 12  G   A N3    1 
ATOM   269  C  C4    . G   A 1 12 ? 5.538   4.942   8.828  1.00 47.15  ? 12  G   A C4    1 
ATOM   270  P  P     . U   A 1 13 ? 5.920   0.942   4.231  1.00 54.59  ? 13  U   A P     1 
ATOM   271  O  OP1   . U   A 1 13 ? 6.504   -0.112  3.352  1.00 56.79  ? 13  U   A OP1   1 
ATOM   272  O  OP2   . U   A 1 13 ? 4.579   1.522   3.932  1.00 49.26  ? 13  U   A OP2   1 
ATOM   273  O  "O5'" . U   A 1 13 ? 5.841   0.361   5.716  1.00 49.48  ? 13  U   A "O5'" 1 
ATOM   274  C  "C5'" . U   A 1 13 ? 6.997   -0.145  6.368  1.00 51.89  ? 13  U   A "C5'" 1 
ATOM   275  C  "C4'" . U   A 1 13 ? 6.701   -0.570  7.786  1.00 48.77  ? 13  U   A "C4'" 1 
ATOM   276  O  "O4'" . U   A 1 13 ? 6.447   0.589   8.630  1.00 50.69  ? 13  U   A "O4'" 1 
ATOM   277  C  "C3'" . U   A 1 13 ? 5.468   -1.432  7.979  1.00 54.07  ? 13  U   A "C3'" 1 
ATOM   278  O  "O3'" . U   A 1 13 ? 5.684   -2.780  7.610  1.00 57.35  ? 13  U   A "O3'" 1 
ATOM   279  C  "C2'" . U   A 1 13 ? 5.169   -1.235  9.460  1.00 49.45  ? 13  U   A "C2'" 1 
ATOM   280  O  "O2'" . U   A 1 13 ? 6.074   -1.988  10.253 1.00 47.89  ? 13  U   A "O2'" 1 
ATOM   281  C  "C1'" . U   A 1 13 ? 5.505   0.249   9.632  1.00 51.19  ? 13  U   A "C1'" 1 
ATOM   282  N  N1    . U   A 1 13 ? 4.309   1.106   9.462  1.00 46.85  ? 13  U   A N1    1 
ATOM   283  C  C2    . U   A 1 13 ? 3.487   1.273   10.556 1.00 44.43  ? 13  U   A C2    1 
ATOM   284  O  O2    . U   A 1 13 ? 3.717   0.743   11.626 1.00 46.06  ? 13  U   A O2    1 
ATOM   285  N  N3    . U   A 1 13 ? 2.384   2.066   10.353 1.00 43.34  ? 13  U   A N3    1 
ATOM   286  C  C4    . U   A 1 13 ? 2.039   2.701   9.176  1.00 45.21  ? 13  U   A C4    1 
ATOM   287  O  O4    . U   A 1 13 ? 1.026   3.394   9.139  1.00 47.53  ? 13  U   A O4    1 
ATOM   288  C  C5    . U   A 1 13 ? 2.934   2.478   8.086  1.00 45.19  ? 13  U   A C5    1 
ATOM   289  C  C6    . U   A 1 13 ? 4.015   1.709   8.262  1.00 47.21  ? 13  U   A C6    1 
ATOM   290  P  P     . U   A 1 14 ? 4.439   -3.745  7.291  1.00 62.77  ? 14  U   A P     1 
ATOM   291  O  OP1   . U   A 1 14 ? 4.830   -4.546  6.093  1.00 63.76  ? 14  U   A OP1   1 
ATOM   292  O  OP2   . U   A 1 14 ? 3.168   -2.983  7.285  1.00 59.26  ? 14  U   A OP2   1 
ATOM   293  O  "O5'" . U   A 1 14 ? 4.383   -4.696  8.559  1.00 57.31  ? 14  U   A "O5'" 1 
ATOM   294  C  "C5'" . U   A 1 14 ? 5.477   -5.549  8.839  1.00 62.03  ? 14  U   A "C5'" 1 
ATOM   295  C  "C4'" . U   A 1 14 ? 5.210   -6.397  10.046 1.00 64.65  ? 14  U   A "C4'" 1 
ATOM   296  O  "O4'" . U   A 1 14 ? 5.212   -5.549  11.217 1.00 60.99  ? 14  U   A "O4'" 1 
ATOM   297  C  "C3'" . U   A 1 14 ? 3.878   -7.144  10.047 1.00 68.08  ? 14  U   A "C3'" 1 
ATOM   298  O  "O3'" . U   A 1 14 ? 4.058   -8.427  10.627 1.00 78.81  ? 14  U   A "O3'" 1 
ATOM   299  C  "C2'" . U   A 1 14 ? 3.003   -6.319  10.981 1.00 66.05  ? 14  U   A "C2'" 1 
ATOM   300  O  "O2'" . U   A 1 14 ? 2.032   -7.096  11.663 1.00 67.13  ? 14  U   A "O2'" 1 
ATOM   301  C  "C1'" . U   A 1 14 ? 4.025   -5.737  11.954 1.00 60.96  ? 14  U   A "C1'" 1 
ATOM   302  N  N1    . U   A 1 14 ? 3.628   -4.434  12.502 1.00 50.64  ? 14  U   A N1    1 
ATOM   303  C  C2    . U   A 1 14 ? 3.757   -4.238  13.857 1.00 51.00  ? 14  U   A C2    1 
ATOM   304  O  O2    . U   A 1 14 ? 4.192   -5.079  14.624 1.00 55.31  ? 14  U   A O2    1 
ATOM   305  N  N3    . U   A 1 14 ? 3.360   -3.008  14.302 1.00 49.77  ? 14  U   A N3    1 
ATOM   306  C  C4    . U   A 1 14 ? 2.853   -1.982  13.535 1.00 49.77  ? 14  U   A C4    1 
ATOM   307  O  O4    . U   A 1 14 ? 2.537   -0.934  14.106 1.00 50.09  ? 14  U   A O4    1 
ATOM   308  C  C5    . U   A 1 14 ? 2.748   -2.261  12.130 1.00 50.33  ? 14  U   A C5    1 
ATOM   309  C  C6    . U   A 1 14 ? 3.128   -3.460  11.669 1.00 50.34  ? 14  U   A C6    1 
ATOM   310  P  P     . C   A 1 15 ? 3.721   -9.750  9.787  1.00 80.80  ? 15  C   A P     1 
ATOM   311  O  OP1   . C   A 1 15 ? 4.497   -9.708  8.525  1.00 76.07  ? 15  C   A OP1   1 
ATOM   312  O  OP2   . C   A 1 15 ? 2.245   -9.887  9.703  1.00 71.37  ? 15  C   A OP2   1 
ATOM   313  O  "O5'" . C   A 1 15 ? 4.307   -10.892 10.733 1.00 83.89  ? 15  C   A "O5'" 1 
ATOM   314  C  "C5'" . C   A 1 15 ? 5.489   -10.658 11.485 1.00 78.99  ? 15  C   A "C5'" 1 
ATOM   315  C  "C4'" . C   A 1 15 ? 6.642   -11.460 10.942 1.00 88.52  ? 15  C   A "C4'" 1 
ATOM   316  O  "O4'" . C   A 1 15 ? 6.506   -11.612 9.504  1.00 93.37  ? 15  C   A "O4'" 1 
ATOM   317  C  "C3'" . C   A 1 15 ? 8.018   -10.846 11.103 1.00 89.45  ? 15  C   A "C3'" 1 
ATOM   318  O  "O3'" . C   A 1 15 ? 8.549   -10.976 12.401 1.00 90.62  ? 15  C   A "O3'" 1 
ATOM   319  C  "C2'" . C   A 1 15 ? 8.825   -11.553 10.021 1.00 94.75  ? 15  C   A "C2'" 1 
ATOM   320  O  "O2'" . C   A 1 15 ? 9.175   -12.874 10.424 1.00 90.19  ? 15  C   A "O2'" 1 
ATOM   321  C  "C1'" . C   A 1 15 ? 7.787   -11.643 8.901  1.00 97.39  ? 15  C   A "C1'" 1 
ATOM   322  N  N1    . C   A 1 15 ? 7.904   -10.511 7.948  1.00 99.00  ? 15  C   A N1    1 
ATOM   323  C  C2    . C   A 1 15 ? 8.490   -10.759 6.691  1.00 103.44 ? 15  C   A C2    1 
ATOM   324  O  O2    . C   A 1 15 ? 8.874   -11.912 6.418  1.00 105.52 ? 15  C   A O2    1 
ATOM   325  N  N3    . C   A 1 15 ? 8.615   -9.741  5.799  1.00 103.00 ? 15  C   A N3    1 
ATOM   326  C  C4    . C   A 1 15 ? 8.192   -8.512  6.124  1.00 102.87 ? 15  C   A C4    1 
ATOM   327  N  N4    . C   A 1 15 ? 8.336   -7.535  5.217  1.00 98.90  ? 15  C   A N4    1 
ATOM   328  C  C5    . C   A 1 15 ? 7.601   -8.232  7.398  1.00 95.98  ? 15  C   A C5    1 
ATOM   329  C  C6    . C   A 1 15 ? 7.480   -9.243  8.270  1.00 91.39  ? 15  C   A C6    1 
ATOM   330  P  P     . A   A 1 16 ? 9.186   -9.682  13.090 1.00 85.81  ? 16  A   A P     1 
ATOM   331  O  OP1   . A   A 1 16 ? 10.582  -9.531  12.594 1.00 83.65  ? 16  A   A OP1   1 
ATOM   332  O  OP2   . A   A 1 16 ? 8.962   -9.827  14.558 1.00 74.26  ? 16  A   A OP2   1 
ATOM   333  O  "O5'" . A   A 1 16 ? 8.348   -8.488  12.434 1.00 80.59  ? 16  A   A "O5'" 1 
ATOM   334  C  "C5'" . A   A 1 16 ? 7.341   -7.803  13.165 1.00 70.44  ? 16  A   A "C5'" 1 
ATOM   335  C  "C4'" . A   A 1 16 ? 7.939   -7.002  14.295 1.00 65.28  ? 16  A   A "C4'" 1 
ATOM   336  O  "O4'" . A   A 1 16 ? 8.344   -5.695  13.829 1.00 60.20  ? 16  A   A "O4'" 1 
ATOM   337  C  "C3'" . A   A 1 16 ? 7.018   -6.717  15.465 1.00 60.99  ? 16  A   A "C3'" 1 
ATOM   338  O  "O3'" . A   A 1 16 ? 6.959   -7.819  16.358 1.00 67.35  ? 16  A   A "O3'" 1 
ATOM   339  C  "C2'" . A   A 1 16 ? 7.623   -5.462  16.089 1.00 54.65  ? 16  A   A "C2'" 1 
ATOM   340  O  "O2'" . A   A 1 16 ? 8.637   -5.801  17.016 1.00 58.36  ? 16  A   A "O2'" 1 
ATOM   341  C  "C1'" . A   A 1 16 ? 8.252   -4.762  14.883 1.00 55.22  ? 16  A   A "C1'" 1 
ATOM   342  N  N9    . A   A 1 16 ? 7.485   -3.586  14.421 1.00 53.95  ? 16  A   A N9    1 
ATOM   343  C  C8    . A   A 1 16 ? 6.944   -3.397  13.171 1.00 51.19  ? 16  A   A C8    1 
ATOM   344  N  N7    . A   A 1 16 ? 6.331   -2.248  13.025 1.00 49.93  ? 16  A   A N7    1 
ATOM   345  C  C5    . A   A 1 16 ? 6.492   -1.630  14.263 1.00 48.00  ? 16  A   A C5    1 
ATOM   346  C  C6    . A   A 1 16 ? 6.071   -0.390  14.757 1.00 47.67  ? 16  A   A C6    1 
ATOM   347  N  N6    . A   A 1 16 ? 5.382   0.481   14.020 1.00 46.52  ? 16  A   A N6    1 
ATOM   348  N  N1    . A   A 1 16 ? 6.367   -0.069  16.036 1.00 46.68  ? 16  A   A N1    1 
ATOM   349  C  C2    . A   A 1 16 ? 7.057   -0.950  16.770 1.00 46.26  ? 16  A   A C2    1 
ATOM   350  N  N3    . A   A 1 16 ? 7.517   -2.150  16.408 1.00 50.29  ? 16  A   A N3    1 
ATOM   351  C  C4    . A   A 1 16 ? 7.199   -2.437  15.133 1.00 48.35  ? 16  A   A C4    1 
ATOM   352  P  P     . A   A 1 17 ? 5.605   -8.194  17.146 1.00 67.66  ? 17  A   A P     1 
ATOM   353  O  OP1   . A   A 1 17 ? 5.589   -9.650  17.419 1.00 71.54  ? 17  A   A OP1   1 
ATOM   354  O  OP2   . A   A 1 17 ? 4.465   -7.604  16.402 1.00 65.63  ? 17  A   A OP2   1 
ATOM   355  O  "O5'" . A   A 1 17 ? 5.767   -7.459  18.549 1.00 57.93  ? 17  A   A "O5'" 1 
ATOM   356  C  "C5'" . A   A 1 17 ? 5.627   -6.063  18.591 1.00 55.37  ? 17  A   A "C5'" 1 
ATOM   357  C  "C4'" . A   A 1 17 ? 5.928   -5.434  19.914 1.00 55.44  ? 17  A   A "C4'" 1 
ATOM   358  O  "O4'" . A   A 1 17 ? 6.433   -4.107  19.618 1.00 50.82  ? 17  A   A "O4'" 1 
ATOM   359  C  "C3'" . A   A 1 17 ? 4.679   -5.205  20.761 1.00 52.76  ? 17  A   A "C3'" 1 
ATOM   360  O  "O3'" . A   A 1 17 ? 4.486   -6.216  21.732 1.00 59.36  ? 17  A   A "O3'" 1 
ATOM   361  C  "C2'" . A   A 1 17 ? 4.868   -3.808  21.345 1.00 51.75  ? 17  A   A "C2'" 1 
ATOM   362  O  "O2'" . A   A 1 17 ? 5.693   -3.857  22.498 1.00 54.21  ? 17  A   A "O2'" 1 
ATOM   363  C  "C1'" . A   A 1 17 ? 5.638   -3.123  20.230 1.00 47.87  ? 17  A   A "C1'" 1 
ATOM   364  N  N9    . A   A 1 17 ? 4.763   -2.557  19.166 1.00 50.10  ? 17  A   A N9    1 
ATOM   365  C  C8    . A   A 1 17 ? 4.606   -3.075  17.898 1.00 45.14  ? 17  A   A C8    1 
ATOM   366  N  N7    . A   A 1 17 ? 3.804   -2.397  17.106 1.00 50.03  ? 17  A   A N7    1 
ATOM   367  C  C5    . A   A 1 17 ? 3.397   -1.330  17.896 1.00 46.99  ? 17  A   A C5    1 
ATOM   368  C  C6    . A   A 1 17 ? 2.541   -0.241  17.634 1.00 44.58  ? 17  A   A C6    1 
ATOM   369  N  N6    . A   A 1 17 ? 1.913   -0.029  16.465 1.00 43.42  ? 17  A   A N6    1 
ATOM   370  N  N1    . A   A 1 17 ? 2.354   0.649   18.632 1.00 45.81  ? 17  A   A N1    1 
ATOM   371  C  C2    . A   A 1 17 ? 2.986   0.447   19.800 1.00 46.87  ? 17  A   A C2    1 
ATOM   372  N  N3    . A   A 1 17 ? 3.812   -0.535  20.161 1.00 48.12  ? 17  A   A N3    1 
ATOM   373  C  C4    . A   A 1 17 ? 3.986   -1.406  19.159 1.00 45.42  ? 17  A   A C4    1 
ATOM   374  P  P     . C   A 1 18 ? 3.065   -6.964  21.840 1.00 56.99  ? 18  C   A P     1 
ATOM   375  O  OP1   . C   A 1 18 ? 2.963   -7.515  23.219 1.00 60.63  ? 18  C   A OP1   1 
ATOM   376  O  OP2   . C   A 1 18 ? 2.902   -7.804  20.627 1.00 54.41  ? 18  C   A OP2   1 
ATOM   377  O  "O5'" . C   A 1 18 ? 2.003   -5.787  21.743 1.00 47.83  ? 18  C   A "O5'" 1 
ATOM   378  C  "C5'" . C   A 1 18 ? 1.809   -4.902  22.831 1.00 48.48  ? 18  C   A "C5'" 1 
ATOM   379  C  "C4'" . C   A 1 18 ? 0.973   -3.729  22.407 1.00 50.16  ? 18  C   A "C4'" 1 
ATOM   380  O  "O4'" . C   A 1 18 ? 1.529   -3.164  21.196 1.00 50.20  ? 18  C   A "O4'" 1 
ATOM   381  C  "C3'" . C   A 1 18 ? -0.468  -4.035  22.025 1.00 42.90  ? 18  C   A "C3'" 1 
ATOM   382  O  "O3'" . C   A 1 18 ? -1.319  -4.142  23.155 1.00 50.31  ? 18  C   A "O3'" 1 
ATOM   383  C  "C2'" . C   A 1 18 ? -0.821  -2.856  21.133 1.00 45.42  ? 18  C   A "C2'" 1 
ATOM   384  O  "O2'" . C   A 1 18 ? -1.090  -1.721  21.925 1.00 44.08  ? 18  C   A "O2'" 1 
ATOM   385  C  "C1'" . C   A 1 18 ? 0.496   -2.606  20.411 1.00 44.13  ? 18  C   A "C1'" 1 
ATOM   386  N  N1    . C   A 1 18 ? 0.545   -3.198  19.056 1.00 44.73  ? 18  C   A N1    1 
ATOM   387  C  C2    . C   A 1 18 ? -0.039  -2.485  18.009 1.00 42.42  ? 18  C   A C2    1 
ATOM   388  O  O2    . C   A 1 18 ? -0.593  -1.412  18.266 1.00 44.61  ? 18  C   A O2    1 
ATOM   389  N  N3    . C   A 1 18 ? 0.001   -2.970  16.747 1.00 43.79  ? 18  C   A N3    1 
ATOM   390  C  C4    . C   A 1 18 ? 0.612   -4.136  16.523 1.00 45.40  ? 18  C   A C4    1 
ATOM   391  N  N4    . C   A 1 18 ? 0.645   -4.579  15.265 1.00 42.10  ? 18  C   A N4    1 
ATOM   392  C  C5    . C   A 1 18 ? 1.225   -4.886  17.581 1.00 46.48  ? 18  C   A C5    1 
ATOM   393  C  C6    . C   A 1 18 ? 1.181   -4.387  18.824 1.00 45.86  ? 18  C   A C6    1 
ATOM   394  P  P     . U   A 1 19 ? -2.800  -4.763  23.008 1.00 46.55  ? 19  U   A P     1 
ATOM   395  O  OP1   . U   A 1 19 ? -3.553  -4.027  21.949 1.00 48.89  ? 19  U   A OP1   1 
ATOM   396  O  OP2   . U   A 1 19 ? -3.353  -4.908  24.374 1.00 47.81  ? 19  U   A OP2   1 
ATOM   397  O  "O5'" . U   A 1 19 ? -2.519  -6.207  22.420 1.00 43.21  ? 19  U   A "O5'" 1 
ATOM   398  C  "C5'" . U   A 1 19 ? -1.817  -7.167  23.194 1.00 43.80  ? 19  U   A "C5'" 1 
ATOM   399  C  "C4'" . U   A 1 19 ? -2.550  -8.482  23.219 1.00 47.31  ? 19  U   A "C4'" 1 
ATOM   400  O  "O4'" . U   A 1 19 ? -3.724  -8.350  24.056 1.00 49.38  ? 19  U   A "O4'" 1 
ATOM   401  C  "C3'" . U   A 1 19 ? -3.038  -8.994  21.861 1.00 48.77  ? 19  U   A "C3'" 1 
ATOM   402  O  "O3'" . U   A 1 19 ? -2.840  -10.396 21.797 1.00 45.14  ? 19  U   A "O3'" 1 
ATOM   403  C  "C2'" . U   A 1 19 ? -4.536  -8.701  21.884 1.00 46.84  ? 19  U   A "C2'" 1 
ATOM   404  O  "O2'" . U   A 1 19 ? -5.301  -9.603  21.109 1.00 52.00  ? 19  U   A "O2'" 1 
ATOM   405  C  "C1'" . U   A 1 19 ? -4.858  -8.840  23.366 1.00 50.33  ? 19  U   A "C1'" 1 
ATOM   406  N  N1    . U   A 1 19 ? -6.017  -8.063  23.820 1.00 47.79  ? 19  U   A N1    1 
ATOM   407  C  C2    . U   A 1 19 ? -6.869  -8.670  24.722 1.00 50.86  ? 19  U   A C2    1 
ATOM   408  O  O2    . U   A 1 19 ? -6.695  -9.801  25.137 1.00 49.15  ? 19  U   A O2    1 
ATOM   409  N  N3    . U   A 1 19 ? -7.933  -7.912  25.129 1.00 49.56  ? 19  U   A N3    1 
ATOM   410  C  C4    . U   A 1 19 ? -8.216  -6.621  24.747 1.00 51.61  ? 19  U   A C4    1 
ATOM   411  O  O4    . U   A 1 19 ? -9.204  -6.053  25.215 1.00 51.26  ? 19  U   A O4    1 
ATOM   412  C  C5    . U   A 1 19 ? -7.289  -6.061  23.813 1.00 53.99  ? 19  U   A C5    1 
ATOM   413  C  C6    . U   A 1 19 ? -6.247  -6.785  23.386 1.00 52.54  ? 19  U   A C6    1 
ATOM   414  P  P     . C   A 1 20 ? -1.661  -10.980 20.886 1.00 47.53  ? 20  C   A P     1 
ATOM   415  O  OP1   . C   A 1 20 ? -1.717  -12.451 21.096 1.00 46.65  ? 20  C   A OP1   1 
ATOM   416  O  OP2   . C   A 1 20 ? -0.395  -10.236 21.096 1.00 48.92  ? 20  C   A OP2   1 
ATOM   417  O  "O5'" . C   A 1 20 ? -2.131  -10.645 19.398 1.00 50.65  ? 20  C   A "O5'" 1 
ATOM   418  C  "C5'" . C   A 1 20 ? -3.209  -11.352 18.814 1.00 49.76  ? 20  C   A "C5'" 1 
ATOM   419  C  "C4'" . C   A 1 20 ? -2.998  -11.514 17.338 1.00 49.72  ? 20  C   A "C4'" 1 
ATOM   420  O  "O4'" . C   A 1 20 ? -4.064  -12.311 16.789 1.00 50.53  ? 20  C   A "O4'" 1 
ATOM   421  C  "C3'" . C   A 1 20 ? -3.021  -10.238 16.515 1.00 46.39  ? 20  C   A "C3'" 1 
ATOM   422  O  "O3'" . C   A 1 20 ? -1.769  -9.565  16.547 1.00 48.25  ? 20  C   A "O3'" 1 
ATOM   423  C  "C2'" . C   A 1 20 ? -3.417  -10.734 15.123 1.00 51.51  ? 20  C   A "C2'" 1 
ATOM   424  O  "O2'" . C   A 1 20 ? -2.286  -11.200 14.403 1.00 52.40  ? 20  C   A "O2'" 1 
ATOM   425  C  "C1'" . C   A 1 20 ? -4.309  -11.934 15.451 1.00 53.26  ? 20  C   A "C1'" 1 
ATOM   426  N  N1    . C   A 1 20 ? -5.744  -11.632 15.305 1.00 56.59  ? 20  C   A N1    1 
ATOM   427  C  C2    . C   A 1 20 ? -6.342  -11.846 14.057 1.00 55.11  ? 20  C   A C2    1 
ATOM   428  O  O2    . C   A 1 20 ? -5.632  -12.258 13.120 1.00 54.43  ? 20  C   A O2    1 
ATOM   429  N  N3    . C   A 1 20 ? -7.662  -11.585 13.917 1.00 53.73  ? 20  C   A N3    1 
ATOM   430  C  C4    . C   A 1 20 ? -8.375  -11.133 14.955 1.00 56.50  ? 20  C   A C4    1 
ATOM   431  N  N4    . C   A 1 20 ? -9.682  -10.889 14.779 1.00 53.67  ? 20  C   A N4    1 
ATOM   432  C  C5    . C   A 1 20 ? -7.782  -10.915 16.232 1.00 57.81  ? 20  C   A C5    1 
ATOM   433  C  C6    . C   A 1 20 ? -6.474  -11.182 16.372 1.00 55.33  ? 20  C   A C6    1 
ATOM   434  P  P     . G   A 1 21 ? -1.584  -8.093  15.918 1.00 50.83  ? 21  G   A P     1 
ATOM   435  O  OP1   . G   A 1 21 ? -2.196  -8.003  14.571 1.00 47.05  ? 21  G   A OP1   1 
ATOM   436  O  OP2   . G   A 1 21 ? -0.144  -7.766  16.055 1.00 53.64  ? 21  G   A OP2   1 
ATOM   437  O  "O5'" . G   A 1 21 ? -2.443  -7.142  16.871 1.00 50.85  ? 21  G   A "O5'" 1 
ATOM   438  C  "C5'" . G   A 1 21 ? -2.074  -6.883  18.223 1.00 42.42  ? 21  G   A "C5'" 1 
ATOM   439  C  "C4'" . G   A 1 21 ? -3.022  -5.894  18.862 1.00 44.75  ? 21  G   A "C4'" 1 
ATOM   440  O  "O4'" . G   A 1 21 ? -2.622  -4.527  18.545 1.00 46.02  ? 21  G   A "O4'" 1 
ATOM   441  C  "C3'" . G   A 1 21 ? -4.470  -5.986  18.402 1.00 38.79  ? 21  G   A "C3'" 1 
ATOM   442  O  "O3'" . G   A 1 21 ? -5.183  -6.984  19.106 1.00 48.47  ? 21  G   A "O3'" 1 
ATOM   443  C  "C2'" . G   A 1 21 ? -4.997  -4.572  18.639 1.00 46.02  ? 21  G   A "C2'" 1 
ATOM   444  O  "O2'" . G   A 1 21 ? -5.309  -4.363  20.009 1.00 46.42  ? 21  G   A "O2'" 1 
ATOM   445  C  "C1'" . G   A 1 21 ? -3.765  -3.732  18.298 1.00 44.47  ? 21  G   A "C1'" 1 
ATOM   446  N  N9    . G   A 1 21 ? -3.741  -3.355  16.871 1.00 44.30  ? 21  G   A N9    1 
ATOM   447  C  C8    . G   A 1 21 ? -2.996  -3.970  15.884 1.00 40.54  ? 21  G   A C8    1 
ATOM   448  N  N7    . G   A 1 21 ? -3.168  -3.422  14.708 1.00 44.15  ? 21  G   A N7    1 
ATOM   449  C  C5    . G   A 1 21 ? -4.081  -2.388  14.932 1.00 45.11  ? 21  G   A C5    1 
ATOM   450  C  C6    . G   A 1 21 ? -4.650  -1.444  14.034 1.00 43.87  ? 21  G   A C6    1 
ATOM   451  O  O6    . G   A 1 21 ? -4.454  -1.313  12.815 1.00 44.01  ? 21  G   A O6    1 
ATOM   452  N  N1    . G   A 1 21 ? -5.526  -0.583  14.693 1.00 45.45  ? 21  G   A N1    1 
ATOM   453  C  C2    . G   A 1 21 ? -5.819  -0.626  16.028 1.00 46.06  ? 21  G   A C2    1 
ATOM   454  N  N2    . G   A 1 21 ? -6.694  0.285   16.460 1.00 47.16  ? 21  G   A N2    1 
ATOM   455  N  N3    . G   A 1 21 ? -5.296  -1.490  16.879 1.00 42.96  ? 21  G   A N3    1 
ATOM   456  C  C4    . G   A 1 21 ? -4.446  -2.338  16.266 1.00 43.55  ? 21  G   A C4    1 
ATOM   457  P  P     . U   A 1 22 ? -6.397  -7.776  18.412 1.00 46.71  ? 22  U   A P     1 
ATOM   458  O  OP1   . U   A 1 22 ? -6.806  -8.852  19.352 1.00 45.54  ? 22  U   A OP1   1 
ATOM   459  O  OP2   . U   A 1 22 ? -6.046  -8.114  17.013 1.00 43.39  ? 22  U   A OP2   1 
ATOM   460  O  "O5'" . U   A 1 22 ? -7.550  -6.697  18.324 1.00 48.54  ? 22  U   A "O5'" 1 
ATOM   461  C  "C5'" . U   A 1 22 ? -8.098  -6.112  19.483 1.00 50.53  ? 22  U   A "C5'" 1 
ATOM   462  C  "C4'" . U   A 1 22 ? -9.027  -5.011  19.081 1.00 47.75  ? 22  U   A "C4'" 1 
ATOM   463  O  "O4'" . U   A 1 22 ? -8.263  -3.949  18.464 1.00 48.90  ? 22  U   A "O4'" 1 
ATOM   464  C  "C3'" . U   A 1 22 ? -10.042 -5.375  18.012 1.00 49.69  ? 22  U   A "C3'" 1 
ATOM   465  O  "O3'" . U   A 1 22 ? -11.150 -6.081  18.535 1.00 51.03  ? 22  U   A "O3'" 1 
ATOM   466  C  "C2'" . U   A 1 22 ? -10.400 -4.011  17.449 1.00 49.72  ? 22  U   A "C2'" 1 
ATOM   467  O  "O2'" . U   A 1 22 ? -11.205 -3.308  18.382 1.00 48.89  ? 22  U   A "O2'" 1 
ATOM   468  C  "C1'" . U   A 1 22 ? -9.032  -3.336  17.450 1.00 48.03  ? 22  U   A "C1'" 1 
ATOM   469  N  N1    . U   A 1 22 ? -8.322  -3.472  16.158 1.00 48.56  ? 22  U   A N1    1 
ATOM   470  C  C2    . U   A 1 22 ? -8.664  -2.590  15.155 1.00 46.84  ? 22  U   A C2    1 
ATOM   471  O  O2    . U   A 1 22 ? -9.521  -1.742  15.324 1.00 48.33  ? 22  U   A O2    1 
ATOM   472  N  N3    . U   A 1 22 ? -7.973  -2.743  13.971 1.00 43.32  ? 22  U   A N3    1 
ATOM   473  C  C4    . U   A 1 22 ? -6.999  -3.688  13.694 1.00 44.90  ? 22  U   A C4    1 
ATOM   474  O  O4    . U   A 1 22 ? -6.451  -3.719  12.590 1.00 45.86  ? 22  U   A O4    1 
ATOM   475  C  C5    . U   A 1 22 ? -6.717  -4.574  14.771 1.00 44.60  ? 22  U   A C5    1 
ATOM   476  C  C6    . U   A 1 22 ? -7.363  -4.434  15.938 1.00 47.73  ? 22  U   A C6    1 
ATOM   477  P  P     . C   A 1 23 ? -11.964 -7.132  17.638 1.00 53.30  ? 23  C   A P     1 
ATOM   478  O  OP1   . C   A 1 23 ? -12.885 -7.801  18.601 1.00 56.80  ? 23  C   A OP1   1 
ATOM   479  O  OP2   . C   A 1 23 ? -11.060 -7.985  16.821 1.00 53.92  ? 23  C   A OP2   1 
ATOM   480  O  "O5'" . C   A 1 23 ? -12.818 -6.219  16.645 1.00 51.49  ? 23  C   A "O5'" 1 
ATOM   481  C  "C5'" . C   A 1 23 ? -13.824 -5.347  17.146 1.00 51.99  ? 23  C   A "C5'" 1 
ATOM   482  C  "C4'" . C   A 1 23 ? -14.336 -4.414  16.077 1.00 49.88  ? 23  C   A "C4'" 1 
ATOM   483  O  "O4'" . C   A 1 23 ? -13.270 -3.526  15.659 1.00 51.47  ? 23  C   A "O4'" 1 
ATOM   484  C  "C3'" . C   A 1 23 ? -14.794 -5.064  14.781 1.00 55.63  ? 23  C   A "C3'" 1 
ATOM   485  O  "O3'" . C   A 1 23 ? -16.101 -5.614  14.838 1.00 52.31  ? 23  C   A "O3'" 1 
ATOM   486  C  "C2'" . C   A 1 23 ? -14.651 -3.931  13.771 1.00 52.87  ? 23  C   A "C2'" 1 
ATOM   487  O  "O2'" . C   A 1 23 ? -15.732 -3.013  13.862 1.00 53.75  ? 23  C   A "O2'" 1 
ATOM   488  C  "C1'" . C   A 1 23 ? -13.388 -3.243  14.277 1.00 48.38  ? 23  C   A "C1'" 1 
ATOM   489  N  N1    . C   A 1 23 ? -12.197 -3.761  13.571 1.00 46.58  ? 23  C   A N1    1 
ATOM   490  C  C2    . C   A 1 23 ? -11.964 -3.265  12.291 1.00 50.76  ? 23  C   A C2    1 
ATOM   491  O  O2    . C   A 1 23 ? -12.766 -2.414  11.868 1.00 49.03  ? 23  C   A O2    1 
ATOM   492  N  N3    . C   A 1 23 ? -10.897 -3.718  11.572 1.00 46.62  ? 23  C   A N3    1 
ATOM   493  C  C4    . C   A 1 23 ? -10.085 -4.639  12.110 1.00 47.97  ? 23  C   A C4    1 
ATOM   494  N  N4    . C   A 1 23 ? -9.041  -5.076  11.395 1.00 46.59  ? 23  C   A N4    1 
ATOM   495  C  C5    . C   A 1 23 ? -10.307 -5.165  13.418 1.00 47.16  ? 23  C   A C5    1 
ATOM   496  C  C6    . C   A 1 23 ? -11.370 -4.712  14.103 1.00 48.92  ? 23  C   A C6    1 
ATOM   497  P  P     . C   A 1 24 ? -16.433 -6.915  13.961 1.00 56.66  ? 24  C   A P     1 
ATOM   498  O  OP1   . C   A 1 24 ? -17.779 -7.336  14.402 1.00 63.36  ? 24  C   A OP1   1 
ATOM   499  O  OP2   . C   A 1 24 ? -15.302 -7.886  14.013 1.00 53.51  ? 24  C   A OP2   1 
ATOM   500  O  "O5'" . C   A 1 24 ? -16.439 -6.384  12.456 1.00 53.77  ? 24  C   A "O5'" 1 
ATOM   501  C  "C5'" . C   A 1 24 ? -17.399 -5.441  12.024 1.00 54.28  ? 24  C   A "C5'" 1 
ATOM   502  C  "C4'" . C   A 1 24 ? -17.101 -4.923  10.641 1.00 52.63  ? 24  C   A "C4'" 1 
ATOM   503  O  "O4'" . C   A 1 24 ? -15.791 -4.315  10.609 1.00 57.29  ? 24  C   A "O4'" 1 
ATOM   504  C  "C3'" . C   A 1 24 ? -17.051 -5.931  9.505  1.00 57.94  ? 24  C   A "C3'" 1 
ATOM   505  O  "O3'" . C   A 1 24 ? -18.330 -6.337  9.053  1.00 64.10  ? 24  C   A "O3'" 1 
ATOM   506  C  "C2'" . C   A 1 24 ? -16.269 -5.175  8.444  1.00 59.34  ? 24  C   A "C2'" 1 
ATOM   507  O  "O2'" . C   A 1 24 ? -17.103 -4.226  7.793  1.00 60.73  ? 24  C   A "O2'" 1 
ATOM   508  C  "C1'" . C   A 1 24 ? -15.254 -4.418  9.304  1.00 57.76  ? 24  C   A "C1'" 1 
ATOM   509  N  N1    . C   A 1 24 ? -13.957 -5.124  9.373  1.00 54.39  ? 24  C   A N1    1 
ATOM   510  C  C2    . C   A 1 24 ? -13.075 -4.997  8.291  1.00 54.33  ? 24  C   A C2    1 
ATOM   511  O  O2    . C   A 1 24 ? -13.419 -4.299  7.320  1.00 55.58  ? 24  C   A O2    1 
ATOM   512  N  N3    . C   A 1 24 ? -11.880 -5.637  8.327  1.00 47.90  ? 24  C   A N3    1 
ATOM   513  C  C4    . C   A 1 24 ? -11.567 -6.372  9.396  1.00 48.32  ? 24  C   A C4    1 
ATOM   514  N  N4    . C   A 1 24 ? -10.386 -6.981  9.403  1.00 53.10  ? 24  C   A N4    1 
ATOM   515  C  C5    . C   A 1 24 ? -12.441 -6.514  10.512 1.00 50.46  ? 24  C   A C5    1 
ATOM   516  C  C6    . C   A 1 24 ? -13.620 -5.876  10.466 1.00 52.20  ? 24  C   A C6    1 
ATOM   517  P  P     . C   A 1 25 ? -18.567 -7.844  8.541  1.00 71.52  ? 25  C   A P     1 
ATOM   518  O  OP1   . C   A 1 25 ? -20.033 -7.914  8.280  1.00 73.92  ? 25  C   A OP1   1 
ATOM   519  O  OP2   . C   A 1 25 ? -17.976 -8.809  9.510  1.00 64.31  ? 25  C   A OP2   1 
ATOM   520  O  "O5'" . C   A 1 25 ? -17.736 -7.949  7.174  1.00 56.96  ? 25  C   A "O5'" 1 
ATOM   521  C  "C5'" . C   A 1 25 ? -18.214 -7.320  5.998  1.00 59.67  ? 25  C   A "C5'" 1 
ATOM   522  C  "C4'" . C   A 1 25 ? -17.136 -7.091  4.963  1.00 63.08  ? 25  C   A "C4'" 1 
ATOM   523  O  "O4'" . C   A 1 25 ? -15.934 -6.544  5.568  1.00 64.33  ? 25  C   A "O4'" 1 
ATOM   524  C  "C3'" . C   A 1 25 ? -16.612 -8.296  4.201  1.00 65.13  ? 25  C   A "C3'" 1 
ATOM   525  O  "O3'" . C   A 1 25 ? -17.516 -8.810  3.235  1.00 66.87  ? 25  C   A "O3'" 1 
ATOM   526  C  "C2'" . C   A 1 25 ? -15.325 -7.742  3.603  1.00 59.51  ? 25  C   A "C2'" 1 
ATOM   527  O  "O2'" . C   A 1 25 ? -15.617 -6.868  2.525  1.00 61.55  ? 25  C   A "O2'" 1 
ATOM   528  C  "C1'" . C   A 1 25 ? -14.812 -6.878  4.758  1.00 63.47  ? 25  C   A "C1'" 1 
ATOM   529  N  N1    . C   A 1 25 ? -13.773 -7.580  5.559  1.00 57.31  ? 25  C   A N1    1 
ATOM   530  C  C2    . C   A 1 25 ? -12.498 -7.769  4.983  1.00 53.71  ? 25  C   A C2    1 
ATOM   531  O  O2    . C   A 1 25 ? -12.260 -7.347  3.836  1.00 54.49  ? 25  C   A O2    1 
ATOM   532  N  N3    . C   A 1 25 ? -11.544 -8.419  5.691  1.00 51.34  ? 25  C   A N3    1 
ATOM   533  C  C4    . C   A 1 25 ? -11.823 -8.877  6.911  1.00 50.78  ? 25  C   A C4    1 
ATOM   534  N  N4    . C   A 1 25 ? -10.856 -9.518  7.559  1.00 55.58  ? 25  C   A N4    1 
ATOM   535  C  C5    . C   A 1 25 ? -13.101 -8.710  7.523  1.00 51.43  ? 25  C   A C5    1 
ATOM   536  C  C6    . C   A 1 25 ? -14.037 -8.059  6.818  1.00 53.50  ? 25  C   A C6    1 
ATOM   537  P  P     . A   A 1 26 ? -17.579 -10.396 2.957  1.00 70.24  ? 26  A   A P     1 
ATOM   538  O  OP1   . A   A 1 26 ? -18.808 -10.612 2.159  1.00 70.58  ? 26  A   A OP1   1 
ATOM   539  O  OP2   . A   A 1 26 ? -17.342 -11.194 4.192  1.00 65.53  ? 26  A   A OP2   1 
ATOM   540  O  "O5'" . A   A 1 26 ? -16.294 -10.689 2.066  1.00 61.51  ? 26  A   A "O5'" 1 
ATOM   541  C  "C5'" . A   A 1 26 ? -16.211 -10.212 0.740  1.00 63.46  ? 26  A   A "C5'" 1 
ATOM   542  C  "C4'" . A   A 1 26 ? -14.797 -10.263 0.236  1.00 61.96  ? 26  A   A "C4'" 1 
ATOM   543  O  "O4'" . A   A 1 26 ? -13.907 -9.646  1.199  1.00 64.75  ? 26  A   A "O4'" 1 
ATOM   544  C  "C3'" . A   A 1 26 ? -14.191 -11.639 0.033  1.00 56.11  ? 26  A   A "C3'" 1 
ATOM   545  O  "O3'" . A   A 1 26 ? -14.640 -12.267 -1.152 1.00 59.21  ? 26  A   A "O3'" 1 
ATOM   546  C  "C2'" . A   A 1 26 ? -12.706 -11.322 0.026  1.00 57.81  ? 26  A   A "C2'" 1 
ATOM   547  O  "O2'" . A   A 1 26 ? -12.353 -10.718 -1.205 1.00 61.44  ? 26  A   A "O2'" 1 
ATOM   548  C  "C1'" . A   A 1 26 ? -12.627 -10.240 1.103  1.00 61.81  ? 26  A   A "C1'" 1 
ATOM   549  N  N9    . A   A 1 26 ? -12.240 -10.790 2.417  1.00 60.01  ? 26  A   A N9    1 
ATOM   550  C  C8    . A   A 1 26 ? -13.016 -10.947 3.536  1.00 54.51  ? 26  A   A C8    1 
ATOM   551  N  N7    . A   A 1 26 ? -12.359 -11.475 4.540  1.00 52.56  ? 26  A   A N7    1 
ATOM   552  C  C5    . A   A 1 26 ? -11.072 -11.682 4.054  1.00 53.52  ? 26  A   A C5    1 
ATOM   553  C  C6    . A   A 1 26 ? -9.894  -12.205 4.641  1.00 55.08  ? 26  A   A C6    1 
ATOM   554  N  N6    . A   A 1 26 ? -9.817  -12.649 5.894  1.00 48.94  ? 26  A   A N6    1 
ATOM   555  N  N1    . A   A 1 26 ? -8.777  -12.260 3.874  1.00 54.97  ? 26  A   A N1    1 
ATOM   556  C  C2    . A   A 1 26 ? -8.843  -11.811 2.601  1.00 58.64  ? 26  A   A C2    1 
ATOM   557  N  N3    . A   A 1 26 ? -9.889  -11.293 1.946  1.00 58.74  ? 26  A   A N3    1 
ATOM   558  C  C4    . A   A 1 26 ? -10.984 -11.257 2.741  1.00 54.71  ? 26  A   A C4    1 
ATOM   559  P  P     . G   A 1 27 ? -14.647 -13.873 -1.290 1.00 59.20  ? 27  G   A P     1 
ATOM   560  O  OP1   . G   A 1 27 ? -15.416 -14.220 -2.510 1.00 64.16  ? 27  G   A OP1   1 
ATOM   561  O  OP2   . G   A 1 27 ? -15.043 -14.495 -0.004 1.00 54.99  ? 27  G   A OP2   1 
ATOM   562  O  "O5'" . G   A 1 27 ? -13.127 -14.224 -1.589 1.00 55.64  ? 27  G   A "O5'" 1 
ATOM   563  C  "C5'" . G   A 1 27 ? -12.444 -13.617 -2.673 1.00 57.97  ? 27  G   A "C5'" 1 
ATOM   564  C  "C4'" . G   A 1 27 ? -10.980 -13.949 -2.616 1.00 59.18  ? 27  G   A "C4'" 1 
ATOM   565  O  "O4'" . G   A 1 27 ? -10.410 -13.417 -1.397 1.00 59.92  ? 27  G   A "O4'" 1 
ATOM   566  C  "C3'" . G   A 1 27 ? -10.681 -15.433 -2.561 1.00 57.13  ? 27  G   A "C3'" 1 
ATOM   567  O  "O3'" . G   A 1 27 ? -10.622 -15.967 -3.861 1.00 59.76  ? 27  G   A "O3'" 1 
ATOM   568  C  "C2'" . G   A 1 27 ? -9.350  -15.499 -1.823 1.00 58.37  ? 27  G   A "C2'" 1 
ATOM   569  O  "O2'" . G   A 1 27 ? -8.277  -15.249 -2.717 1.00 61.27  ? 27  G   A "O2'" 1 
ATOM   570  C  "C1'" . G   A 1 27 ? -9.456  -14.307 -0.876 1.00 55.63  ? 27  G   A "C1'" 1 
ATOM   571  N  N9    . G   A 1 27 ? -9.851  -14.645 0.504  1.00 54.62  ? 27  G   A N9    1 
ATOM   572  C  C8    . G   A 1 27 ? -11.078 -14.430 1.085  1.00 55.70  ? 27  G   A C8    1 
ATOM   573  N  N7    . G   A 1 27 ? -11.116 -14.765 2.349  1.00 56.41  ? 27  G   A N7    1 
ATOM   574  C  C5    . G   A 1 27 ? -9.825  -15.208 2.621  1.00 53.97  ? 27  G   A C5    1 
ATOM   575  C  C6    . G   A 1 27 ? -9.251  -15.702 3.821  1.00 55.23  ? 27  G   A C6    1 
ATOM   576  O  O6    . G   A 1 27 ? -9.795  -15.852 4.918  1.00 57.67  ? 27  G   A O6    1 
ATOM   577  N  N1    . G   A 1 27 ? -7.913  -16.050 3.677  1.00 55.05  ? 27  G   A N1    1 
ATOM   578  C  C2    . G   A 1 27 ? -7.209  -15.925 2.510  1.00 52.96  ? 27  G   A C2    1 
ATOM   579  N  N2    . G   A 1 27 ? -5.930  -16.302 2.571  1.00 50.61  ? 27  G   A N2    1 
ATOM   580  N  N3    . G   A 1 27 ? -7.724  -15.462 1.377  1.00 55.76  ? 27  G   A N3    1 
ATOM   581  C  C4    . G   A 1 27 ? -9.029  -15.126 1.500  1.00 54.67  ? 27  G   A C4    1 
ATOM   582  P  P     . C   A 1 28 ? -11.228 -17.413 -4.182 1.00 63.58  ? 28  C   A P     1 
ATOM   583  O  OP1   . C   A 1 28 ? -11.296 -17.458 -5.666 1.00 61.69  ? 28  C   A OP1   1 
ATOM   584  O  OP2   . C   A 1 28 ? -12.428 -17.701 -3.362 1.00 58.26  ? 28  C   A OP2   1 
ATOM   585  O  "O5'" . C   A 1 28 ? -10.092 -18.398 -3.662 1.00 61.79  ? 28  C   A "O5'" 1 
ATOM   586  C  "C5'" . C   A 1 28 ? -8.726  -18.187 -4.005 1.00 57.88  ? 28  C   A "C5'" 1 
ATOM   587  C  "C4'" . C   A 1 28 ? -7.813  -19.129 -3.257 1.00 61.22  ? 28  C   A "C4'" 1 
ATOM   588  O  "O4'" . C   A 1 28 ? -7.770  -18.751 -1.849 1.00 60.36  ? 28  C   A "O4'" 1 
ATOM   589  C  "C3'" . C   A 1 28 ? -8.232  -20.601 -3.291 1.00 54.83  ? 28  C   A "C3'" 1 
ATOM   590  O  "O3'" . C   A 1 28 ? -7.071  -21.427 -3.329 1.00 58.36  ? 28  C   A "O3'" 1 
ATOM   591  C  "C2'" . C   A 1 28 ? -8.935  -20.776 -1.950 1.00 52.40  ? 28  C   A "C2'" 1 
ATOM   592  O  "O2'" . C   A 1 28 ? -8.970  -22.095 -1.460 1.00 54.29  ? 28  C   A "O2'" 1 
ATOM   593  C  "C1'" . C   A 1 28 ? -8.104  -19.870 -1.053 1.00 56.26  ? 28  C   A "C1'" 1 
ATOM   594  N  N1    . C   A 1 28 ? -8.827  -19.425 0.144  1.00 53.97  ? 28  C   A N1    1 
ATOM   595  C  C2    . C   A 1 28 ? -8.175  -19.525 1.367  1.00 56.15  ? 28  C   A C2    1 
ATOM   596  O  O2    . C   A 1 28 ? -7.006  -19.946 1.352  1.00 54.06  ? 28  C   A O2    1 
ATOM   597  N  N3    . C   A 1 28 ? -8.818  -19.137 2.500  1.00 54.96  ? 28  C   A N3    1 
ATOM   598  C  C4    . C   A 1 28 ? -10.075 -18.692 2.431  1.00 54.39  ? 28  C   A C4    1 
ATOM   599  N  N4    . C   A 1 28 ? -10.683 -18.335 3.564  1.00 53.79  ? 28  C   A N4    1 
ATOM   600  C  C5    . C   A 1 28 ? -10.772 -18.591 1.190  1.00 55.61  ? 28  C   A C5    1 
ATOM   601  C  C6    . C   A 1 28 ? -10.116 -18.967 0.082  1.00 57.43  ? 28  C   A C6    1 
ATOM   602  P  P     . U   A 1 29 ? -6.246  -21.609 -4.702 1.00 58.07  ? 29  U   A P     1 
ATOM   603  O  OP1   . U   A 1 29 ? -4.985  -20.828 -4.636 1.00 52.03  ? 29  U   A OP1   1 
ATOM   604  O  OP2   . U   A 1 29 ? -7.224  -21.436 -5.816 1.00 66.70  ? 29  U   A OP2   1 
ATOM   605  O  "O5'" . U   A 1 29 ? -5.824  -23.143 -4.692 1.00 57.41  ? 29  U   A "O5'" 1 
ATOM   606  C  "C5'" . U   A 1 29 ? -6.795  -24.169 -4.766 1.00 53.16  ? 29  U   A "C5'" 1 
ATOM   607  C  "C4'" . U   A 1 29 ? -6.205  -25.480 -4.327 1.00 51.22  ? 29  U   A "C4'" 1 
ATOM   608  O  "O4'" . U   A 1 29 ? -5.019  -25.756 -5.110 1.00 53.36  ? 29  U   A "O4'" 1 
ATOM   609  C  "C3'" . U   A 1 29 ? -5.707  -25.524 -2.894 1.00 51.43  ? 29  U   A "C3'" 1 
ATOM   610  O  "O3'" . U   A 1 29 ? -6.753  -25.733 -1.958 1.00 60.29  ? 29  U   A "O3'" 1 
ATOM   611  C  "C2'" . U   A 1 29 ? -4.680  -26.651 -2.943 1.00 50.57  ? 29  U   A "C2'" 1 
ATOM   612  O  "O2'" . U   A 1 29 ? -5.317  -27.920 -2.959 1.00 48.45  ? 29  U   A "O2'" 1 
ATOM   613  C  "C1'" . U   A 1 29 ? -4.062  -26.429 -4.315 1.00 48.79  ? 29  U   A "C1'" 1 
ATOM   614  N  N1    . U   A 1 29 ? -2.839  -25.608 -4.241 1.00 48.99  ? 29  U   A N1    1 
ATOM   615  C  C2    . U   A 1 29 ? -1.696  -26.263 -3.848 1.00 48.94  ? 29  U   A C2    1 
ATOM   616  O  O2    . U   A 1 29 ? -1.678  -27.453 -3.574 1.00 50.65  ? 29  U   A O2    1 
ATOM   617  N  N3    . U   A 1 29 ? -0.577  -25.485 -3.800 1.00 47.45  ? 29  U   A N3    1 
ATOM   618  C  C4    . U   A 1 29 ? -0.502  -24.143 -4.108 1.00 48.23  ? 29  U   A C4    1 
ATOM   619  O  O4    . U   A 1 29 ? 0.580   -23.588 -4.020 1.00 51.18  ? 29  U   A O4    1 
ATOM   620  C  C5    . U   A 1 29 ? -1.726  -23.530 -4.501 1.00 46.71  ? 29  U   A C5    1 
ATOM   621  C  C6    . U   A 1 29 ? -2.832  -24.276 -4.558 1.00 49.27  ? 29  U   A C6    1 
ATOM   622  P  P     . U   A 1 30 ? -6.789  -24.946 -0.550 1.00 54.83  ? 30  U   A P     1 
ATOM   623  O  OP1   . U   A 1 30 ? -8.215  -24.816 -0.175 1.00 59.31  ? 30  U   A OP1   1 
ATOM   624  O  OP2   . U   A 1 30 ? -5.918  -23.743 -0.589 1.00 57.81  ? 30  U   A OP2   1 
ATOM   625  O  "O5'" . U   A 1 30 ? -6.212  -26.004 0.486  1.00 61.18  ? 30  U   A "O5'" 1 
ATOM   626  C  "C5'" . U   A 1 30 ? -4.882  -26.487 0.392  1.00 55.54  ? 30  U   A "C5'" 1 
ATOM   627  C  "C4'" . U   A 1 30 ? -4.220  -26.534 1.737  1.00 56.41  ? 30  U   A "C4'" 1 
ATOM   628  O  "O4'" . U   A 1 30 ? -2.835  -26.175 1.551  1.00 53.01  ? 30  U   A "O4'" 1 
ATOM   629  C  "C3'" . U   A 1 30 ? -4.773  -25.549 2.758  1.00 54.59  ? 30  U   A "C3'" 1 
ATOM   630  O  "O3'" . U   A 1 30 ? -4.508  -26.053 4.061  1.00 54.48  ? 30  U   A "O3'" 1 
ATOM   631  C  "C2'" . U   A 1 30 ? -3.911  -24.320 2.519  1.00 54.01  ? 30  U   A "C2'" 1 
ATOM   632  O  "O2'" . U   A 1 30 ? -3.833  -23.437 3.616  1.00 52.44  ? 30  U   A "O2'" 1 
ATOM   633  C  "C1'" . U   A 1 30 ? -2.557  -24.956 2.210  1.00 55.26  ? 30  U   A "C1'" 1 
ATOM   634  N  N1    . U   A 1 30 ? -1.733  -24.164 1.297  1.00 51.18  ? 30  U   A N1    1 
ATOM   635  C  C2    . U   A 1 30 ? -0.458  -23.841 1.687  1.00 52.52  ? 30  U   A C2    1 
ATOM   636  O  O2    . U   A 1 30 ? 0.017   -24.180 2.756  1.00 53.16  ? 30  U   A O2    1 
ATOM   637  N  N3    . U   A 1 30 ? 0.242   -23.106 0.767  1.00 55.74  ? 30  U   A N3    1 
ATOM   638  C  C4    . U   A 1 30 ? -0.204  -22.674 -0.462 1.00 51.30  ? 30  U   A C4    1 
ATOM   639  O  O4    . U   A 1 30 ? 0.548   -22.015 -1.176 1.00 57.64  ? 30  U   A O4    1 
ATOM   640  C  C5    . U   A 1 30 ? -1.537  -23.055 -0.788 1.00 50.25  ? 30  U   A C5    1 
ATOM   641  C  C6    . U   A 1 30 ? -2.243  -23.778 0.082  1.00 54.57  ? 30  U   A C6    1 
ATOM   642  P  P     . C   A 1 31 ? -5.698  -26.445 5.071  1.00 55.22  ? 31  C   A P     1 
ATOM   643  O  OP1   . C   A 1 31 ? -4.961  -26.883 6.287  1.00 55.81  ? 31  C   A OP1   1 
ATOM   644  O  OP2   . C   A 1 31 ? -6.713  -27.339 4.463  1.00 49.12  ? 31  C   A OP2   1 
ATOM   645  O  "O5'" . C   A 1 31 ? -6.435  -25.055 5.353  1.00 59.91  ? 31  C   A "O5'" 1 
ATOM   646  C  "C5'" . C   A 1 31 ? -6.016  -24.185 6.409  1.00 55.01  ? 31  C   A "C5'" 1 
ATOM   647  C  "C4'" . C   A 1 31 ? -7.204  -23.528 7.070  1.00 53.85  ? 31  C   A "C4'" 1 
ATOM   648  O  "O4'" . C   A 1 31 ? -7.846  -22.640 6.111  1.00 51.94  ? 31  C   A "O4'" 1 
ATOM   649  C  "C3'" . C   A 1 31 ? -8.291  -24.500 7.540  1.00 55.05  ? 31  C   A "C3'" 1 
ATOM   650  O  "O3'" . C   A 1 31 ? -8.933  -23.973 8.702  1.00 55.66  ? 31  C   A "O3'" 1 
ATOM   651  C  "C2'" . C   A 1 31 ? -9.274  -24.479 6.374  1.00 52.79  ? 31  C   A "C2'" 1 
ATOM   652  O  "O2'" . C   A 1 31 ? -10.591 -24.882 6.700  1.00 58.19  ? 31  C   A "O2'" 1 
ATOM   653  C  "C1'" . C   A 1 31 ? -9.205  -23.013 5.962  1.00 53.06  ? 31  C   A "C1'" 1 
ATOM   654  N  N1    . C   A 1 31 ? -9.613  -22.744 4.578  1.00 54.95  ? 31  C   A N1    1 
ATOM   655  C  C2    . C   A 1 31 ? -10.834 -22.111 4.329  1.00 50.66  ? 31  C   A C2    1 
ATOM   656  O  O2    . C   A 1 31 ? -11.553 -21.797 5.282  1.00 54.86  ? 31  C   A O2    1 
ATOM   657  N  N3    . C   A 1 31 ? -11.210 -21.862 3.061  1.00 48.16  ? 31  C   A N3    1 
ATOM   658  C  C4    . C   A 1 31 ? -10.417 -22.216 2.055  1.00 52.51  ? 31  C   A C4    1 
ATOM   659  N  N4    . C   A 1 31 ? -10.821 -21.949 0.810  1.00 51.58  ? 31  C   A N4    1 
ATOM   660  C  C5    . C   A 1 31 ? -9.161  -22.853 2.275  1.00 52.71  ? 31  C   A C5    1 
ATOM   661  C  C6    . C   A 1 31 ? -8.803  -23.102 3.538  1.00 55.38  ? 31  C   A C6    1 
ATOM   662  P  P     . G   A 1 32 ? -8.358  -24.288 10.170 1.00 53.55  ? 32  G   A P     1 
ATOM   663  O  OP1   . G   A 1 32 ? -7.949  -25.713 10.239 1.00 53.95  ? 32  G   A OP1   1 
ATOM   664  O  OP2   . G   A 1 32 ? -9.383  -23.794 11.121 1.00 54.47  ? 32  G   A OP2   1 
ATOM   665  O  "O5'" . G   A 1 32 ? -7.053  -23.366 10.275 1.00 51.66  ? 32  G   A "O5'" 1 
ATOM   666  C  "C5'" . G   A 1 32 ? -5.763  -23.923 10.504 1.00 48.99  ? 32  G   A "C5'" 1 
ATOM   667  C  "C4'" . G   A 1 32 ? -4.689  -22.877 10.344 1.00 56.13  ? 32  G   A "C4'" 1 
ATOM   668  O  "O4'" . G   A 1 32 ? -4.754  -22.335 8.998  1.00 57.37  ? 32  G   A "O4'" 1 
ATOM   669  C  "C3'" . G   A 1 32 ? -4.834  -21.665 11.255 1.00 50.45  ? 32  G   A "C3'" 1 
ATOM   670  O  "O3'" . G   A 1 32 ? -4.219  -21.852 12.510 1.00 54.99  ? 32  G   A "O3'" 1 
ATOM   671  C  "C2'" . G   A 1 32 ? -4.217  -20.535 10.443 1.00 54.37  ? 32  G   A "C2'" 1 
ATOM   672  O  "O2'" . G   A 1 32 ? -2.798  -20.548 10.553 1.00 53.21  ? 32  G   A "O2'" 1 
ATOM   673  C  "C1'" . G   A 1 32 ? -4.611  -20.934 9.022  1.00 52.76  ? 32  G   A "C1'" 1 
ATOM   674  N  N9    . G   A 1 32 ? -5.908  -20.382 8.610  1.00 51.73  ? 32  G   A N9    1 
ATOM   675  C  C8    . G   A 1 32 ? -6.977  -19.995 9.376  1.00 48.59  ? 32  G   A C8    1 
ATOM   676  N  N7    . G   A 1 32 ? -7.982  -19.582 8.643  1.00 56.26  ? 32  G   A N7    1 
ATOM   677  C  C5    . G   A 1 32 ? -7.575  -19.728 7.316  1.00 55.00  ? 32  G   A C5    1 
ATOM   678  C  C6    . G   A 1 32 ? -8.224  -19.459 6.068  1.00 54.41  ? 32  G   A C6    1 
ATOM   679  O  O6    . G   A 1 32 ? -9.351  -19.010 5.815  1.00 53.16  ? 32  G   A O6    1 
ATOM   680  N  N1    . G   A 1 32 ? -7.405  -19.768 4.993  1.00 54.76  ? 32  G   A N1    1 
ATOM   681  C  C2    . G   A 1 32 ? -6.131  -20.266 5.095  1.00 56.99  ? 32  G   A C2    1 
ATOM   682  N  N2    . G   A 1 32 ? -5.493  -20.510 3.940  1.00 59.27  ? 32  G   A N2    1 
ATOM   683  N  N3    . G   A 1 32 ? -5.523  -20.523 6.235  1.00 54.23  ? 32  G   A N3    1 
ATOM   684  C  C4    . G   A 1 32 ? -6.292  -20.230 7.297  1.00 55.45  ? 32  G   A C4    1 
ATOM   685  P  P     . A   A 1 33 ? -5.108  -21.792 13.842 1.00 51.09  ? 33  A   A P     1 
ATOM   686  O  OP1   . A   A 1 33 ? -4.187  -21.980 14.986 1.00 55.22  ? 33  A   A OP1   1 
ATOM   687  O  OP2   . A   A 1 33 ? -6.278  -22.686 13.662 1.00 51.72  ? 33  A   A OP2   1 
ATOM   688  O  "O5'" . A   A 1 33 ? -5.704  -20.314 13.822 1.00 46.14  ? 33  A   A "O5'" 1 
ATOM   689  C  "C5'" . A   A 1 33 ? -4.859  -19.184 13.803 1.00 45.80  ? 33  A   A "C5'" 1 
ATOM   690  C  "C4'" . A   A 1 33 ? -5.544  -17.996 13.178 1.00 50.31  ? 33  A   A "C4'" 1 
ATOM   691  O  "O4'" . A   A 1 33 ? -6.606  -17.521 14.038 1.00 47.68  ? 33  A   A "O4'" 1 
ATOM   692  C  "C3'" . A   A 1 33 ? -4.664  -16.776 12.961 1.00 53.64  ? 33  A   A "C3'" 1 
ATOM   693  O  "O3'" . A   A 1 33 ? -3.955  -16.869 11.751 1.00 59.61  ? 33  A   A "O3'" 1 
ATOM   694  C  "C2'" . A   A 1 33 ? -5.654  -15.627 12.962 1.00 53.82  ? 33  A   A "C2'" 1 
ATOM   695  O  "O2'" . A   A 1 33 ? -6.279  -15.515 11.688 1.00 55.29  ? 33  A   A "O2'" 1 
ATOM   696  C  "C1'" . A   A 1 33 ? -6.686  -16.112 13.978 1.00 50.17  ? 33  A   A "C1'" 1 
ATOM   697  N  N9    . A   A 1 33 ? -6.433  -15.574 15.327 1.00 55.62  ? 33  A   A N9    1 
ATOM   698  C  C8    . A   A 1 33 ? -5.272  -15.656 16.082 1.00 54.12  ? 33  A   A C8    1 
ATOM   699  N  N7    . A   A 1 33 ? -5.374  -15.084 17.255 1.00 54.78  ? 33  A   A N7    1 
ATOM   700  C  C5    . A   A 1 33 ? -6.686  -14.597 17.278 1.00 58.43  ? 33  A   A C5    1 
ATOM   701  C  C6    . A   A 1 33 ? -7.418  -13.874 18.254 1.00 64.91  ? 33  A   A C6    1 
ATOM   702  N  N6    . A   A 1 33 ? -6.914  -13.518 19.450 1.00 66.13  ? 33  A   A N6    1 
ATOM   703  N  N1    . A   A 1 33 ? -8.698  -13.533 17.962 1.00 59.72  ? 33  A   A N1    1 
ATOM   704  C  C2    . A   A 1 33 ? -9.192  -13.896 16.760 1.00 60.99  ? 33  A   A C2    1 
ATOM   705  N  N3    . A   A 1 33 ? -8.610  -14.569 15.763 1.00 57.13  ? 33  A   A N3    1 
ATOM   706  C  C4    . A   A 1 33 ? -7.347  -14.897 16.094 1.00 56.16  ? 33  A   A C4    1 
ATOM   707  P  P     . C   A 1 34 ? -2.412  -16.478 11.709 1.00 66.08  ? 34  C   A P     1 
ATOM   708  O  OP1   . C   A 1 34 ? -1.714  -17.531 12.505 1.00 58.28  ? 34  C   A OP1   1 
ATOM   709  O  OP2   . C   A 1 34 ? -2.307  -15.036 12.065 1.00 59.40  ? 34  C   A OP2   1 
ATOM   710  O  "O5'" . C   A 1 34 ? -2.028  -16.650 10.171 1.00 60.89  ? 34  C   A "O5'" 1 
ATOM   711  C  "C5'" . C   A 1 34 ? -1.212  -17.726 9.740  1.00 57.80  ? 34  C   A "C5'" 1 
ATOM   712  C  "C4'" . C   A 1 34 ? -1.263  -17.880 8.244  1.00 56.22  ? 34  C   A "C4'" 1 
ATOM   713  O  "O4'" . C   A 1 34 ? -2.488  -18.562 7.876  1.00 59.18  ? 34  C   A "O4'" 1 
ATOM   714  C  "C3'" . C   A 1 34 ? -1.304  -16.584 7.446  1.00 58.32  ? 34  C   A "C3'" 1 
ATOM   715  O  "O3'" . C   A 1 34 ? -0.029  -15.994 7.262  1.00 56.80  ? 34  C   A "O3'" 1 
ATOM   716  C  "C2'" . C   A 1 34 ? -1.969  -17.013 6.148  1.00 57.67  ? 34  C   A "C2'" 1 
ATOM   717  O  "O2'" . C   A 1 34 ? -1.030  -17.675 5.323  1.00 57.09  ? 34  C   A "O2'" 1 
ATOM   718  C  "C1'" . C   A 1 34 ? -2.975  -18.050 6.653  1.00 57.08  ? 34  C   A "C1'" 1 
ATOM   719  N  N1    . C   A 1 34 ? -4.323  -17.485 6.893  1.00 56.57  ? 34  C   A N1    1 
ATOM   720  C  C2    . C   A 1 34 ? -5.142  -17.166 5.804  1.00 53.43  ? 34  C   A C2    1 
ATOM   721  O  O2    . C   A 1 34 ? -4.711  -17.348 4.654  1.00 60.09  ? 34  C   A O2    1 
ATOM   722  N  N3    . C   A 1 34 ? -6.375  -16.659 6.017  1.00 51.98  ? 34  C   A N3    1 
ATOM   723  C  C4    . C   A 1 34 ? -6.805  -16.472 7.266  1.00 55.79  ? 34  C   A C4    1 
ATOM   724  N  N4    . C   A 1 34 ? -8.038  -15.975 7.435  1.00 52.59  ? 34  C   A N4    1 
ATOM   725  C  C5    . C   A 1 34 ? -5.994  -16.793 8.399  1.00 55.25  ? 34  C   A C5    1 
ATOM   726  C  C6    . C   A 1 34 ? -4.771  -17.294 8.176  1.00 57.56  ? 34  C   A C6    1 
ATOM   727  P  P     . U   A 1 35 ? 0.116   -14.392 7.264  1.00 61.74  ? 35  U   A P     1 
ATOM   728  O  OP1   . U   A 1 35 ? 1.549   -14.026 7.199  1.00 64.48  ? 35  U   A OP1   1 
ATOM   729  O  OP2   . U   A 1 35 ? -0.726  -13.870 8.371  1.00 62.98  ? 35  U   A OP2   1 
ATOM   730  O  "O5'" . U   A 1 35 ? -0.513  -13.948 5.866  1.00 63.75  ? 35  U   A "O5'" 1 
ATOM   731  C  "C5'" . U   A 1 35 ? 0.070   -14.374 4.643  1.00 60.43  ? 35  U   A "C5'" 1 
ATOM   732  C  "C4'" . U   A 1 35 ? -0.759  -13.974 3.447  1.00 61.94  ? 35  U   A "C4'" 1 
ATOM   733  O  "O4'" . U   A 1 35 ? -2.010  -14.722 3.422  1.00 62.79  ? 35  U   A "O4'" 1 
ATOM   734  C  "C3'" . U   A 1 35 ? -1.214  -12.530 3.407  1.00 61.57  ? 35  U   A "C3'" 1 
ATOM   735  O  "O3'" . U   A 1 35 ? -0.214  -11.629 2.998  1.00 62.88  ? 35  U   A "O3'" 1 
ATOM   736  C  "C2'" . U   A 1 35 ? -2.401  -12.591 2.462  1.00 61.27  ? 35  U   A "C2'" 1 
ATOM   737  O  "O2'" . U   A 1 35 ? -1.949  -12.717 1.126  1.00 64.42  ? 35  U   A "O2'" 1 
ATOM   738  C  "C1'" . U   A 1 35 ? -3.041  -13.910 2.891  1.00 57.64  ? 35  U   A "C1'" 1 
ATOM   739  N  N1    . U   A 1 35 ? -4.054  -13.700 3.953  1.00 58.98  ? 35  U   A N1    1 
ATOM   740  C  C2    . U   A 1 35 ? -5.342  -13.331 3.589  1.00 56.34  ? 35  U   A C2    1 
ATOM   741  O  O2    . U   A 1 35 ? -5.689  -13.173 2.436  1.00 54.00  ? 35  U   A O2    1 
ATOM   742  N  N3    . U   A 1 35 ? -6.216  -13.152 4.637  1.00 56.36  ? 35  U   A N3    1 
ATOM   743  C  C4    . U   A 1 35 ? -5.952  -13.292 5.987  1.00 56.23  ? 35  U   A C4    1 
ATOM   744  O  O4    . U   A 1 35 ? -6.854  -13.107 6.806  1.00 55.30  ? 35  U   A O4    1 
ATOM   745  C  C5    . U   A 1 35 ? -4.603  -13.660 6.286  1.00 54.61  ? 35  U   A C5    1 
ATOM   746  C  C6    . U   A 1 35 ? -3.727  -13.849 5.286  1.00 57.08  ? 35  U   A C6    1 
ATOM   747  P  P     . G   A 1 36 ? -0.205  -10.158 3.638  1.00 65.30  ? 36  G   A P     1 
ATOM   748  O  OP1   . G   A 1 36 ? 1.112   -9.538  3.324  1.00 62.00  ? 36  G   A OP1   1 
ATOM   749  O  OP2   . G   A 1 36 ? -0.655  -10.288 5.046  1.00 60.48  ? 36  G   A OP2   1 
ATOM   750  O  "O5'" . G   A 1 36 ? -1.374  -9.398  2.856  1.00 64.34  ? 36  G   A "O5'" 1 
ATOM   751  C  "C5'" . G   A 1 36 ? -1.373  -9.336  1.439  1.00 60.86  ? 36  G   A "C5'" 1 
ATOM   752  C  "C4'" . G   A 1 36 ? -2.700  -8.882  0.885  1.00 64.09  ? 36  G   A "C4'" 1 
ATOM   753  O  "O4'" . G   A 1 36 ? -3.739  -9.857  1.183  1.00 65.91  ? 36  G   A "O4'" 1 
ATOM   754  C  "C3'" . G   A 1 36 ? -3.273  -7.581  1.427  1.00 63.70  ? 36  G   A "C3'" 1 
ATOM   755  O  "O3'" . G   A 1 36 ? -2.660  -6.417  0.900  1.00 63.35  ? 36  G   A "O3'" 1 
ATOM   756  C  "C2'" . G   A 1 36 ? -4.740  -7.707  1.047  1.00 62.53  ? 36  G   A "C2'" 1 
ATOM   757  O  "O2'" . G   A 1 36 ? -4.902  -7.471  -0.337 1.00 66.70  ? 36  G   A "O2'" 1 
ATOM   758  C  "C1'" . G   A 1 36 ? -4.988  -9.194  1.308  1.00 62.70  ? 36  G   A "C1'" 1 
ATOM   759  N  N9    . G   A 1 36 ? -5.532  -9.413  2.668  1.00 59.46  ? 36  G   A N9    1 
ATOM   760  C  C8    . G   A 1 36 ? -4.861  -9.878  3.777  1.00 59.92  ? 36  G   A C8    1 
ATOM   761  N  N7    . G   A 1 36 ? -5.611  -9.944  4.852  1.00 59.64  ? 36  G   A N7    1 
ATOM   762  C  C5    . G   A 1 36 ? -6.860  -9.488  4.430  1.00 59.97  ? 36  G   A C5    1 
ATOM   763  C  C6    . G   A 1 36 ? -8.082  -9.338  5.148  1.00 55.69  ? 36  G   A C6    1 
ATOM   764  O  O6    . G   A 1 36 ? -8.323  -9.585  6.336  1.00 56.11  ? 36  G   A O6    1 
ATOM   765  N  N1    . G   A 1 36 ? -9.097  -8.843  4.343  1.00 57.04  ? 36  G   A N1    1 
ATOM   766  C  C2    . G   A 1 36 ? -8.966  -8.532  3.017  1.00 58.43  ? 36  G   A C2    1 
ATOM   767  N  N2    . G   A 1 36 ? -10.072 -8.072  2.420  1.00 59.89  ? 36  G   A N2    1 
ATOM   768  N  N3    . G   A 1 36 ? -7.838  -8.669  2.331  1.00 62.86  ? 36  G   A N3    1 
ATOM   769  C  C4    . G   A 1 36 ? -6.826  -9.151  3.089  1.00 59.66  ? 36  G   A C4    1 
ATOM   770  P  P     . G   A 1 37 ? -2.580  -5.071  1.786  1.00 71.24  ? 37  G   A P     1 
ATOM   771  O  OP1   . G   A 1 37 ? -1.506  -4.239  1.185  1.00 75.97  ? 37  G   A OP1   1 
ATOM   772  O  OP2   . G   A 1 37 ? -2.502  -5.430  3.222  1.00 60.88  ? 37  G   A OP2   1 
ATOM   773  O  "O5'" . G   A 1 37 ? -4.000  -4.362  1.596  1.00 69.76  ? 37  G   A "O5'" 1 
ATOM   774  C  "C5'" . G   A 1 37 ? -4.645  -4.295  0.333  1.00 61.58  ? 37  G   A "C5'" 1 
ATOM   775  C  "C4'" . G   A 1 37 ? -6.099  -3.911  0.475  1.00 63.88  ? 37  G   A "C4'" 1 
ATOM   776  O  "O4'" . G   A 1 37 ? -6.884  -5.031  0.965  1.00 65.57  ? 37  G   A "O4'" 1 
ATOM   777  C  "C3'" . G   A 1 37 ? -6.409  -2.800  1.463  1.00 67.35  ? 37  G   A "C3'" 1 
ATOM   778  O  "O3'" . G   A 1 37 ? -6.133  -1.517  0.946  1.00 70.08  ? 37  G   A "O3'" 1 
ATOM   779  C  "C2'" . G   A 1 37 ? -7.888  -3.027  1.756  1.00 63.24  ? 37  G   A "C2'" 1 
ATOM   780  O  "O2'" . G   A 1 37 ? -8.694  -2.517  0.704  1.00 62.04  ? 37  G   A "O2'" 1 
ATOM   781  C  "C1'" . G   A 1 37 ? -7.964  -4.554  1.744  1.00 58.91  ? 37  G   A "C1'" 1 
ATOM   782  N  N9    . G   A 1 37 ? -7.846  -5.099  3.104  1.00 58.94  ? 37  G   A N9    1 
ATOM   783  C  C8    . G   A 1 37 ? -6.742  -5.654  3.713  1.00 58.67  ? 37  G   A C8    1 
ATOM   784  N  N7    . G   A 1 37 ? -6.980  -6.021  4.950  1.00 58.66  ? 37  G   A N7    1 
ATOM   785  C  C5    . G   A 1 37 ? -8.316  -5.676  5.168  1.00 54.05  ? 37  G   A C5    1 
ATOM   786  C  C6    . G   A 1 37 ? -9.155  -5.829  6.309  1.00 54.33  ? 37  G   A C6    1 
ATOM   787  O  O6    . G   A 1 37 ? -8.885  -6.316  7.408  1.00 51.29  ? 37  G   A O6    1 
ATOM   788  N  N1    . G   A 1 37 ? -10.442 -5.341  6.090  1.00 55.96  ? 37  G   A N1    1 
ATOM   789  C  C2    . G   A 1 37 ? -10.882 -4.779  4.912  1.00 57.59  ? 37  G   A C2    1 
ATOM   790  N  N2    . G   A 1 37 ? -12.162 -4.358  4.879  1.00 51.97  ? 37  G   A N2    1 
ATOM   791  N  N3    . G   A 1 37 ? -10.111 -4.638  3.839  1.00 58.87  ? 37  G   A N3    1 
ATOM   792  C  C4    . G   A 1 37 ? -8.857  -5.103  4.038  1.00 56.99  ? 37  G   A C4    1 
ATOM   793  P  P     . G   A 1 38 ? -5.706  -0.335  1.930  1.00 63.87  ? 38  G   A P     1 
ATOM   794  O  OP1   . G   A 1 38 ? -5.204  0.754   1.055  1.00 70.85  ? 38  G   A OP1   1 
ATOM   795  O  OP2   . G   A 1 38 ? -4.838  -0.885  2.992  1.00 67.20  ? 38  G   A OP2   1 
ATOM   796  O  "O5'" . G   A 1 38 ? -7.077  0.106   2.618  1.00 66.91  ? 38  G   A "O5'" 1 
ATOM   797  C  "C5'" . G   A 1 38 ? -8.198  0.504   1.838  1.00 64.89  ? 38  G   A "C5'" 1 
ATOM   798  C  "C4'" . G   A 1 38 ? -9.436  0.719   2.683  1.00 60.12  ? 38  G   A "C4'" 1 
ATOM   799  O  "O4'" . G   A 1 38 ? -9.953  -0.556  3.141  1.00 57.30  ? 38  G   A "O4'" 1 
ATOM   800  C  "C3'" . G   A 1 38 ? -9.262  1.525   3.962  1.00 61.01  ? 38  G   A "C3'" 1 
ATOM   801  O  "O3'" . G   A 1 38 ? -9.252  2.918   3.738  1.00 63.21  ? 38  G   A "O3'" 1 
ATOM   802  C  "C2'" . G   A 1 38 ? -10.446 1.069   4.803  1.00 61.20  ? 38  G   A "C2'" 1 
ATOM   803  O  "O2'" . G   A 1 38 ? -11.641 1.712   4.383  1.00 63.98  ? 38  G   A "O2'" 1 
ATOM   804  C  "C1'" . G   A 1 38 ? -10.531 -0.410  4.425  1.00 58.71  ? 38  G   A "C1'" 1 
ATOM   805  N  N9    . G   A 1 38 ? -9.783  -1.247  5.386  1.00 57.15  ? 38  G   A N9    1 
ATOM   806  C  C8    . G   A 1 38 ? -8.531  -1.780  5.200  1.00 54.33  ? 38  G   A C8    1 
ATOM   807  N  N7    . G   A 1 38 ? -8.124  -2.465  6.221  1.00 53.77  ? 38  G   A N7    1 
ATOM   808  C  C5    . G   A 1 38 ? -9.156  -2.369  7.145  1.00 51.75  ? 38  G   A C5    1 
ATOM   809  C  C6    . G   A 1 38 ? -9.273  -2.915  8.447  1.00 51.67  ? 38  G   A C6    1 
ATOM   810  O  O6    . G   A 1 38 ? -8.447  -3.603  9.057  1.00 52.22  ? 38  G   A O6    1 
ATOM   811  N  N1    . G   A 1 38 ? -10.484 -2.599  9.051  1.00 48.68  ? 38  G   A N1    1 
ATOM   812  C  C2    . G   A 1 38 ? -11.459 -1.829  8.470  1.00 55.02  ? 38  G   A C2    1 
ATOM   813  N  N2    . G   A 1 38 ? -12.561 -1.605  9.213  1.00 50.44  ? 38  G   A N2    1 
ATOM   814  N  N3    . G   A 1 38 ? -11.359 -1.315  7.249  1.00 55.19  ? 38  G   A N3    1 
ATOM   815  C  C4    . G   A 1 38 ? -10.189 -1.619  6.650  1.00 52.29  ? 38  G   A C4    1 
ATOM   816  P  P     . A   A 1 39 ? -8.478  3.895   4.748  1.00 68.73  ? 39  A   A P     1 
ATOM   817  O  OP1   . A   A 1 39 ? -8.500  5.244   4.125  1.00 66.08  ? 39  A   A OP1   1 
ATOM   818  O  OP2   . A   A 1 39 ? -7.201  3.256   5.153  1.00 67.21  ? 39  A   A OP2   1 
ATOM   819  O  "O5'" . A   A 1 39 ? -9.374  3.909   6.066  1.00 63.50  ? 39  A   A "O5'" 1 
ATOM   820  C  "C5'" . A   A 1 39 ? -10.685 4.443   6.071  1.00 60.81  ? 39  A   A "C5'" 1 
ATOM   821  C  "C4'" . A   A 1 39 ? -11.361 4.141   7.378  1.00 57.86  ? 39  A   A "C4'" 1 
ATOM   822  O  "O4'" . A   A 1 39 ? -11.447 2.699   7.543  1.00 59.07  ? 39  A   A "O4'" 1 
ATOM   823  C  "C3'" . A   A 1 39 ? -10.604 4.603   8.610  1.00 60.42  ? 39  A   A "C3'" 1 
ATOM   824  O  "O3'" . A   A 1 39 ? -10.790 5.973   8.907  1.00 60.22  ? 39  A   A "O3'" 1 
ATOM   825  C  "C2'" . A   A 1 39 ? -11.119 3.663   9.689  1.00 59.14  ? 39  A   A "C2'" 1 
ATOM   826  O  "O2'" . A   A 1 39 ? -12.407 4.066   10.120 1.00 60.48  ? 39  A   A "O2'" 1 
ATOM   827  C  "C1'" . A   A 1 39 ? -11.254 2.357   8.904  1.00 58.00  ? 39  A   A "C1'" 1 
ATOM   828  N  N9    . A   A 1 39 ? -10.040 1.512   9.033  1.00 55.37  ? 39  A   A N9    1 
ATOM   829  C  C8    . A   A 1 39 ? -8.951  1.399   8.192  1.00 55.78  ? 39  A   A C8    1 
ATOM   830  N  N7    . A   A 1 39 ? -8.020  0.562   8.610  1.00 52.33  ? 39  A   A N7    1 
ATOM   831  C  C5    . A   A 1 39 ? -8.522  0.093   9.815  1.00 53.09  ? 39  A   A C5    1 
ATOM   832  C  C6    . A   A 1 39 ? -8.025  -0.821  10.766 1.00 46.64  ? 39  A   A C6    1 
ATOM   833  N  N6    . A   A 1 39 ? -6.871  -1.471  10.664 1.00 46.70  ? 39  A   A N6    1 
ATOM   834  N  N1    . A   A 1 39 ? -8.775  -1.060  11.854 1.00 51.47  ? 39  A   A N1    1 
ATOM   835  C  C2    . A   A 1 39 ? -9.947  -0.423  11.991 1.00 50.73  ? 39  A   A C2    1 
ATOM   836  N  N3    . A   A 1 39 ? -10.520 0.452   11.169 1.00 51.84  ? 39  A   A N3    1 
ATOM   837  C  C4    . A   A 1 39 ? -9.757  0.669   10.086 1.00 53.38  ? 39  A   A C4    1 
ATOM   838  P  P     . C   A 1 40 ? -9.569  6.834   9.505  1.00 61.93  ? 40  C   A P     1 
ATOM   839  O  OP1   . C   A 1 40 ? -9.955  8.260   9.446  1.00 64.40  ? 40  C   A OP1   1 
ATOM   840  O  OP2   . C   A 1 40 ? -8.306  6.412   8.835  1.00 61.90  ? 40  C   A OP2   1 
ATOM   841  O  "O5'" . C   A 1 40 ? -9.499  6.402   11.039 1.00 57.95  ? 40  C   A "O5'" 1 
ATOM   842  C  "C5'" . C   A 1 40 ? -10.623 6.571   11.887 1.00 56.29  ? 40  C   A "C5'" 1 
ATOM   843  C  "C4'" . C   A 1 40 ? -10.509 5.743   13.138 1.00 54.26  ? 40  C   A "C4'" 1 
ATOM   844  O  "O4'" . C   A 1 40 ? -10.434 4.333   12.799 1.00 55.33  ? 40  C   A "O4'" 1 
ATOM   845  C  "C3'" . C   A 1 40 ? -9.271  5.978   13.987 1.00 55.75  ? 40  C   A "C3'" 1 
ATOM   846  O  "O3'" . C   A 1 40 ? -9.382  7.125   14.807 1.00 59.35  ? 40  C   A "O3'" 1 
ATOM   847  C  "C2'" . C   A 1 40 ? -9.178  4.685   14.783 1.00 54.02  ? 40  C   A "C2'" 1 
ATOM   848  O  "O2'" . C   A 1 40 ? -10.118 4.689   15.850 1.00 55.65  ? 40  C   A "O2'" 1 
ATOM   849  C  "C1'" . C   A 1 40 ? -9.627  3.659   13.743 1.00 53.55  ? 40  C   A "C1'" 1 
ATOM   850  N  N1    . C   A 1 40 ? -8.469  3.050   13.044 1.00 49.48  ? 40  C   A N1    1 
ATOM   851  C  C2    . C   A 1 40 ? -7.758  2.033   13.697 1.00 49.59  ? 40  C   A C2    1 
ATOM   852  O  O2    . C   A 1 40 ? -8.114  1.671   14.830 1.00 49.20  ? 40  C   A O2    1 
ATOM   853  N  N3    . C   A 1 40 ? -6.693  1.462   13.094 1.00 45.86  ? 40  C   A N3    1 
ATOM   854  C  C4    . C   A 1 40 ? -6.320  1.866   11.891 1.00 46.25  ? 40  C   A C4    1 
ATOM   855  N  N4    . C   A 1 40 ? -5.260  1.254   11.351 1.00 48.81  ? 40  C   A N4    1 
ATOM   856  C  C5    . C   A 1 40 ? -7.021  2.899   11.196 1.00 49.53  ? 40  C   A C5    1 
ATOM   857  C  C6    . C   A 1 40 ? -8.074  3.465   11.804 1.00 49.32  ? 40  C   A C6    1 
ATOM   858  P  P     . U   A 1 41 ? -8.130  8.106   15.018 1.00 57.88  ? 41  U   A P     1 
ATOM   859  O  OP1   . U   A 1 41 ? -8.660  9.291   15.749 1.00 61.74  ? 41  U   A OP1   1 
ATOM   860  O  OP2   . U   A 1 41 ? -7.381  8.277   13.744 1.00 56.09  ? 41  U   A OP2   1 
ATOM   861  O  "O5'" . U   A 1 41 ? -7.171  7.316   16.010 1.00 54.82  ? 41  U   A "O5'" 1 
ATOM   862  C  "C5'" . U   A 1 41 ? -7.548  7.088   17.353 1.00 53.54  ? 41  U   A "C5'" 1 
ATOM   863  C  "C4'" . U   A 1 41 ? -6.838  5.884   17.911 1.00 54.17  ? 41  U   A "C4'" 1 
ATOM   864  O  "O4'" . U   A 1 41 ? -7.026  4.749   17.023 1.00 53.75  ? 41  U   A "O4'" 1 
ATOM   865  C  "C3'" . U   A 1 41 ? -5.330  5.977   18.035 1.00 53.14  ? 41  U   A "C3'" 1 
ATOM   866  O  "O3'" . U   A 1 41 ? -4.902  6.745   19.145 1.00 55.48  ? 41  U   A "O3'" 1 
ATOM   867  C  "C2'" . U   A 1 41 ? -4.943  4.507   18.112 1.00 52.04  ? 41  U   A "C2'" 1 
ATOM   868  O  "O2'" . U   A 1 41 ? -5.309  3.961   19.367 1.00 47.50  ? 41  U   A "O2'" 1 
ATOM   869  C  "C1'" . U   A 1 41 ? -5.883  3.914   17.070 1.00 49.43  ? 41  U   A "C1'" 1 
ATOM   870  N  N1    . U   A 1 41 ? -5.241  3.870   15.735 1.00 50.21  ? 41  U   A N1    1 
ATOM   871  C  C2    . U   A 1 41 ? -4.292  2.885   15.533 1.00 49.43  ? 41  U   A C2    1 
ATOM   872  O  O2    . U   A 1 41 ? -3.993  2.063   16.393 1.00 51.44  ? 41  U   A O2    1 
ATOM   873  N  N3    . U   A 1 41 ? -3.701  2.896   14.295 1.00 44.60  ? 41  U   A N3    1 
ATOM   874  C  C4    . U   A 1 41 ? -3.948  3.772   13.257 1.00 47.41  ? 41  U   A C4    1 
ATOM   875  O  O4    . U   A 1 41 ? -3.337  3.649   12.189 1.00 47.06  ? 41  U   A O4    1 
ATOM   876  C  C5    . U   A 1 41 ? -4.937  4.762   13.543 1.00 46.45  ? 41  U   A C5    1 
ATOM   877  C  C6    . U   A 1 41 ? -5.532  4.775   14.739 1.00 49.12  ? 41  U   A C6    1 
ATOM   878  P  P     . A   A 1 42 ? -3.494  7.530   19.105 1.00 62.02  ? 42  A   A P     1 
ATOM   879  O  OP1   . A   A 1 42 ? -3.313  8.150   20.444 1.00 66.09  ? 42  A   A OP1   1 
ATOM   880  O  OP2   . A   A 1 42 ? -3.404  8.378   17.882 1.00 59.37  ? 42  A   A OP2   1 
ATOM   881  O  "O5'" . A   A 1 42 ? -2.414  6.373   18.973 1.00 53.60  ? 42  A   A "O5'" 1 
ATOM   882  C  "C5'" . A   A 1 42 ? -2.221  5.456   20.031 1.00 52.16  ? 42  A   A "C5'" 1 
ATOM   883  C  "C4'" . A   A 1 42 ? -1.291  4.350   19.623 1.00 51.54  ? 42  A   A "C4'" 1 
ATOM   884  O  "O4'" . A   A 1 42 ? -1.781  3.710   18.417 1.00 49.27  ? 42  A   A "O4'" 1 
ATOM   885  C  "C3'" . A   A 1 42 ? 0.116   4.767   19.247 1.00 48.06  ? 42  A   A "C3'" 1 
ATOM   886  O  "O3'" . A   A 1 42 ? 0.911   5.057   20.385 1.00 51.48  ? 42  A   A "O3'" 1 
ATOM   887  C  "C2'" . A   A 1 42 ? 0.581   3.568   18.422 1.00 47.48  ? 42  A   A "C2'" 1 
ATOM   888  O  "O2'" . A   A 1 42 ? 0.849   2.452   19.259 1.00 43.78  ? 42  A   A "O2'" 1 
ATOM   889  C  "C1'" . A   A 1 42 ? -0.693  3.232   17.657 1.00 46.20  ? 42  A   A "C1'" 1 
ATOM   890  N  N9    . A   A 1 42 ? -0.746  3.820   16.303 1.00 45.30  ? 42  A   A N9    1 
ATOM   891  C  C8    . A   A 1 42 ? -1.474  4.903   15.860 1.00 45.00  ? 42  A   A C8    1 
ATOM   892  N  N7    . A   A 1 42 ? -1.330  5.148   14.576 1.00 44.85  ? 42  A   A N7    1 
ATOM   893  C  C5    . A   A 1 42 ? -0.452  4.149   14.147 1.00 46.10  ? 42  A   A C5    1 
ATOM   894  C  C6    . A   A 1 42 ? 0.103   3.839   12.891 1.00 45.11  ? 42  A   A C6    1 
ATOM   895  N  N6    . A   A 1 42 ? -0.144  4.534   11.773 1.00 45.96  ? 42  A   A N6    1 
ATOM   896  N  N1    . A   A 1 42 ? 0.936   2.782   12.816 1.00 43.37  ? 42  A   A N1    1 
ATOM   897  C  C2    . A   A 1 42 ? 1.174   2.079   13.926 1.00 45.23  ? 42  A   A C2    1 
ATOM   898  N  N3    . A   A 1 42 ? 0.718   2.266   15.161 1.00 43.51  ? 42  A   A N3    1 
ATOM   899  C  C4    . A   A 1 42 ? -0.091  3.329   15.202 1.00 43.23  ? 42  A   A C4    1 
ATOM   900  P  P     . C   A 1 43 ? 1.970   6.275   20.378 1.00 53.10  ? 43  C   A P     1 
ATOM   901  O  OP1   . C   A 1 43 ? 2.327   6.535   21.797 1.00 49.40  ? 43  C   A OP1   1 
ATOM   902  O  OP2   . C   A 1 43 ? 1.460   7.384   19.531 1.00 43.55  ? 43  C   A OP2   1 
ATOM   903  O  "O5'" . C   A 1 43 ? 3.253   5.613   19.703 1.00 48.69  ? 43  C   A "O5'" 1 
ATOM   904  C  "C5'" . C   A 1 43 ? 3.819   4.436   20.252 1.00 43.45  ? 43  C   A "C5'" 1 
ATOM   905  C  "C4'" . C   A 1 43 ? 4.606   3.668   19.223 1.00 48.37  ? 43  C   A "C4'" 1 
ATOM   906  O  "O4'" . C   A 1 43 ? 3.717   3.243   18.160 1.00 49.00  ? 43  C   A "O4'" 1 
ATOM   907  C  "C3'" . C   A 1 43 ? 5.685   4.441   18.485 1.00 46.13  ? 43  C   A "C3'" 1 
ATOM   908  O  "O3'" . C   A 1 43 ? 6.873   4.595   19.219 1.00 48.00  ? 43  C   A "O3'" 1 
ATOM   909  C  "C2'" . C   A 1 43 ? 5.857   3.621   17.222 1.00 47.83  ? 43  C   A "C2'" 1 
ATOM   910  O  "O2'" . C   A 1 43 ? 6.555   2.421   17.507 1.00 45.79  ? 43  C   A "O2'" 1 
ATOM   911  C  "C1'" . C   A 1 43 ? 4.410   3.246   16.926 1.00 45.88  ? 43  C   A "C1'" 1 
ATOM   912  N  N1    . C   A 1 43 ? 3.754   4.203   16.008 1.00 43.84  ? 43  C   A N1    1 
ATOM   913  C  C2    . C   A 1 43 ? 4.000   4.067   14.639 1.00 42.17  ? 43  C   A C2    1 
ATOM   914  O  O2    . C   A 1 43 ? 4.767   3.177   14.259 1.00 45.51  ? 43  C   A O2    1 
ATOM   915  N  N3    . C   A 1 43 ? 3.427   4.907   13.759 1.00 42.23  ? 43  C   A N3    1 
ATOM   916  C  C4    . C   A 1 43 ? 2.612   5.860   14.218 1.00 44.59  ? 43  C   A C4    1 
ATOM   917  N  N4    . C   A 1 43 ? 2.056   6.667   13.313 1.00 43.09  ? 43  C   A N4    1 
ATOM   918  C  C5    . C   A 1 43 ? 2.330   6.031   15.611 1.00 43.55  ? 43  C   A C5    1 
ATOM   919  C  C6    . C   A 1 43 ? 2.924   5.192   16.471 1.00 44.05  ? 43  C   A C6    1 
ATOM   920  P  P     . G   A 1 44 ? 7.670   5.989   19.161 1.00 54.71  ? 44  G   A P     1 
ATOM   921  O  OP1   . G   A 1 44 ? 8.686   5.871   20.230 1.00 54.53  ? 44  G   A OP1   1 
ATOM   922  O  OP2   . G   A 1 44 ? 6.711   7.129   19.113 1.00 51.08  ? 44  G   A OP2   1 
ATOM   923  O  "O5'" . G   A 1 44 ? 8.439   5.960   17.766 1.00 51.25  ? 44  G   A "O5'" 1 
ATOM   924  C  "C5'" . G   A 1 44 ? 9.489   5.036   17.563 1.00 50.10  ? 44  G   A "C5'" 1 
ATOM   925  C  "C4'" . G   A 1 44 ? 9.903   4.976   16.121 1.00 50.88  ? 44  G   A "C4'" 1 
ATOM   926  O  "O4'" . G   A 1 44 ? 8.789   4.567   15.289 1.00 52.32  ? 44  G   A "O4'" 1 
ATOM   927  C  "C3'" . G   A 1 44 ? 10.349  6.284   15.504 1.00 51.98  ? 44  G   A "C3'" 1 
ATOM   928  O  "O3'" . G   A 1 44 ? 11.668  6.633   15.882 1.00 49.03  ? 44  G   A "O3'" 1 
ATOM   929  C  "C2'" . G   A 1 44 ? 10.180  6.002   14.013 1.00 49.90  ? 44  G   A "C2'" 1 
ATOM   930  O  "O2'" . G   A 1 44 ? 11.223  5.160   13.535 1.00 48.96  ? 44  G   A "O2'" 1 
ATOM   931  C  "C1'" . G   A 1 44 ? 8.894   5.185   14.021 1.00 46.51  ? 44  G   A "C1'" 1 
ATOM   932  N  N9    . G   A 1 44 ? 7.702   6.022   13.801 1.00 44.93  ? 44  G   A N9    1 
ATOM   933  C  C8    . G   A 1 44 ? 6.727   6.355   14.709 1.00 46.69  ? 44  G   A C8    1 
ATOM   934  N  N7    . G   A 1 44 ? 5.785   7.102   14.184 1.00 44.75  ? 44  G   A N7    1 
ATOM   935  C  C5    . G   A 1 44 ? 6.171   7.270   12.867 1.00 42.31  ? 44  G   A C5    1 
ATOM   936  C  C6    . G   A 1 44 ? 5.545   7.976   11.811 1.00 45.95  ? 44  G   A C6    1 
ATOM   937  O  O6    . G   A 1 44 ? 4.484   8.608   11.841 1.00 45.25  ? 44  G   A O6    1 
ATOM   938  N  N1    . G   A 1 44 ? 6.266   7.879   10.621 1.00 46.67  ? 44  G   A N1    1 
ATOM   939  C  C2    . G   A 1 44 ? 7.447   7.187   10.474 1.00 49.23  ? 44  G   A C2    1 
ATOM   940  N  N2    . G   A 1 44 ? 8.012   7.211   9.251  1.00 47.04  ? 44  G   A N2    1 
ATOM   941  N  N3    . G   A 1 44 ? 8.035   6.518   11.461 1.00 49.23  ? 44  G   A N3    1 
ATOM   942  C  C4    . G   A 1 44 ? 7.346   6.607   12.615 1.00 44.03  ? 44  G   A C4    1 
ATOM   943  P  P     . G   A 1 45 ? 12.079  8.167   16.095 1.00 49.32  ? 45  G   A P     1 
ATOM   944  O  OP1   . G   A 1 45 ? 13.419  8.088   16.733 1.00 52.98  ? 45  G   A OP1   1 
ATOM   945  O  OP2   . G   A 1 45 ? 10.993  8.965   16.732 1.00 51.60  ? 45  G   A OP2   1 
ATOM   946  O  "O5'" . G   A 1 45 ? 12.183  8.746   14.617 1.00 48.97  ? 45  G   A "O5'" 1 
ATOM   947  C  "C5'" . G   A 1 45 ? 13.015  8.127   13.659 1.00 52.58  ? 45  G   A "C5'" 1 
ATOM   948  C  "C4'" . G   A 1 45 ? 12.813  8.704   12.281 1.00 49.76  ? 45  G   A "C4'" 1 
ATOM   949  O  "O4'" . G   A 1 45 ? 11.533  8.290   11.745 1.00 49.56  ? 45  G   A "O4'" 1 
ATOM   950  C  "C3'" . G   A 1 45 ? 12.787  10.218  12.157 1.00 44.59  ? 45  G   A "C3'" 1 
ATOM   951  O  "O3'" . G   A 1 45 ? 14.083  10.784  12.184 1.00 49.40  ? 45  G   A "O3'" 1 
ATOM   952  C  "C2'" . G   A 1 45 ? 12.096  10.409  10.818 1.00 44.08  ? 45  G   A "C2'" 1 
ATOM   953  O  "O2'" . G   A 1 45 ? 13.007  10.151  9.765  1.00 46.29  ? 45  G   A "O2'" 1 
ATOM   954  C  "C1'" . G   A 1 45 ? 11.065  9.272   10.840 1.00 50.70  ? 45  G   A "C1'" 1 
ATOM   955  N  N9    . G   A 1 45 ? 9.731   9.748   11.265 1.00 47.50  ? 45  G   A N9    1 
ATOM   956  C  C8    . G   A 1 45 ? 9.109   9.608   12.486 1.00 44.73  ? 45  G   A C8    1 
ATOM   957  N  N7    . G   A 1 45 ? 7.931   10.184  12.513 1.00 46.92  ? 45  G   A N7    1 
ATOM   958  C  C5    . G   A 1 45 ? 7.786   10.746  11.249 1.00 45.43  ? 45  G   A C5    1 
ATOM   959  C  C6    . G   A 1 45 ? 6.732   11.505  10.673 1.00 47.73  ? 45  G   A C6    1 
ATOM   960  O  O6    . G   A 1 45 ? 5.658   11.838  11.188 1.00 51.46  ? 45  G   A O6    1 
ATOM   961  N  N1    . G   A 1 45 ? 6.998   11.877  9.354  1.00 48.79  ? 45  G   A N1    1 
ATOM   962  C  C2    . G   A 1 45 ? 8.144   11.553  8.664  1.00 49.56  ? 45  G   A C2    1 
ATOM   963  N  N2    . G   A 1 45 ? 8.238   11.999  7.401  1.00 47.91  ? 45  G   A N2    1 
ATOM   964  N  N3    . G   A 1 45 ? 9.134   10.855  9.194  1.00 51.19  ? 45  G   A N3    1 
ATOM   965  C  C4    . G   A 1 45 ? 8.891   10.488  10.473 1.00 45.16  ? 45  G   A C4    1 
ATOM   966  P  P     . G   A 1 46 ? 14.387  12.188  12.925 1.00 51.76  ? 46  G   A P     1 
ATOM   967  O  OP1   . G   A 1 46 ? 15.806  12.499  12.587 1.00 60.18  ? 46  G   A OP1   1 
ATOM   968  O  OP2   . G   A 1 46 ? 13.983  12.121  14.348 1.00 47.59  ? 46  G   A OP2   1 
ATOM   969  O  "O5'" . G   A 1 46 ? 13.411  13.248  12.241 1.00 51.30  ? 46  G   A "O5'" 1 
ATOM   970  C  "C5'" . G   A 1 46 ? 13.628  13.733  10.923 1.00 51.97  ? 46  G   A "C5'" 1 
ATOM   971  C  "C4'" . G   A 1 46 ? 12.438  14.515  10.425 1.00 50.70  ? 46  G   A "C4'" 1 
ATOM   972  O  "O4'" . G   A 1 46 ? 11.251  13.681  10.472 1.00 56.82  ? 46  G   A "O4'" 1 
ATOM   973  C  "C3'" . G   A 1 46 ? 12.058  15.745  11.235 1.00 55.49  ? 46  G   A "C3'" 1 
ATOM   974  O  "O3'" . G   A 1 46 ? 12.843  16.878  10.908 1.00 58.73  ? 46  G   A "O3'" 1 
ATOM   975  C  "C2'" . G   A 1 46 ? 10.583  15.926  10.891 1.00 55.42  ? 46  G   A "C2'" 1 
ATOM   976  O  "O2'" . G   A 1 46 ? 10.439  16.585  9.643  1.00 55.09  ? 46  G   A "O2'" 1 
ATOM   977  C  "C1'" . G   A 1 46 ? 10.112  14.471  10.749 1.00 50.69  ? 46  G   A "C1'" 1 
ATOM   978  N  N9    . G   A 1 46 ? 9.472   13.990  11.995 1.00 49.67  ? 46  G   A N9    1 
ATOM   979  C  C8    . G   A 1 46 ? 10.059  13.362  13.065 1.00 49.74  ? 46  G   A C8    1 
ATOM   980  N  N7    . G   A 1 46 ? 9.230   13.101  14.038 1.00 47.69  ? 46  G   A N7    1 
ATOM   981  C  C5    . G   A 1 46 ? 8.012   13.595  13.588 1.00 46.64  ? 46  G   A C5    1 
ATOM   982  C  C6    . G   A 1 46 ? 6.724   13.605  14.207 1.00 48.14  ? 46  G   A C6    1 
ATOM   983  O  O6    . G   A 1 46 ? 6.399   13.155  15.324 1.00 44.94  ? 46  G   A O6    1 
ATOM   984  N  N1    . G   A 1 46 ? 5.757   14.200  13.389 1.00 42.17  ? 46  G   A N1    1 
ATOM   985  C  C2    . G   A 1 46 ? 5.998   14.718  12.140 1.00 47.61  ? 46  G   A C2    1 
ATOM   986  N  N2    . G   A 1 46 ? 4.946   15.253  11.498 1.00 47.17  ? 46  G   A N2    1 
ATOM   987  N  N3    . G   A 1 46 ? 7.193   14.726  11.563 1.00 50.60  ? 46  G   A N3    1 
ATOM   988  C  C4    . G   A 1 46 ? 8.147   14.150  12.336 1.00 49.98  ? 46  G   A C4    1 
ATOM   989  P  P     . A   A 1 47 ? 13.950  17.452  11.926 1.00 56.10  ? 47  A   A P     1 
ATOM   990  O  OP1   . A   A 1 47 ? 15.278  17.005  11.417 1.00 58.74  ? 47  A   A OP1   1 
ATOM   991  O  OP2   . A   A 1 47 ? 13.562  17.153  13.323 1.00 51.40  ? 47  A   A OP2   1 
ATOM   992  O  "O5'" . A   A 1 47 ? 13.864  19.024  11.706 1.00 55.82  ? 47  A   A "O5'" 1 
ATOM   993  C  "C5'" . A   A 1 47 ? 14.248  19.604  10.469 1.00 56.07  ? 47  A   A "C5'" 1 
ATOM   994  C  "C4'" . A   A 1 47 ? 13.271  20.666  10.042 1.00 54.41  ? 47  A   A "C4'" 1 
ATOM   995  O  "O4'" . A   A 1 47 ? 11.962  20.072  9.853  1.00 57.31  ? 47  A   A "O4'" 1 
ATOM   996  C  "C3'" . A   A 1 47 ? 13.024  21.776  11.049 1.00 59.37  ? 47  A   A "C3'" 1 
ATOM   997  O  "O3'" . A   A 1 47 ? 14.032  22.768  11.031 1.00 63.38  ? 47  A   A "O3'" 1 
ATOM   998  C  "C2'" . A   A 1 47 ? 11.646  22.286  10.647 1.00 55.05  ? 47  A   A "C2'" 1 
ATOM   999  O  "O2'" . A   A 1 47 ? 11.729  23.118  9.504  1.00 58.07  ? 47  A   A "O2'" 1 
ATOM   1000 C  "C1'" . A   A 1 47 ? 10.956  20.981  10.250 1.00 56.71  ? 47  A   A "C1'" 1 
ATOM   1001 N  N9    . A   A 1 47 ? 10.262  20.401  11.405 1.00 56.93  ? 47  A   A N9    1 
ATOM   1002 C  C8    . A   A 1 47 ? 10.632  19.299  12.136 1.00 57.14  ? 47  A   A C8    1 
ATOM   1003 N  N7    . A   A 1 47 ? 9.821   19.046  13.138 1.00 55.38  ? 47  A   A N7    1 
ATOM   1004 C  C5    . A   A 1 47 ? 8.868   20.062  13.064 1.00 53.85  ? 47  A   A C5    1 
ATOM   1005 C  C6    . A   A 1 47 ? 7.734   20.359  13.845 1.00 50.51  ? 47  A   A C6    1 
ATOM   1006 N  N6    . A   A 1 47 ? 7.342   19.638  14.899 1.00 51.03  ? 47  A   A N6    1 
ATOM   1007 N  N1    . A   A 1 47 ? 7.004   21.440  13.494 1.00 50.74  ? 47  A   A N1    1 
ATOM   1008 C  C2    . A   A 1 47 ? 7.389   22.161  12.426 1.00 53.28  ? 47  A   A C2    1 
ATOM   1009 N  N3    . A   A 1 47 ? 8.431   21.986  11.614 1.00 54.05  ? 47  A   A N3    1 
ATOM   1010 C  C4    . A   A 1 47 ? 9.132   20.906  11.997 1.00 55.52  ? 47  A   A C4    1 
ATOM   1011 P  P     . G   A 1 48 ? 14.565  23.410  12.404 1.00 61.88  ? 48  G   A P     1 
ATOM   1012 O  OP1   . G   A 1 48 ? 15.413  24.566  12.004 1.00 66.68  ? 48  G   A OP1   1 
ATOM   1013 O  OP2   . G   A 1 48 ? 15.140  22.363  13.283 1.00 64.34  ? 48  G   A OP2   1 
ATOM   1014 O  "O5'" . G   A 1 48 ? 13.247  23.953  13.105 1.00 55.05  ? 48  G   A "O5'" 1 
ATOM   1015 C  "C5'" . G   A 1 48 ? 12.601  25.102  12.603 1.00 55.77  ? 48  G   A "C5'" 1 
ATOM   1016 C  "C4'" . G   A 1 48 ? 11.308  25.336  13.320 1.00 54.15  ? 48  G   A "C4'" 1 
ATOM   1017 O  "O4'" . G   A 1 48 ? 10.502  24.143  13.241 1.00 53.78  ? 48  G   A "O4'" 1 
ATOM   1018 C  "C3'" . G   A 1 48 ? 11.420  25.606  14.807 1.00 56.39  ? 48  G   A "C3'" 1 
ATOM   1019 O  "O3'" . G   A 1 48 ? 11.732  26.954  15.083 1.00 59.75  ? 48  G   A "O3'" 1 
ATOM   1020 C  "C2'" . G   A 1 48 ? 10.050  25.198  15.319 1.00 53.34  ? 48  G   A "C2'" 1 
ATOM   1021 O  "O2'" . G   A 1 48 ? 9.109   26.229  15.058 1.00 55.20  ? 48  G   A "O2'" 1 
ATOM   1022 C  "C1'" . G   A 1 48 ? 9.739   24.003  14.416 1.00 52.90  ? 48  G   A "C1'" 1 
ATOM   1023 N  N9    . G   A 1 48 ? 10.113  22.731  15.044 1.00 49.78  ? 48  G   A N9    1 
ATOM   1024 C  C8    . G   A 1 48 ? 11.180  21.920  14.726 1.00 55.32  ? 48  G   A C8    1 
ATOM   1025 N  N7    . G   A 1 48 ? 11.237  20.847  15.476 1.00 54.84  ? 48  G   A N7    1 
ATOM   1026 C  C5    . G   A 1 48 ? 10.144  20.968  16.327 1.00 51.89  ? 48  G   A C5    1 
ATOM   1027 C  C6    . G   A 1 48 ? 9.676   20.125  17.367 1.00 51.77  ? 48  G   A C6    1 
ATOM   1028 O  O6    . G   A 1 48 ? 10.158  19.053  17.757 1.00 51.29  ? 48  G   A O6    1 
ATOM   1029 N  N1    . G   A 1 48 ? 8.526   20.639  17.969 1.00 50.79  ? 48  G   A N1    1 
ATOM   1030 C  C2    . G   A 1 48 ? 7.898   21.817  17.619 1.00 51.43  ? 48  G   A C2    1 
ATOM   1031 N  N2    . G   A 1 48 ? 6.805   22.176  18.312 1.00 49.13  ? 48  G   A N2    1 
ATOM   1032 N  N3    . G   A 1 48 ? 8.336   22.608  16.661 1.00 53.02  ? 48  G   A N3    1 
ATOM   1033 C  C4    . G   A 1 48 ? 9.444   22.124  16.065 1.00 50.71  ? 48  G   A C4    1 
ATOM   1034 P  P     . C   A 1 49 ? 12.614  27.332  16.369 1.00 53.42  ? 49  C   A P     1 
ATOM   1035 O  OP1   . C   A 1 49 ? 12.724  28.817  16.380 1.00 58.91  ? 49  C   A OP1   1 
ATOM   1036 O  OP2   . C   A 1 49 ? 13.808  26.450  16.400 1.00 55.33  ? 49  C   A OP2   1 
ATOM   1037 O  "O5'" . C   A 1 49 ? 11.672  26.985  17.596 1.00 54.33  ? 49  C   A "O5'" 1 
ATOM   1038 C  "C5'" . C   A 1 49 ? 10.537  27.787  17.874 1.00 56.91  ? 49  C   A "C5'" 1 
ATOM   1039 C  "C4'" . C   A 1 49 ? 9.683   27.150  18.933 1.00 57.75  ? 49  C   A "C4'" 1 
ATOM   1040 O  "O4'" . C   A 1 49 ? 9.266   25.831  18.482 1.00 55.05  ? 49  C   A "O4'" 1 
ATOM   1041 C  "C3'" . C   A 1 49 ? 10.382  26.869  20.248 1.00 55.98  ? 49  C   A "C3'" 1 
ATOM   1042 O  "O3'" . C   A 1 49 ? 10.523  28.000  21.084 1.00 58.79  ? 49  C   A "O3'" 1 
ATOM   1043 C  "C2'" . C   A 1 49 ? 9.523   25.758  20.833 1.00 52.65  ? 49  C   A "C2'" 1 
ATOM   1044 O  "O2'" . C   A 1 49 ? 8.294   26.277  21.319 1.00 57.55  ? 49  C   A "O2'" 1 
ATOM   1045 C  "C1'" . C   A 1 49 ? 9.222   24.947  19.581 1.00 53.18  ? 49  C   A "C1'" 1 
ATOM   1046 N  N1    . C   A 1 49 ? 10.225  23.887  19.366 1.00 51.42  ? 49  C   A N1    1 
ATOM   1047 C  C2    . C   A 1 49 ? 10.092  22.718  20.114 1.00 51.77  ? 49  C   A C2    1 
ATOM   1048 O  O2    . C   A 1 49 ? 9.163   22.609  20.936 1.00 55.36  ? 49  C   A O2    1 
ATOM   1049 N  N3    . C   A 1 49 ? 10.989  21.735  19.933 1.00 50.93  ? 49  C   A N3    1 
ATOM   1050 C  C4    . C   A 1 49 ? 11.972  21.881  19.061 1.00 48.81  ? 49  C   A C4    1 
ATOM   1051 N  N4    . C   A 1 49 ? 12.811  20.857  18.946 1.00 50.78  ? 49  C   A N4    1 
ATOM   1052 C  C5    . C   A 1 49 ? 12.133  23.057  18.283 1.00 50.39  ? 49  C   A C5    1 
ATOM   1053 C  C6    . C   A 1 49 ? 11.241  24.033  18.468 1.00 50.85  ? 49  C   A C6    1 
ATOM   1054 P  P     . G   A 1 50 ? 11.826  28.126  22.017 1.00 54.29  ? 50  G   A P     1 
ATOM   1055 O  OP1   . G   A 1 50 ? 11.867  29.531  22.486 1.00 60.70  ? 50  G   A OP1   1 
ATOM   1056 O  OP2   . G   A 1 50 ? 12.989  27.531  21.310 1.00 52.57  ? 50  G   A OP2   1 
ATOM   1057 O  "O5'" . G   A 1 50 ? 11.510  27.164  23.244 1.00 55.75  ? 50  G   A "O5'" 1 
ATOM   1058 C  "C5'" . G   A 1 50 ? 10.409  27.413  24.100 1.00 51.55  ? 50  G   A "C5'" 1 
ATOM   1059 C  "C4'" . G   A 1 50 ? 10.201  26.272  25.063 1.00 51.63  ? 50  G   A "C4'" 1 
ATOM   1060 O  "O4'" . G   A 1 50 ? 9.983   25.037  24.333 1.00 53.61  ? 50  G   A "O4'" 1 
ATOM   1061 C  "C3'" . G   A 1 50 ? 11.362  25.931  25.971 1.00 51.95  ? 50  G   A "C3'" 1 
ATOM   1062 O  "O3'" . G   A 1 50 ? 11.537  26.838  27.037 1.00 54.77  ? 50  G   A "O3'" 1 
ATOM   1063 C  "C2'" . G   A 1 50 ? 11.027  24.511  26.394 1.00 49.80  ? 50  G   A "C2'" 1 
ATOM   1064 O  "O2'" . G   A 1 50 ? 9.972   24.503  27.344 1.00 53.26  ? 50  G   A "O2'" 1 
ATOM   1065 C  "C1'" . G   A 1 50 ? 10.475  23.947  25.090 1.00 55.45  ? 50  G   A "C1'" 1 
ATOM   1066 N  N9    . G   A 1 50 ? 11.510  23.248  24.306 1.00 51.78  ? 50  G   A N9    1 
ATOM   1067 C  C8    . G   A 1 50 ? 12.105  23.666  23.137 1.00 52.92  ? 50  G   A C8    1 
ATOM   1068 N  N7    . G   A 1 50 ? 12.986  22.813  22.681 1.00 52.70  ? 50  G   A N7    1 
ATOM   1069 C  C5    . G   A 1 50 ? 12.964  21.778  23.608 1.00 51.13  ? 50  G   A C5    1 
ATOM   1070 C  C6    . G   A 1 50 ? 13.704  20.573  23.644 1.00 51.13  ? 50  G   A C6    1 
ATOM   1071 O  O6    . G   A 1 50 ? 14.549  20.170  22.830 1.00 52.79  ? 50  G   A O6    1 
ATOM   1072 N  N1    . G   A 1 50 ? 13.373  19.814  24.762 1.00 52.25  ? 50  G   A N1    1 
ATOM   1073 C  C2    . G   A 1 50 ? 12.450  20.165  25.715 1.00 50.99  ? 50  G   A C2    1 
ATOM   1074 N  N2    . G   A 1 50 ? 12.271  19.296  26.711 1.00 53.06  ? 50  G   A N2    1 
ATOM   1075 N  N3    . G   A 1 50 ? 11.754  21.282  25.693 1.00 49.95  ? 50  G   A N3    1 
ATOM   1076 C  C4    . G   A 1 50 ? 12.058  22.031  24.613 1.00 50.40  ? 50  G   A C4    1 
ATOM   1077 P  P     . C   A 1 51 ? 13.029  27.224  27.506 1.00 55.30  ? 51  C   A P     1 
ATOM   1078 O  OP1   . C   A 1 51 ? 12.886  28.345  28.456 1.00 57.92  ? 51  C   A OP1   1 
ATOM   1079 O  OP2   . C   A 1 51 ? 13.958  27.342  26.350 1.00 49.91  ? 51  C   A OP2   1 
ATOM   1080 O  "O5'" . C   A 1 51 ? 13.504  25.935  28.305 1.00 55.45  ? 51  C   A "O5'" 1 
ATOM   1081 C  "C5'" . C   A 1 51 ? 12.739  25.426  29.391 1.00 54.05  ? 51  C   A "C5'" 1 
ATOM   1082 C  "C4'" . C   A 1 51 ? 13.213  24.053  29.794 1.00 53.93  ? 51  C   A "C4'" 1 
ATOM   1083 O  "O4'" . C   A 1 51 ? 12.961  23.109  28.717 1.00 53.17  ? 51  C   A "O4'" 1 
ATOM   1084 C  "C3'" . C   A 1 51 ? 14.703  23.921  30.043 1.00 49.92  ? 51  C   A "C3'" 1 
ATOM   1085 O  "O3'" . C   A 1 51 ? 15.109  24.428  31.305 1.00 57.29  ? 51  C   A "O3'" 1 
ATOM   1086 C  "C2'" . C   A 1 51 ? 14.934  22.428  29.833 1.00 50.81  ? 51  C   A "C2'" 1 
ATOM   1087 O  "O2'" . C   A 1 51 ? 14.452  21.662  30.929 1.00 51.35  ? 51  C   A "O2'" 1 
ATOM   1088 C  "C1'" . C   A 1 51 ? 14.007  22.158  28.657 1.00 52.50  ? 51  C   A "C1'" 1 
ATOM   1089 N  N1    . C   A 1 51 ? 14.713  22.305  27.365 1.00 52.77  ? 51  C   A N1    1 
ATOM   1090 C  C2    . C   A 1 51 ? 15.564  21.278  26.941 1.00 51.87  ? 51  C   A C2    1 
ATOM   1091 O  O2    . C   A 1 51 ? 15.721  20.277  27.659 1.00 48.60  ? 51  C   A O2    1 
ATOM   1092 N  N3    . C   A 1 51 ? 16.210  21.421  25.760 1.00 52.67  ? 51  C   A N3    1 
ATOM   1093 C  C4    . C   A 1 51 ? 16.047  22.521  25.018 1.00 51.31  ? 51  C   A C4    1 
ATOM   1094 N  N4    . C   A 1 51 ? 16.707  22.616  23.861 1.00 49.62  ? 51  C   A N4    1 
ATOM   1095 C  C5    . C   A 1 51 ? 15.185  23.572  25.429 1.00 47.11  ? 51  C   A C5    1 
ATOM   1096 C  C6    . C   A 1 51 ? 14.550  23.423  26.597 1.00 49.24  ? 51  C   A C6    1 
ATOM   1097 P  P     . C   A 1 52 ? 16.553  25.134  31.490 1.00 57.45  ? 52  C   A P     1 
ATOM   1098 O  OP1   . C   A 1 52 ? 16.516  25.682  32.864 1.00 59.98  ? 52  C   A OP1   1 
ATOM   1099 O  OP2   . C   A 1 52 ? 16.922  26.025  30.361 1.00 55.92  ? 52  C   A OP2   1 
ATOM   1100 O  "O5'" . C   A 1 52 ? 17.571  23.917  31.449 1.00 55.14  ? 52  C   A "O5'" 1 
ATOM   1101 C  "C5'" . C   A 1 52 ? 17.379  22.803  32.306 1.00 58.36  ? 52  C   A "C5'" 1 
ATOM   1102 C  "C4'" . C   A 1 52 ? 18.373  21.712  32.015 1.00 59.78  ? 52  C   A "C4'" 1 
ATOM   1103 O  "O4'" . C   A 1 52 ? 18.035  21.081  30.755 1.00 57.50  ? 52  C   A "O4'" 1 
ATOM   1104 C  "C3'" . C   A 1 52 ? 19.823  22.146  31.824 1.00 62.45  ? 52  C   A "C3'" 1 
ATOM   1105 O  "O3'" . C   A 1 52 ? 20.521  22.408  33.039 1.00 63.07  ? 52  C   A "O3'" 1 
ATOM   1106 C  "C2'" . C   A 1 52 ? 20.392  20.990  31.018 1.00 63.34  ? 52  C   A "C2'" 1 
ATOM   1107 O  "O2'" . C   A 1 52 ? 20.584  19.851  31.843 1.00 64.93  ? 52  C   A "O2'" 1 
ATOM   1108 C  "C1'" . C   A 1 52 ? 19.220  20.681  30.091 1.00 64.04  ? 52  C   A "C1'" 1 
ATOM   1109 N  N1    . C   A 1 52 ? 19.329  21.391  28.793 1.00 60.06  ? 52  C   A N1    1 
ATOM   1110 C  C2    . C   A 1 52 ? 20.123  20.787  27.810 1.00 61.66  ? 52  C   A C2    1 
ATOM   1111 O  O2    . C   A 1 52 ? 20.682  19.709  28.081 1.00 63.56  ? 52  C   A O2    1 
ATOM   1112 N  N3    . C   A 1 52 ? 20.252  21.377  26.598 1.00 56.28  ? 52  C   A N3    1 
ATOM   1113 C  C4    . C   A 1 52 ? 19.631  22.530  26.349 1.00 58.79  ? 52  C   A C4    1 
ATOM   1114 N  N4    . C   A 1 52 ? 19.794  23.074  25.134 1.00 57.01  ? 52  C   A N4    1 
ATOM   1115 C  C5    . C   A 1 52 ? 18.818  23.172  27.336 1.00 58.51  ? 52  C   A C5    1 
ATOM   1116 C  C6    . C   A 1 52 ? 18.690  22.576  28.533 1.00 55.84  ? 52  C   A C6    1 
ATOM   1117 P  P     . U   A 1 53 ? 21.688  23.522  33.083 1.00 62.00  ? 53  U   A P     1 
ATOM   1118 O  OP1   . U   A 1 53 ? 22.017  23.752  34.505 1.00 65.26  ? 53  U   A OP1   1 
ATOM   1119 O  OP2   . U   A 1 53 ? 21.311  24.678  32.233 1.00 65.10  ? 53  U   A OP2   1 
ATOM   1120 O  "O5'" . U   A 1 53 ? 22.930  22.820  32.357 1.00 67.43  ? 53  U   A "O5'" 1 
ATOM   1121 C  "C5'" . U   A 1 53 ? 23.439  21.572  32.828 1.00 62.64  ? 53  U   A "C5'" 1 
ATOM   1122 C  "C4'" . U   A 1 53 ? 24.325  20.867  31.817 1.00 68.08  ? 53  U   A "C4'" 1 
ATOM   1123 O  "O4'" . U   A 1 53 ? 23.720  20.926  30.494 1.00 68.09  ? 53  U   A "O4'" 1 
ATOM   1124 C  "C3'" . U   A 1 53 ? 25.753  21.407  31.670 1.00 68.48  ? 53  U   A "C3'" 1 
ATOM   1125 O  "O3'" . U   A 1 53 ? 26.667  20.323  31.506 1.00 71.80  ? 53  U   A "O3'" 1 
ATOM   1126 C  "C2'" . U   A 1 53 ? 25.697  22.201  30.371 1.00 70.62  ? 53  U   A "C2'" 1 
ATOM   1127 O  "O2'" . U   A 1 53 ? 26.933  22.278  29.692 1.00 74.73  ? 53  U   A "O2'" 1 
ATOM   1128 C  "C1'" . U   A 1 53 ? 24.656  21.424  29.560 1.00 67.19  ? 53  U   A "C1'" 1 
ATOM   1129 N  N1    . U   A 1 53 ? 23.946  22.276  28.590 1.00 66.70  ? 53  U   A N1    1 
ATOM   1130 C  C2    . U   A 1 53 ? 24.255  22.117  27.250 1.00 67.85  ? 53  U   A C2    1 
ATOM   1131 O  O2    . U   A 1 53 ? 25.051  21.286  26.857 1.00 68.61  ? 53  U   A O2    1 
ATOM   1132 N  N3    . U   A 1 53 ? 23.593  22.961  26.387 1.00 66.63  ? 53  U   A N3    1 
ATOM   1133 C  C4    . U   A 1 53 ? 22.678  23.940  26.727 1.00 65.55  ? 53  U   A C4    1 
ATOM   1134 O  O4    . U   A 1 53 ? 22.168  24.620  25.832 1.00 66.76  ? 53  U   A O4    1 
ATOM   1135 C  C5    . U   A 1 53 ? 22.413  24.049  28.132 1.00 62.29  ? 53  U   A C5    1 
ATOM   1136 C  C6    . U   A 1 53 ? 23.044  23.237  28.995 1.00 63.89  ? 53  U   A C6    1 
HETATM 1137 N  N3    . THG B 2 .  ? -0.862  -1.342  14.609 1.00 41.76  ? 101 THG A N3    1 
HETATM 1138 C  C2    . THG B 2 .  ? -1.506  -0.187  14.851 1.00 41.17  ? 101 THG A C2    1 
HETATM 1139 N  N1    . THG B 2 .  ? -1.848  0.683   13.876 1.00 43.37  ? 101 THG A N1    1 
HETATM 1140 C  C8A   . THG B 2 .  ? -1.572  0.424   12.578 1.00 44.00  ? 101 THG A C8A   1 
HETATM 1141 C  C4A   . THG B 2 .  ? -0.863  -0.822  12.243 1.00 39.43  ? 101 THG A C4A   1 
HETATM 1142 C  C4    . THG B 2 .  ? -0.532  -1.717  13.369 1.00 43.18  ? 101 THG A C4    1 
HETATM 1143 N  N8    . THG B 2 .  ? -1.912  1.283   11.585 1.00 48.04  ? 101 THG A N8    1 
HETATM 1144 C  C7    . THG B 2 .  ? -1.762  0.890   10.187 1.00 46.82  ? 101 THG A C7    1 
HETATM 1145 C  C6    . THG B 2 .  ? -0.511  0.040   10.021 1.00 45.29  ? 101 THG A C6    1 
HETATM 1146 N  N5    . THG B 2 .  ? -0.571  -1.086  10.950 1.00 45.63  ? 101 THG A N5    1 
HETATM 1147 C  C9    . THG B 2 .  ? -0.276  -0.378  8.563  1.00 52.99  ? 101 THG A C9    1 
HETATM 1148 N  N10   . THG B 2 .  ? -1.073  0.412   7.622  1.00 74.12  ? 101 THG A N10   1 
HETATM 1149 C  "C4'" . THG B 2 .  ? -1.148  0.160   6.273  1.00 89.49  ? 101 THG A "C4'" 1 
HETATM 1150 C  "C3'" . THG B 2 .  ? -1.955  -0.877  5.773  1.00 88.12  ? 101 THG A "C3'" 1 
HETATM 1151 C  "C2'" . THG B 2 .  ? -2.031  -1.127  4.401  1.00 89.13  ? 101 THG A "C2'" 1 
HETATM 1152 C  "C1'" . THG B 2 .  ? -1.310  -0.349  3.489  1.00 97.80  ? 101 THG A "C1'" 1 
HETATM 1153 C  "C6'" . THG B 2 .  ? -0.510  0.686   3.982  1.00 99.21  ? 101 THG A "C6'" 1 
HETATM 1154 C  "C5'" . THG B 2 .  ? -0.424  0.935   5.357  1.00 91.56  ? 101 THG A "C5'" 1 
HETATM 1155 C  C11   . THG B 2 .  ? -1.408  -0.633  1.997  1.00 102.33 ? 101 THG A C11   1 
HETATM 1156 N  N     . THG B 2 .  ? -0.971  0.257   1.077  1.00 115.53 ? 101 THG A N     1 
HETATM 1157 C  CA    . THG B 2 .  ? 0.000   0.000   0.000  1.00 122.28 ? 101 THG A CA    1 
HETATM 1158 C  C     . THG B 2 .  ? 0.570   1.289   -0.546 1.00 126.26 ? 101 THG A C     1 
HETATM 1159 O  OX2   . THG B 2 .  ? -0.219  2.215   -0.856 1.00 125.16 ? 101 THG A OX2   1 
HETATM 1160 O  OX1   . THG B 2 .  ? 1.813   1.390   -0.671 1.00 129.43 ? 101 THG A OX1   1 
HETATM 1161 C  CB    . THG B 2 .  ? -0.614  -0.800  -1.162 1.00 119.70 ? 101 THG A CB    1 
HETATM 1162 C  CG    . THG B 2 .  ? 0.310   -0.812  -2.386 1.00 121.13 ? 101 THG A CG    1 
HETATM 1163 C  CD    . THG B 2 .  ? -0.299  -1.531  -3.577 1.00 124.30 ? 101 THG A CD    1 
HETATM 1164 O  OE1   . THG B 2 .  ? -1.348  -2.203  -3.416 1.00 122.96 ? 101 THG A OE1   1 
HETATM 1165 O  OE2   . THG B 2 .  ? 0.279   -1.431  -4.689 1.00 111.08 ? 101 THG A OE2   1 
HETATM 1166 O  O11   . THG B 2 .  ? -1.920  -1.687  1.650  1.00 97.09  ? 101 THG A O11   1 
HETATM 1167 O  O4    . THG B 2 .  ? 0.051   -2.800  13.171 1.00 46.83  ? 101 THG A O4    1 
HETATM 1168 N  N2    . THG B 2 .  ? -1.813  0.134   16.125 1.00 41.95  ? 101 THG A N2    1 
HETATM 1169 N  N1    . SPM C 3 .  ? -10.276 -28.737 9.994  1.00 68.42  ? 102 SPM A N1    1 
HETATM 1170 C  C2    . SPM C 3 .  ? -11.302 -27.897 9.407  1.00 64.15  ? 102 SPM A C2    1 
HETATM 1171 C  C3    . SPM C 3 .  ? -11.219 -26.526 10.066 1.00 60.67  ? 102 SPM A C3    1 
HETATM 1172 C  C4    . SPM C 3 .  ? -12.457 -25.707 9.747  1.00 63.24  ? 102 SPM A C4    1 
HETATM 1173 N  N5    . SPM C 3 .  ? -12.399 -24.378 10.315 1.00 58.04  ? 102 SPM A N5    1 
HETATM 1174 C  C6    . SPM C 3 .  ? -12.027 -23.261 9.473  1.00 59.89  ? 102 SPM A C6    1 
HETATM 1175 C  C7    . SPM C 3 .  ? -12.016 -21.958 10.267 1.00 57.96  ? 102 SPM A C7    1 
HETATM 1176 C  C8    . SPM C 3 .  ? -10.921 -21.022 9.772  1.00 58.93  ? 102 SPM A C8    1 
HETATM 1177 C  C9    . SPM C 3 .  ? -11.322 -20.295 8.497  1.00 61.35  ? 102 SPM A C9    1 
HETATM 1178 N  N10   . SPM C 3 .  ? -11.763 -18.940 8.771  1.00 66.21  ? 102 SPM A N10   1 
HETATM 1179 C  C11   . SPM C 3 .  ? -11.066 -17.772 8.251  1.00 60.36  ? 102 SPM A C11   1 
HETATM 1180 C  C12   . SPM C 3 .  ? -11.797 -17.182 7.044  1.00 62.92  ? 102 SPM A C12   1 
HETATM 1181 C  C13   . SPM C 3 .  ? -11.949 -15.664 7.136  1.00 63.87  ? 102 SPM A C13   1 
HETATM 1182 N  N14   . SPM C 3 .  ? -12.242 -15.144 5.811  1.00 58.67  ? 102 SPM A N14   1 
HETATM 1183 MG MG    . MG  D 4 .  ? 28.112  21.008  30.620 1.00 68.38  ? 103 MG  A MG    1 
HETATM 1184 MG MG    . MG  E 4 .  ? 7.519   10.041  16.396 1.00 62.78  ? 104 MG  A MG    1 
HETATM 1185 MG MG    . MG  F 4 .  ? -5.173  -6.381  9.127  1.00 65.32  ? 105 MG  A MG    1 
HETATM 1186 O  O     . HOH G 5 .  ? -4.342  -15.001 18.985 1.00 56.82  ? 201 HOH A O     1 
HETATM 1187 O  O     . HOH G 5 .  ? 27.590  18.701  30.186 1.00 66.36  ? 202 HOH A O     1 
HETATM 1188 O  O     . HOH G 5 .  ? -6.067  -4.212  9.064  1.00 53.78  ? 203 HOH A O     1 
HETATM 1189 O  O     . HOH G 5 .  ? -4.950  -5.326  11.327 1.00 51.23  ? 204 HOH A O     1 
HETATM 1190 O  O     . HOH G 5 .  ? 14.773  23.410  20.740 1.00 46.43  ? 205 HOH A O     1 
HETATM 1191 O  O     . HOH G 5 .  ? 15.197  18.043  18.988 1.00 55.22  ? 206 HOH A O     1 
HETATM 1192 O  O     . HOH G 5 .  ? -5.355  -6.699  7.032  1.00 60.75  ? 207 HOH A O     1 
HETATM 1193 O  O     . HOH G 5 .  ? 8.938   11.395  16.148 1.00 56.02  ? 208 HOH A O     1 
HETATM 1194 O  O     . HOH G 5 .  ? 6.327   8.989   21.122 1.00 54.25  ? 209 HOH A O     1 
HETATM 1195 O  O     . HOH G 5 .  ? -6.209  -13.047 10.364 1.00 56.06  ? 210 HOH A O     1 
HETATM 1196 O  O     . HOH G 5 .  ? -0.712  8.511   17.000 1.00 55.89  ? 211 HOH A O     1 
HETATM 1197 O  O     . HOH G 5 .  ? -0.483  15.000  19.526 1.00 56.85  ? 212 HOH A O     1 
HETATM 1198 O  O     . HOH G 5 .  ? 4.348   11.714  16.840 1.00 54.65  ? 213 HOH A O     1 
HETATM 1199 O  O     . HOH G 5 .  ? 1.224   -9.336  18.737 1.00 57.69  ? 214 HOH A O     1 
HETATM 1200 O  O     . HOH G 5 .  ? 12.928  17.650  17.706 1.00 48.46  ? 215 HOH A O     1 
HETATM 1201 O  O     . HOH G 5 .  ? 4.219   9.418   15.367 1.00 57.96  ? 216 HOH A O     1 
HETATM 1202 O  O     . HOH G 5 .  ? 10.925  6.214   8.269  1.00 48.44  ? 217 HOH A O     1 
HETATM 1203 O  O     . HOH G 5 .  ? 28.320  22.589  26.231 1.00 63.02  ? 218 HOH A O     1 
HETATM 1204 O  O     . HOH G 5 .  ? 1.886   -10.955 17.621 1.00 57.83  ? 219 HOH A O     1 
HETATM 1205 O  O     . HOH G 5 .  ? -2.356  11.990  19.232 1.00 64.04  ? 220 HOH A O     1 
# 
